data_8YI9
#
_entry.id   8YI9
#
_cell.length_a   1.00
_cell.length_b   1.00
_cell.length_c   1.00
_cell.angle_alpha   90.00
_cell.angle_beta   90.00
_cell.angle_gamma   90.00
#
_symmetry.space_group_name_H-M   'P 1'
#
loop_
_entity.id
_entity.type
_entity.pdbx_description
1 polymer 'Isoform 2 of Ribose-phosphate pyrophosphokinase 2'
2 non-polymer 5-O-phosphono-beta-D-ribofuranose
3 non-polymer 'MAGNESIUM ION'
4 non-polymer "ADENOSINE-5'-DIPHOSPHATE"
#
_entity_poly.entity_id   1
_entity_poly.type   'polypeptide(L)'
_entity_poly.pdbx_seq_one_letter_code
;MPNIVLFSGSSHQDLSQRVADRLGLELGKVVTKKFSNQETSVEIGESVRGEDVYIIQSGCGEINDNLMELLIMINACKIA
SSSRVTAVIPCFPYARQDKKDKVGESRAPISAKLVANMLSVAGADHIITMDLHASQIQGFFDIPVDNLYAEPAVLQWIRE
NIAEWKNCIIVSPDAGGAKRVTSIADRLNVEFALIHKERKKANEVDRMVLVGDVKDRVAILVDDMADTCGTICHAADKLL
SAGATKVYAILTHGIFSGPAISRINNAAFEAVVVTNTIPQEDKMKHCTKIQVIDISMILAEAIRRTHNGESVSYLFSHVP
L
;
_entity_poly.pdbx_strand_id   A,B,C,D,E,F
#
loop_
_chem_comp.id
_chem_comp.type
_chem_comp.name
_chem_comp.formula
ADP non-polymer ADENOSINE-5'-DIPHOSPHATE 'C10 H15 N5 O10 P2'
MG non-polymer 'MAGNESIUM ION' 'Mg 2'
RP5 D-saccharide, beta linking 5-O-phosphono-beta-D-ribofuranose 'C5 H11 O8 P'
#
# COMPACT_ATOMS: atom_id res chain seq x y z
N PRO A 2 4.82 -30.19 0.70
CA PRO A 2 5.43 -28.86 0.75
C PRO A 2 6.47 -28.65 -0.35
N ASN A 3 6.68 -29.68 -1.17
CA ASN A 3 7.66 -29.59 -2.23
C ASN A 3 7.06 -28.96 -3.49
N ILE A 4 7.87 -28.92 -4.53
CA ILE A 4 7.57 -28.17 -5.75
C ILE A 4 6.33 -28.72 -6.43
N VAL A 5 5.39 -27.82 -6.76
CA VAL A 5 4.26 -28.14 -7.63
C VAL A 5 4.38 -27.26 -8.86
N LEU A 6 4.58 -27.88 -10.01
CA LEU A 6 4.87 -27.17 -11.25
C LEU A 6 3.62 -27.11 -12.12
N PHE A 7 3.32 -25.93 -12.65
CA PHE A 7 2.17 -25.71 -13.50
C PHE A 7 2.62 -25.15 -14.84
N SER A 8 1.82 -25.39 -15.87
CA SER A 8 2.15 -24.99 -17.22
C SER A 8 0.98 -24.23 -17.83
N GLY A 9 1.30 -23.27 -18.69
CA GLY A 9 0.30 -22.49 -19.38
C GLY A 9 -0.04 -23.06 -20.75
N SER A 10 -0.98 -22.39 -21.42
CA SER A 10 -1.41 -22.84 -22.73
C SER A 10 -0.28 -22.72 -23.76
N SER A 11 0.52 -21.67 -23.67
CA SER A 11 1.63 -21.48 -24.60
C SER A 11 2.84 -22.28 -24.12
N HIS A 12 3.58 -22.83 -25.09
CA HIS A 12 4.84 -23.49 -24.83
C HIS A 12 4.70 -24.68 -23.89
N GLN A 13 3.96 -25.70 -24.31
CA GLN A 13 3.83 -26.93 -23.53
C GLN A 13 5.11 -27.76 -23.55
N ASP A 14 5.85 -27.71 -24.67
CA ASP A 14 7.05 -28.53 -24.81
C ASP A 14 8.13 -28.15 -23.80
N LEU A 15 8.39 -26.85 -23.66
CA LEU A 15 9.40 -26.40 -22.70
C LEU A 15 8.98 -26.74 -21.28
N SER A 16 7.70 -26.59 -20.98
CA SER A 16 7.20 -26.93 -19.65
C SER A 16 7.41 -28.40 -19.35
N GLN A 17 7.11 -29.26 -20.33
CA GLN A 17 7.33 -30.69 -20.14
C GLN A 17 8.81 -31.01 -19.97
N ARG A 18 9.67 -30.33 -20.73
CA ARG A 18 11.11 -30.54 -20.60
C ARG A 18 11.60 -30.17 -19.21
N VAL A 19 11.16 -29.00 -18.72
CA VAL A 19 11.57 -28.55 -17.38
C VAL A 19 11.05 -29.50 -16.32
N ALA A 20 9.81 -29.99 -16.49
CA ALA A 20 9.27 -30.96 -15.55
C ALA A 20 10.09 -32.25 -15.55
N ASP A 21 10.49 -32.72 -16.73
CA ASP A 21 11.31 -33.94 -16.81
C ASP A 21 12.65 -33.74 -16.13
N ARG A 22 13.29 -32.58 -16.35
CA ARG A 22 14.58 -32.34 -15.73
C ARG A 22 14.47 -32.22 -14.21
N LEU A 23 13.29 -31.91 -13.71
CA LEU A 23 13.05 -31.84 -12.27
C LEU A 23 12.53 -33.17 -11.70
N GLY A 24 12.38 -34.19 -12.52
CA GLY A 24 11.87 -35.47 -12.06
C GLY A 24 10.46 -35.37 -11.52
N LEU A 25 9.65 -34.51 -12.12
CA LEU A 25 8.27 -34.30 -11.69
C LEU A 25 7.39 -34.29 -12.94
N GLU A 26 6.12 -33.95 -12.75
CA GLU A 26 5.19 -33.78 -13.86
C GLU A 26 4.26 -32.61 -13.56
N LEU A 27 3.75 -32.00 -14.62
CA LEU A 27 2.92 -30.81 -14.49
C LEU A 27 1.62 -31.13 -13.76
N GLY A 28 1.14 -30.16 -12.98
CA GLY A 28 -0.09 -30.34 -12.24
C GLY A 28 -1.31 -30.35 -13.14
N LYS A 29 -2.44 -30.74 -12.55
CA LYS A 29 -3.68 -30.87 -13.29
C LYS A 29 -4.40 -29.53 -13.33
N VAL A 30 -4.24 -28.79 -14.42
CA VAL A 30 -4.94 -27.53 -14.63
C VAL A 30 -5.52 -27.52 -16.03
N VAL A 31 -6.80 -27.17 -16.16
CA VAL A 31 -7.45 -27.07 -17.45
C VAL A 31 -7.67 -25.60 -17.76
N THR A 32 -6.95 -25.10 -18.78
CA THR A 32 -7.01 -23.69 -19.16
C THR A 32 -7.63 -23.61 -20.55
N LYS A 33 -8.93 -23.34 -20.60
CA LYS A 33 -9.69 -23.19 -21.83
C LYS A 33 -10.26 -21.77 -21.88
N LYS A 34 -11.13 -21.50 -22.86
CA LYS A 34 -11.74 -20.19 -23.00
C LYS A 34 -13.25 -20.37 -23.06
N PHE A 35 -13.98 -19.48 -22.39
CA PHE A 35 -15.42 -19.49 -22.47
C PHE A 35 -15.87 -19.05 -23.86
N SER A 36 -17.20 -19.03 -24.05
CA SER A 36 -17.76 -18.67 -25.34
C SER A 36 -17.37 -17.26 -25.76
N ASN A 37 -17.45 -16.30 -24.83
CA ASN A 37 -17.09 -14.92 -25.14
C ASN A 37 -15.62 -14.60 -24.85
N GLN A 38 -14.70 -15.44 -25.32
CA GLN A 38 -13.27 -15.16 -25.30
C GLN A 38 -12.78 -14.69 -23.93
N GLU A 39 -13.24 -15.37 -22.88
CA GLU A 39 -12.76 -15.11 -21.52
C GLU A 39 -12.01 -16.32 -21.01
N THR A 40 -10.91 -16.08 -20.31
CA THR A 40 -10.05 -17.16 -19.85
C THR A 40 -10.74 -17.95 -18.75
N SER A 41 -10.60 -19.27 -18.81
CA SER A 41 -11.14 -20.20 -17.81
C SER A 41 -9.98 -20.98 -17.24
N VAL A 42 -9.72 -20.79 -15.93
CA VAL A 42 -8.65 -21.49 -15.26
C VAL A 42 -9.25 -22.32 -14.12
N GLU A 43 -8.98 -23.62 -14.13
CA GLU A 43 -9.47 -24.55 -13.12
C GLU A 43 -8.31 -25.41 -12.65
N ILE A 44 -7.86 -25.21 -11.42
CA ILE A 44 -6.79 -26.02 -10.84
C ILE A 44 -7.43 -27.26 -10.22
N GLY A 45 -6.98 -28.44 -10.66
CA GLY A 45 -7.61 -29.68 -10.25
C GLY A 45 -7.10 -30.25 -8.95
N GLU A 46 -5.83 -30.00 -8.63
CA GLU A 46 -5.21 -30.58 -7.45
C GLU A 46 -5.06 -29.53 -6.35
N SER A 47 -4.61 -29.98 -5.18
CA SER A 47 -4.45 -29.09 -4.03
C SER A 47 -3.10 -28.38 -4.09
N VAL A 48 -3.14 -27.06 -3.92
CA VAL A 48 -1.92 -26.26 -3.84
C VAL A 48 -1.70 -25.64 -2.47
N ARG A 49 -2.46 -26.06 -1.46
CA ARG A 49 -2.34 -25.48 -0.12
C ARG A 49 -0.99 -25.81 0.49
N GLY A 50 -0.22 -24.78 0.80
CA GLY A 50 1.08 -24.95 1.42
C GLY A 50 2.20 -25.32 0.48
N GLU A 51 1.93 -25.45 -0.81
CA GLU A 51 2.93 -25.87 -1.77
C GLU A 51 3.73 -24.69 -2.30
N ASP A 52 4.85 -25.00 -2.94
CA ASP A 52 5.69 -24.01 -3.61
C ASP A 52 5.33 -24.05 -5.09
N VAL A 53 4.33 -23.26 -5.47
CA VAL A 53 3.80 -23.30 -6.84
C VAL A 53 4.76 -22.59 -7.78
N TYR A 54 5.02 -23.24 -8.92
CA TYR A 54 5.88 -22.69 -9.97
C TYR A 54 5.07 -22.70 -11.27
N ILE A 55 4.91 -21.53 -11.88
CA ILE A 55 4.14 -21.41 -13.11
C ILE A 55 5.06 -20.93 -14.22
N ILE A 56 5.04 -21.64 -15.35
CA ILE A 56 5.85 -21.30 -16.51
C ILE A 56 4.90 -20.82 -17.60
N GLN A 57 5.06 -19.56 -18.02
CA GLN A 57 4.21 -18.95 -19.04
C GLN A 57 5.07 -17.98 -19.85
N SER A 58 5.35 -18.34 -21.10
CA SER A 58 6.16 -17.50 -21.95
C SER A 58 5.32 -16.43 -22.63
N GLY A 59 5.90 -15.25 -22.82
CA GLY A 59 5.24 -14.18 -23.54
C GLY A 59 5.37 -14.32 -25.04
N CYS A 60 4.64 -15.28 -25.61
CA CYS A 60 4.71 -15.57 -27.04
C CYS A 60 3.29 -15.78 -27.55
N GLY A 61 3.14 -15.98 -28.85
CA GLY A 61 1.83 -16.11 -29.44
C GLY A 61 1.02 -14.84 -29.25
N GLU A 62 -0.25 -15.01 -28.90
CA GLU A 62 -1.08 -13.87 -28.50
C GLU A 62 -0.66 -13.44 -27.10
N ILE A 63 -0.03 -12.26 -27.02
CA ILE A 63 0.62 -11.85 -25.77
C ILE A 63 -0.41 -11.60 -24.68
N ASN A 64 -1.49 -10.87 -25.03
CA ASN A 64 -2.44 -10.44 -24.01
C ASN A 64 -3.17 -11.63 -23.39
N ASP A 65 -3.57 -12.59 -24.22
CA ASP A 65 -4.30 -13.76 -23.71
C ASP A 65 -3.43 -14.59 -22.78
N ASN A 66 -2.17 -14.82 -23.17
CA ASN A 66 -1.25 -15.57 -22.31
C ASN A 66 -0.97 -14.83 -21.02
N LEU A 67 -0.80 -13.51 -21.09
CA LEU A 67 -0.55 -12.72 -19.89
C LEU A 67 -1.73 -12.79 -18.92
N MET A 68 -2.95 -12.67 -19.47
CA MET A 68 -4.14 -12.74 -18.62
C MET A 68 -4.29 -14.13 -18.02
N GLU A 69 -3.97 -15.17 -18.79
CA GLU A 69 -3.99 -16.53 -18.26
C GLU A 69 -3.01 -16.68 -17.11
N LEU A 70 -1.80 -16.13 -17.26
CA LEU A 70 -0.79 -16.19 -16.21
C LEU A 70 -1.28 -15.48 -14.95
N LEU A 71 -1.84 -14.27 -15.12
CA LEU A 71 -2.31 -13.51 -13.96
C LEU A 71 -3.45 -14.23 -13.25
N ILE A 72 -4.39 -14.78 -14.02
CA ILE A 72 -5.51 -15.49 -13.41
C ILE A 72 -5.03 -16.74 -12.68
N MET A 73 -4.06 -17.45 -13.25
CA MET A 73 -3.51 -18.64 -12.60
C MET A 73 -2.81 -18.27 -11.30
N ILE A 74 -2.02 -17.19 -11.31
CA ILE A 74 -1.32 -16.76 -10.11
C ILE A 74 -2.33 -16.36 -9.03
N ASN A 75 -3.38 -15.63 -9.41
CA ASN A 75 -4.38 -15.22 -8.44
C ASN A 75 -5.10 -16.43 -7.86
N ALA A 76 -5.44 -17.40 -8.71
CA ALA A 76 -6.11 -18.60 -8.23
C ALA A 76 -5.24 -19.38 -7.26
N CYS A 77 -3.94 -19.49 -7.58
CA CYS A 77 -3.04 -20.20 -6.68
C CYS A 77 -2.85 -19.45 -5.37
N LYS A 78 -2.88 -18.12 -5.41
CA LYS A 78 -2.70 -17.34 -4.19
C LYS A 78 -3.93 -17.43 -3.28
N ILE A 79 -5.13 -17.31 -3.86
CA ILE A 79 -6.34 -17.38 -3.05
C ILE A 79 -6.52 -18.79 -2.47
N ALA A 80 -5.96 -19.81 -3.12
CA ALA A 80 -6.06 -21.17 -2.65
C ALA A 80 -5.05 -21.51 -1.55
N SER A 81 -4.49 -20.49 -0.89
CA SER A 81 -3.64 -20.66 0.29
C SER A 81 -2.35 -21.40 -0.02
N SER A 82 -1.70 -21.02 -1.12
CA SER A 82 -0.40 -21.58 -1.44
C SER A 82 0.69 -20.82 -0.69
N SER A 83 1.78 -21.52 -0.37
CA SER A 83 2.85 -20.93 0.41
C SER A 83 3.55 -19.82 -0.36
N ARG A 84 3.97 -20.09 -1.59
CA ARG A 84 4.70 -19.12 -2.38
C ARG A 84 4.53 -19.42 -3.85
N VAL A 85 4.15 -18.41 -4.63
CA VAL A 85 3.90 -18.55 -6.06
C VAL A 85 5.04 -17.87 -6.81
N THR A 86 5.65 -18.60 -7.73
CA THR A 86 6.75 -18.10 -8.55
C THR A 86 6.33 -18.12 -10.02
N ALA A 87 6.55 -17.01 -10.71
CA ALA A 87 6.21 -16.88 -12.12
C ALA A 87 7.49 -17.01 -12.94
N VAL A 88 7.57 -18.04 -13.75
CA VAL A 88 8.71 -18.27 -14.63
C VAL A 88 8.30 -17.80 -16.03
N ILE A 89 8.89 -16.69 -16.47
CA ILE A 89 8.55 -16.10 -17.75
C ILE A 89 9.78 -16.12 -18.65
N PRO A 90 9.92 -17.11 -19.54
CA PRO A 90 11.10 -17.14 -20.42
C PRO A 90 11.27 -15.89 -21.27
N CYS A 91 10.18 -15.32 -21.77
CA CYS A 91 10.23 -14.10 -22.56
C CYS A 91 9.29 -13.08 -21.94
N PHE A 92 9.85 -12.03 -21.37
CA PHE A 92 9.04 -11.04 -20.66
C PHE A 92 8.23 -10.22 -21.66
N PRO A 93 6.90 -10.23 -21.55
CA PRO A 93 6.10 -9.41 -22.46
C PRO A 93 6.30 -7.93 -22.23
N TYR A 94 6.18 -7.15 -23.31
CA TYR A 94 6.28 -5.69 -23.25
C TYR A 94 7.62 -5.24 -22.69
N ALA A 95 8.67 -6.02 -22.94
CA ALA A 95 9.99 -5.69 -22.43
C ALA A 95 10.69 -4.61 -23.24
N ARG A 96 10.23 -4.36 -24.46
CA ARG A 96 10.81 -3.29 -25.27
C ARG A 96 10.27 -1.91 -24.90
N GLN A 97 9.16 -1.86 -24.16
CA GLN A 97 8.59 -0.61 -23.68
C GLN A 97 9.04 -0.43 -22.23
N ASP A 98 10.29 -0.01 -22.06
CA ASP A 98 10.89 0.18 -20.75
C ASP A 98 11.23 1.63 -20.47
N LYS A 99 11.01 2.54 -21.41
CA LYS A 99 11.30 3.95 -21.26
C LYS A 99 10.11 4.76 -21.75
N LYS A 100 10.08 6.02 -21.35
CA LYS A 100 9.13 6.98 -21.93
C LYS A 100 9.71 7.60 -23.21
N ASP A 101 10.70 6.95 -23.80
CA ASP A 101 11.30 7.29 -25.09
C ASP A 101 11.90 8.70 -24.99
N LYS A 102 11.86 9.44 -26.11
CA LYS A 102 12.52 10.73 -26.22
C LYS A 102 11.62 11.70 -26.96
N VAL A 103 12.18 12.83 -27.40
CA VAL A 103 11.41 13.80 -28.16
C VAL A 103 10.86 13.15 -29.42
N GLY A 104 9.54 13.27 -29.61
CA GLY A 104 8.84 12.70 -30.74
C GLY A 104 7.78 11.68 -30.38
N GLU A 105 8.06 10.81 -29.42
CA GLU A 105 7.08 9.81 -28.97
C GLU A 105 6.11 10.49 -28.01
N SER A 106 4.95 10.87 -28.54
CA SER A 106 3.99 11.67 -27.81
C SER A 106 3.33 10.85 -26.71
N ARG A 107 3.77 11.06 -25.48
CA ARG A 107 3.14 10.51 -24.28
C ARG A 107 2.95 8.99 -24.37
N ALA A 108 4.04 8.32 -24.70
CA ALA A 108 4.04 6.86 -24.71
C ALA A 108 4.12 6.32 -23.29
N PRO A 109 3.50 5.17 -23.03
CA PRO A 109 3.53 4.61 -21.67
C PRO A 109 4.75 3.75 -21.42
N ILE A 110 4.84 3.21 -20.20
CA ILE A 110 5.88 2.23 -19.86
C ILE A 110 5.17 0.92 -19.57
N SER A 111 5.04 0.07 -20.59
CA SER A 111 4.22 -1.12 -20.45
C SER A 111 4.91 -2.17 -19.58
N ALA A 112 6.24 -2.15 -19.53
CA ALA A 112 6.96 -3.13 -18.71
C ALA A 112 6.65 -2.93 -17.24
N LYS A 113 6.62 -1.68 -16.79
CA LYS A 113 6.27 -1.41 -15.40
C LYS A 113 4.81 -1.74 -15.11
N LEU A 114 3.94 -1.55 -16.09
CA LEU A 114 2.54 -1.94 -15.93
C LEU A 114 2.43 -3.46 -15.73
N VAL A 115 3.16 -4.23 -16.53
CA VAL A 115 3.15 -5.68 -16.38
C VAL A 115 3.73 -6.08 -15.04
N ALA A 116 4.78 -5.38 -14.60
CA ALA A 116 5.37 -5.66 -13.30
C ALA A 116 4.38 -5.41 -12.17
N ASN A 117 3.66 -4.30 -12.24
CA ASN A 117 2.65 -3.99 -11.23
C ASN A 117 1.52 -5.02 -11.25
N MET A 118 1.10 -5.43 -12.45
CA MET A 118 0.06 -6.46 -12.56
C MET A 118 0.50 -7.77 -11.93
N LEU A 119 1.74 -8.17 -12.18
CA LEU A 119 2.25 -9.41 -11.58
C LEU A 119 2.38 -9.28 -10.07
N SER A 120 2.77 -8.11 -9.58
CA SER A 120 2.90 -7.91 -8.14
C SER A 120 1.54 -7.92 -7.46
N VAL A 121 0.52 -7.32 -8.10
CA VAL A 121 -0.79 -7.26 -7.49
C VAL A 121 -1.55 -8.56 -7.65
N ALA A 122 -1.18 -9.39 -8.64
CA ALA A 122 -1.80 -10.70 -8.76
C ALA A 122 -1.40 -11.62 -7.62
N GLY A 123 -0.18 -11.47 -7.10
CA GLY A 123 0.25 -12.26 -5.97
C GLY A 123 1.55 -13.00 -6.17
N ALA A 124 2.32 -12.61 -7.18
CA ALA A 124 3.60 -13.26 -7.43
C ALA A 124 4.62 -12.89 -6.35
N ASP A 125 5.37 -13.90 -5.91
CA ASP A 125 6.40 -13.72 -4.90
C ASP A 125 7.81 -13.77 -5.45
N HIS A 126 8.00 -14.27 -6.68
CA HIS A 126 9.30 -14.40 -7.29
C HIS A 126 9.13 -14.39 -8.79
N ILE A 127 10.13 -13.89 -9.52
CA ILE A 127 10.12 -13.83 -10.97
C ILE A 127 11.42 -14.41 -11.49
N ILE A 128 11.33 -15.31 -12.47
CA ILE A 128 12.49 -15.87 -13.13
C ILE A 128 12.36 -15.59 -14.63
N THR A 129 13.33 -14.88 -15.18
CA THR A 129 13.31 -14.46 -16.58
C THR A 129 14.65 -14.80 -17.22
N MET A 130 14.61 -15.06 -18.52
CA MET A 130 15.79 -15.41 -19.29
C MET A 130 16.14 -14.25 -20.22
N ASP A 131 17.32 -13.67 -20.01
CA ASP A 131 17.88 -12.66 -20.90
C ASP A 131 16.91 -11.50 -21.13
N LEU A 132 16.63 -10.74 -20.08
CA LEU A 132 15.74 -9.59 -20.19
C LEU A 132 16.30 -8.60 -21.22
N HIS A 133 15.38 -7.91 -21.91
CA HIS A 133 15.79 -6.92 -22.90
C HIS A 133 16.61 -5.80 -22.25
N ALA A 134 16.17 -5.33 -21.10
CA ALA A 134 16.92 -4.38 -20.30
C ALA A 134 17.09 -4.96 -18.91
N SER A 135 18.33 -5.06 -18.44
CA SER A 135 18.61 -5.65 -17.13
C SER A 135 18.01 -4.80 -16.02
N GLN A 136 17.76 -3.52 -16.31
CA GLN A 136 17.18 -2.63 -15.31
C GLN A 136 15.73 -2.96 -15.00
N ILE A 137 15.09 -3.81 -15.80
CA ILE A 137 13.73 -4.25 -15.51
C ILE A 137 13.68 -5.00 -14.18
N GLN A 138 14.82 -5.47 -13.68
CA GLN A 138 14.86 -6.04 -12.34
C GLN A 138 14.36 -5.05 -11.29
N GLY A 139 14.60 -3.76 -11.52
CA GLY A 139 14.18 -2.74 -10.60
C GLY A 139 12.72 -2.35 -10.74
N PHE A 140 12.05 -2.89 -11.76
CA PHE A 140 10.64 -2.64 -11.96
C PHE A 140 9.76 -3.39 -10.96
N PHE A 141 10.34 -4.33 -10.22
CA PHE A 141 9.63 -5.15 -9.24
C PHE A 141 10.14 -4.82 -7.84
N ASP A 142 9.34 -5.17 -6.84
CA ASP A 142 9.79 -5.16 -5.46
C ASP A 142 10.09 -6.56 -4.93
N ILE A 143 9.70 -7.60 -5.66
CA ILE A 143 10.02 -8.99 -5.32
C ILE A 143 11.34 -9.35 -5.97
N PRO A 144 12.03 -10.40 -5.52
CA PRO A 144 13.27 -10.80 -6.19
C PRO A 144 13.01 -11.19 -7.65
N VAL A 145 13.97 -10.83 -8.51
CA VAL A 145 13.92 -11.16 -9.93
C VAL A 145 15.25 -11.76 -10.33
N ASP A 146 15.20 -12.91 -11.00
CA ASP A 146 16.39 -13.59 -11.47
C ASP A 146 16.49 -13.46 -12.99
N ASN A 147 17.55 -12.81 -13.45
CA ASN A 147 17.78 -12.57 -14.87
C ASN A 147 18.82 -13.58 -15.35
N LEU A 148 18.36 -14.70 -15.88
CA LEU A 148 19.26 -15.73 -16.38
C LEU A 148 19.88 -15.29 -17.70
N TYR A 149 21.03 -15.89 -18.01
CA TYR A 149 21.78 -15.56 -19.22
C TYR A 149 21.98 -16.82 -20.06
N ALA A 150 21.77 -16.70 -21.37
CA ALA A 150 21.95 -17.80 -22.29
C ALA A 150 23.30 -17.77 -22.98
N GLU A 151 24.19 -16.85 -22.61
CA GLU A 151 25.52 -16.73 -23.21
C GLU A 151 26.35 -18.00 -23.17
N PRO A 152 26.41 -18.76 -22.07
CA PRO A 152 27.20 -20.01 -22.10
C PRO A 152 26.78 -20.98 -23.19
N ALA A 153 25.48 -21.09 -23.47
CA ALA A 153 25.02 -21.96 -24.55
C ALA A 153 25.45 -21.42 -25.91
N VAL A 154 25.40 -20.10 -26.08
CA VAL A 154 25.83 -19.49 -27.33
C VAL A 154 27.30 -19.77 -27.59
N LEU A 155 28.12 -19.60 -26.56
CA LEU A 155 29.56 -19.86 -26.69
C LEU A 155 29.82 -21.31 -27.02
N GLN A 156 29.11 -22.23 -26.36
CA GLN A 156 29.29 -23.65 -26.62
C GLN A 156 28.92 -24.00 -28.05
N TRP A 157 27.81 -23.44 -28.55
CA TRP A 157 27.41 -23.67 -29.93
C TRP A 157 28.45 -23.14 -30.91
N ILE A 158 28.98 -21.95 -30.62
CA ILE A 158 30.00 -21.35 -31.48
C ILE A 158 31.22 -22.25 -31.55
N ARG A 159 31.66 -22.76 -30.39
CA ARG A 159 32.85 -23.60 -30.34
C ARG A 159 32.62 -24.93 -31.07
N GLU A 160 31.49 -25.58 -30.81
CA GLU A 160 31.26 -26.91 -31.36
C GLU A 160 31.01 -26.88 -32.86
N ASN A 161 30.12 -25.99 -33.32
CA ASN A 161 29.65 -26.03 -34.70
C ASN A 161 30.58 -25.28 -35.65
N ILE A 162 30.88 -24.02 -35.34
CA ILE A 162 31.77 -23.24 -36.19
C ILE A 162 33.21 -23.65 -35.92
N ALA A 163 33.86 -24.25 -36.91
CA ALA A 163 35.22 -24.76 -36.72
C ALA A 163 36.27 -23.67 -36.74
N GLU A 164 35.98 -22.54 -37.39
CA GLU A 164 36.90 -21.43 -37.48
C GLU A 164 36.63 -20.36 -36.44
N TRP A 165 36.14 -20.76 -35.26
CA TRP A 165 35.75 -19.78 -34.25
C TRP A 165 36.95 -19.08 -33.62
N LYS A 166 38.17 -19.60 -33.84
CA LYS A 166 39.34 -18.95 -33.27
C LYS A 166 39.80 -17.75 -34.10
N ASN A 167 39.28 -17.58 -35.31
CA ASN A 167 39.69 -16.49 -36.19
C ASN A 167 38.47 -15.85 -36.84
N CYS A 168 37.41 -15.65 -36.06
CA CYS A 168 36.20 -15.02 -36.51
C CYS A 168 36.03 -13.67 -35.82
N ILE A 169 34.92 -13.00 -36.12
CA ILE A 169 34.55 -11.77 -35.43
C ILE A 169 33.06 -11.83 -35.12
N ILE A 170 32.66 -11.04 -34.12
CA ILE A 170 31.27 -10.92 -33.70
C ILE A 170 30.80 -9.51 -33.97
N VAL A 171 29.66 -9.38 -34.65
CA VAL A 171 29.15 -8.11 -35.14
C VAL A 171 27.78 -7.87 -34.53
N SER A 172 27.56 -6.66 -34.02
CA SER A 172 26.27 -6.26 -33.47
C SER A 172 25.47 -5.54 -34.55
N PRO A 173 24.23 -5.96 -34.82
CA PRO A 173 23.46 -5.33 -35.90
C PRO A 173 23.01 -3.91 -35.60
N ASP A 174 23.19 -3.46 -34.36
CA ASP A 174 22.74 -2.13 -33.96
C ASP A 174 23.72 -1.57 -32.94
N ALA A 175 23.49 -0.33 -32.52
CA ALA A 175 24.38 0.33 -31.58
C ALA A 175 24.18 -0.17 -30.15
N GLY A 176 22.96 -0.56 -29.81
CA GLY A 176 22.68 -1.00 -28.45
C GLY A 176 23.19 -2.37 -28.09
N GLY A 177 23.67 -3.15 -29.07
CA GLY A 177 24.20 -4.47 -28.82
C GLY A 177 25.69 -4.53 -28.60
N ALA A 178 26.36 -3.42 -28.33
CA ALA A 178 27.80 -3.40 -28.15
C ALA A 178 28.22 -4.20 -26.93
N LYS A 179 27.45 -4.13 -25.86
CA LYS A 179 27.82 -4.80 -24.60
C LYS A 179 27.84 -6.31 -24.75
N ARG A 180 26.78 -6.89 -25.31
CA ARG A 180 26.66 -8.34 -25.45
C ARG A 180 27.72 -8.89 -26.38
N VAL A 181 27.86 -8.27 -27.56
CA VAL A 181 28.85 -8.70 -28.55
C VAL A 181 30.26 -8.56 -27.97
N THR A 182 30.49 -7.47 -27.25
CA THR A 182 31.79 -7.23 -26.64
C THR A 182 32.12 -8.29 -25.60
N SER A 183 31.14 -8.64 -24.76
CA SER A 183 31.35 -9.67 -23.75
C SER A 183 31.65 -11.00 -24.40
N ILE A 184 30.91 -11.34 -25.46
CA ILE A 184 31.15 -12.60 -26.16
C ILE A 184 32.54 -12.62 -26.79
N ALA A 185 32.95 -11.48 -27.36
CA ALA A 185 34.28 -11.39 -27.96
C ALA A 185 35.37 -11.59 -26.91
N ASP A 186 35.20 -10.99 -25.74
CA ASP A 186 36.15 -11.19 -24.65
C ASP A 186 36.19 -12.64 -24.21
N ARG A 187 35.02 -13.27 -24.10
CA ARG A 187 34.97 -14.67 -23.65
C ARG A 187 35.63 -15.59 -24.67
N LEU A 188 35.45 -15.32 -25.96
CA LEU A 188 36.06 -16.13 -27.02
C LEU A 188 37.48 -15.70 -27.34
N ASN A 189 38.00 -14.66 -26.68
CA ASN A 189 39.36 -14.18 -26.89
C ASN A 189 39.61 -13.80 -28.34
N VAL A 190 38.65 -13.07 -28.92
CA VAL A 190 38.78 -12.62 -30.30
C VAL A 190 38.16 -11.22 -30.41
N GLU A 191 38.27 -10.60 -31.58
CA GLU A 191 37.88 -9.21 -31.79
C GLU A 191 36.43 -9.11 -32.24
N PHE A 192 36.00 -7.88 -32.50
CA PHE A 192 34.59 -7.58 -32.76
C PHE A 192 34.48 -6.37 -33.69
N ALA A 193 33.28 -6.17 -34.22
CA ALA A 193 32.95 -5.05 -35.10
C ALA A 193 31.64 -4.41 -34.67
N LEU A 194 31.17 -3.43 -35.44
CA LEU A 194 29.95 -2.70 -35.10
C LEU A 194 29.26 -2.25 -36.39
N ILE A 195 27.93 -2.30 -36.37
CA ILE A 195 27.11 -1.84 -37.49
C ILE A 195 26.00 -0.96 -36.95
N HIS A 196 25.75 0.17 -37.62
CA HIS A 196 24.70 1.10 -37.24
C HIS A 196 23.89 1.49 -38.47
N LYS A 197 22.60 1.72 -38.28
CA LYS A 197 21.70 2.11 -39.36
C LYS A 197 21.62 3.63 -39.47
N GLU A 198 20.88 4.14 -40.45
CA GLU A 198 20.72 5.57 -40.66
C GLU A 198 22.06 6.27 -40.86
N ARG A 207 22.84 3.96 -45.84
CA ARG A 207 22.30 4.05 -44.49
C ARG A 207 23.16 3.29 -43.49
N MET A 208 23.44 2.02 -43.80
CA MET A 208 24.27 1.20 -42.93
C MET A 208 25.69 1.74 -42.88
N VAL A 209 26.26 1.80 -41.68
CA VAL A 209 27.65 2.17 -41.47
C VAL A 209 28.32 1.02 -40.72
N LEU A 210 29.60 0.80 -41.00
CA LEU A 210 30.34 -0.32 -40.44
C LEU A 210 31.72 0.12 -40.00
N VAL A 211 32.14 -0.33 -38.82
CA VAL A 211 33.47 -0.06 -38.29
C VAL A 211 34.07 -1.39 -37.83
N GLY A 212 35.05 -1.88 -38.57
CA GLY A 212 35.66 -3.16 -38.25
C GLY A 212 36.41 -3.69 -39.46
N ASP A 213 37.02 -4.86 -39.27
CA ASP A 213 37.84 -5.46 -40.32
C ASP A 213 36.97 -6.21 -41.33
N VAL A 214 36.28 -7.25 -40.86
CA VAL A 214 35.36 -8.09 -41.63
C VAL A 214 35.74 -8.20 -43.11
N LYS A 215 36.99 -8.59 -43.38
CA LYS A 215 37.47 -8.77 -44.74
C LYS A 215 37.91 -10.21 -44.94
N ASP A 216 37.20 -10.92 -45.81
CA ASP A 216 37.52 -12.31 -46.17
C ASP A 216 37.62 -13.19 -44.93
N ARG A 217 36.67 -13.02 -44.02
CA ARG A 217 36.62 -13.81 -42.80
C ARG A 217 35.15 -14.08 -42.48
N VAL A 218 34.90 -14.77 -41.37
CA VAL A 218 33.55 -15.16 -40.99
C VAL A 218 33.11 -14.31 -39.80
N ALA A 219 31.87 -13.82 -39.88
CA ALA A 219 31.29 -12.97 -38.86
C ALA A 219 30.00 -13.58 -38.34
N ILE A 220 29.76 -13.40 -37.04
CA ILE A 220 28.56 -13.93 -36.38
C ILE A 220 27.78 -12.74 -35.83
N LEU A 221 26.51 -12.64 -36.20
CA LEU A 221 25.65 -11.57 -35.71
C LEU A 221 24.94 -12.03 -34.45
N VAL A 222 25.11 -11.28 -33.36
CA VAL A 222 24.51 -11.61 -32.07
C VAL A 222 23.59 -10.47 -31.66
N ASP A 223 22.34 -10.81 -31.35
CA ASP A 223 21.37 -9.85 -30.83
C ASP A 223 20.53 -10.55 -29.78
N ASP A 224 19.75 -9.76 -29.04
CA ASP A 224 18.91 -10.33 -27.99
C ASP A 224 17.68 -11.02 -28.58
N MET A 225 17.11 -10.48 -29.65
CA MET A 225 15.85 -10.98 -30.18
C MET A 225 15.74 -10.61 -31.65
N ALA A 226 14.71 -11.14 -32.30
CA ALA A 226 14.41 -10.84 -33.69
C ALA A 226 12.91 -10.90 -33.91
N ASP A 227 12.27 -9.74 -34.01
CA ASP A 227 10.83 -9.68 -34.18
C ASP A 227 10.44 -9.90 -35.65
N THR A 228 10.87 -9.02 -36.53
CA THR A 228 10.57 -9.12 -37.95
C THR A 228 11.81 -9.34 -38.80
N CYS A 229 12.98 -9.48 -38.18
CA CYS A 229 14.25 -9.57 -38.90
C CYS A 229 14.47 -8.36 -39.79
N GLY A 230 13.93 -7.20 -39.39
CA GLY A 230 14.29 -5.96 -40.04
C GLY A 230 15.76 -5.65 -39.88
N THR A 231 16.29 -5.89 -38.68
CA THR A 231 17.72 -5.92 -38.47
C THR A 231 18.26 -7.27 -38.92
N ILE A 232 19.50 -7.56 -38.54
CA ILE A 232 20.22 -8.82 -38.81
C ILE A 232 20.27 -9.12 -40.31
N CYS A 233 19.14 -9.02 -41.01
CA CYS A 233 19.16 -9.20 -42.47
C CYS A 233 19.93 -8.08 -43.15
N HIS A 234 19.64 -6.83 -42.78
CA HIS A 234 20.38 -5.70 -43.32
C HIS A 234 21.86 -5.77 -42.93
N ALA A 235 22.15 -6.18 -41.69
CA ALA A 235 23.53 -6.36 -41.28
C ALA A 235 24.23 -7.45 -42.09
N ALA A 236 23.54 -8.54 -42.41
CA ALA A 236 24.12 -9.58 -43.25
C ALA A 236 24.40 -9.06 -44.65
N ASP A 237 23.47 -8.29 -45.21
CA ASP A 237 23.70 -7.71 -46.53
C ASP A 237 24.92 -6.78 -46.52
N LYS A 238 25.00 -5.93 -45.49
CA LYS A 238 26.14 -5.01 -45.38
C LYS A 238 27.45 -5.77 -45.21
N LEU A 239 27.44 -6.82 -44.38
CA LEU A 239 28.65 -7.59 -44.15
C LEU A 239 29.09 -8.32 -45.41
N LEU A 240 28.13 -8.89 -46.15
CA LEU A 240 28.45 -9.57 -47.40
C LEU A 240 29.01 -8.59 -48.42
N SER A 241 28.43 -7.39 -48.49
CA SER A 241 28.99 -6.37 -49.37
C SER A 241 30.40 -5.98 -48.94
N ALA A 242 30.65 -5.96 -47.63
CA ALA A 242 31.95 -5.55 -47.11
C ALA A 242 33.06 -6.55 -47.40
N GLY A 243 32.75 -7.84 -47.51
CA GLY A 243 33.78 -8.82 -47.81
C GLY A 243 33.73 -10.08 -46.99
N ALA A 244 32.75 -10.19 -46.08
CA ALA A 244 32.62 -11.38 -45.26
C ALA A 244 32.31 -12.60 -46.11
N THR A 245 33.01 -13.71 -45.83
CA THR A 245 32.80 -14.93 -46.62
C THR A 245 31.43 -15.53 -46.34
N LYS A 246 31.07 -15.66 -45.07
CA LYS A 246 29.73 -16.12 -44.69
C LYS A 246 29.34 -15.47 -43.38
N VAL A 247 28.03 -15.38 -43.15
CA VAL A 247 27.47 -14.67 -42.01
C VAL A 247 26.57 -15.61 -41.23
N TYR A 248 26.79 -15.68 -39.92
CA TYR A 248 25.94 -16.43 -39.01
C TYR A 248 25.11 -15.46 -38.18
N ALA A 249 24.07 -15.99 -37.55
CA ALA A 249 23.18 -15.19 -36.71
C ALA A 249 22.77 -16.02 -35.51
N ILE A 250 23.09 -15.54 -34.32
CA ILE A 250 22.76 -16.22 -33.08
C ILE A 250 21.87 -15.28 -32.27
N LEU A 251 20.74 -15.80 -31.79
CA LEU A 251 19.72 -15.00 -31.12
C LEU A 251 19.25 -15.73 -29.86
N THR A 252 18.74 -14.98 -28.90
CA THR A 252 18.20 -15.58 -27.69
C THR A 252 16.71 -15.86 -27.84
N HIS A 253 15.92 -14.80 -28.08
CA HIS A 253 14.48 -14.94 -28.26
C HIS A 253 14.13 -14.74 -29.73
N GLY A 254 13.81 -15.82 -30.43
CA GLY A 254 13.41 -15.70 -31.80
C GLY A 254 11.91 -15.60 -31.98
N ILE A 255 11.39 -14.37 -32.10
CA ILE A 255 9.96 -14.20 -32.32
C ILE A 255 9.58 -14.67 -33.71
N PHE A 256 10.31 -14.21 -34.73
CA PHE A 256 10.06 -14.54 -36.13
C PHE A 256 8.59 -14.25 -36.50
N SER A 257 8.16 -13.03 -36.23
CA SER A 257 6.81 -12.60 -36.53
C SER A 257 6.77 -11.83 -37.85
N GLY A 258 5.57 -11.58 -38.34
CA GLY A 258 5.37 -10.88 -39.59
C GLY A 258 5.93 -11.65 -40.76
N PRO A 259 6.68 -10.95 -41.64
CA PRO A 259 7.30 -11.63 -42.78
C PRO A 259 8.33 -12.64 -42.34
N ALA A 260 9.29 -12.19 -41.53
CA ALA A 260 10.35 -13.00 -40.94
C ALA A 260 10.82 -14.15 -41.83
N ILE A 261 10.14 -15.30 -41.73
CA ILE A 261 10.57 -16.55 -42.36
C ILE A 261 10.86 -16.33 -43.84
N SER A 262 10.05 -15.47 -44.48
CA SER A 262 10.28 -15.11 -45.87
C SER A 262 11.65 -14.46 -46.05
N ARG A 263 12.02 -13.59 -45.11
CA ARG A 263 13.30 -12.88 -45.22
C ARG A 263 14.48 -13.81 -45.01
N ILE A 264 14.41 -14.68 -43.99
CA ILE A 264 15.52 -15.61 -43.76
C ILE A 264 15.63 -16.59 -44.92
N ASN A 265 14.49 -17.03 -45.47
CA ASN A 265 14.52 -18.01 -46.55
C ASN A 265 15.26 -17.47 -47.77
N ASN A 266 14.94 -16.25 -48.19
CA ASN A 266 15.67 -15.62 -49.28
C ASN A 266 16.83 -14.76 -48.79
N ALA A 267 17.66 -15.33 -47.91
CA ALA A 267 18.83 -14.66 -47.38
C ALA A 267 20.02 -15.60 -47.45
N ALA A 268 21.21 -15.04 -47.22
CA ALA A 268 22.46 -15.80 -47.26
C ALA A 268 22.97 -16.19 -45.89
N PHE A 269 22.07 -16.46 -44.95
CA PHE A 269 22.46 -16.95 -43.64
C PHE A 269 22.86 -18.42 -43.71
N GLU A 270 24.03 -18.72 -43.15
CA GLU A 270 24.41 -20.12 -43.00
C GLU A 270 23.57 -20.83 -41.96
N ALA A 271 23.24 -20.14 -40.87
CA ALA A 271 22.40 -20.70 -39.81
C ALA A 271 21.90 -19.56 -38.93
N VAL A 272 20.64 -19.65 -38.54
CA VAL A 272 20.02 -18.70 -37.61
C VAL A 272 19.71 -19.49 -36.34
N VAL A 273 20.43 -19.17 -35.27
CA VAL A 273 20.39 -19.97 -34.04
C VAL A 273 19.55 -19.24 -33.00
N VAL A 274 18.63 -19.98 -32.37
CA VAL A 274 17.77 -19.43 -31.33
C VAL A 274 17.72 -20.41 -30.17
N THR A 275 16.93 -20.09 -29.15
CA THR A 275 16.78 -20.93 -27.97
C THR A 275 15.32 -21.34 -27.82
N ASN A 276 15.05 -22.17 -26.82
CA ASN A 276 13.70 -22.69 -26.61
C ASN A 276 12.68 -21.62 -26.32
N THR A 277 13.08 -20.52 -25.66
CA THR A 277 12.19 -19.63 -24.93
C THR A 277 10.86 -19.35 -25.63
N ILE A 278 10.86 -19.30 -26.95
CA ILE A 278 9.65 -19.14 -27.74
C ILE A 278 9.52 -20.36 -28.64
N PRO A 279 8.34 -21.00 -28.72
CA PRO A 279 8.19 -22.21 -29.53
C PRO A 279 8.64 -22.05 -30.97
N GLN A 280 9.64 -22.83 -31.37
CA GLN A 280 10.20 -22.76 -32.70
C GLN A 280 9.79 -23.93 -33.58
N GLU A 281 8.89 -24.79 -33.11
CA GLU A 281 8.48 -25.98 -33.82
C GLU A 281 7.95 -25.69 -35.21
N ASP A 282 6.89 -24.89 -35.30
CA ASP A 282 6.28 -24.60 -36.60
C ASP A 282 7.19 -23.76 -37.47
N LYS A 283 7.93 -22.83 -36.86
CA LYS A 283 8.83 -21.97 -37.62
C LYS A 283 9.93 -22.77 -38.29
N MET A 284 10.47 -23.77 -37.59
CA MET A 284 11.59 -24.54 -38.11
C MET A 284 11.20 -25.34 -39.35
N LYS A 285 9.92 -25.69 -39.47
CA LYS A 285 9.48 -26.49 -40.61
C LYS A 285 9.62 -25.72 -41.91
N HIS A 286 9.32 -24.41 -41.89
CA HIS A 286 9.31 -23.59 -43.09
C HIS A 286 10.67 -22.94 -43.37
N CYS A 287 11.67 -23.23 -42.54
CA CYS A 287 12.99 -22.66 -42.73
C CYS A 287 14.08 -23.60 -42.21
N THR A 288 14.96 -24.06 -43.11
CA THR A 288 15.96 -25.04 -42.72
C THR A 288 17.11 -24.40 -41.95
N LYS A 289 17.29 -23.08 -42.10
CA LYS A 289 18.42 -22.42 -41.46
C LYS A 289 18.27 -22.39 -39.95
N ILE A 290 17.04 -22.33 -39.44
CA ILE A 290 16.82 -22.13 -38.02
C ILE A 290 17.24 -23.36 -37.24
N GLN A 291 18.00 -23.14 -36.16
CA GLN A 291 18.40 -24.20 -35.25
C GLN A 291 18.12 -23.75 -33.82
N VAL A 292 17.86 -24.72 -32.94
CA VAL A 292 17.36 -24.43 -31.61
C VAL A 292 18.37 -24.94 -30.57
N ILE A 293 18.53 -24.17 -29.49
CA ILE A 293 19.39 -24.55 -28.38
C ILE A 293 18.52 -24.73 -27.14
N ASP A 294 18.65 -25.89 -26.49
CA ASP A 294 17.87 -26.15 -25.29
C ASP A 294 18.37 -25.29 -24.14
N ILE A 295 17.43 -24.65 -23.43
CA ILE A 295 17.73 -23.90 -22.22
C ILE A 295 16.93 -24.39 -21.03
N SER A 296 16.27 -25.54 -21.13
CA SER A 296 15.46 -26.05 -20.02
C SER A 296 16.29 -26.34 -18.80
N MET A 297 17.57 -26.71 -18.99
CA MET A 297 18.42 -27.03 -17.85
C MET A 297 18.67 -25.78 -17.00
N ILE A 298 18.82 -24.63 -17.64
CA ILE A 298 19.08 -23.39 -16.90
C ILE A 298 17.87 -23.02 -16.04
N LEU A 299 16.68 -23.09 -16.63
CA LEU A 299 15.47 -22.79 -15.87
C LEU A 299 15.26 -23.79 -14.74
N ALA A 300 15.50 -25.08 -15.01
CA ALA A 300 15.35 -26.10 -13.97
C ALA A 300 16.33 -25.86 -12.83
N GLU A 301 17.57 -25.51 -13.15
CA GLU A 301 18.55 -25.25 -12.11
C GLU A 301 18.19 -24.02 -11.29
N ALA A 302 17.67 -22.98 -11.96
CA ALA A 302 17.23 -21.80 -11.25
C ALA A 302 16.07 -22.11 -10.31
N ILE A 303 15.14 -22.93 -10.78
CA ILE A 303 13.98 -23.35 -9.97
C ILE A 303 14.45 -24.12 -8.75
N ARG A 304 15.39 -25.05 -8.96
CA ARG A 304 15.93 -25.82 -7.84
C ARG A 304 16.63 -24.92 -6.84
N ARG A 305 17.41 -23.97 -7.34
CA ARG A 305 18.13 -23.04 -6.47
C ARG A 305 17.16 -22.21 -5.63
N THR A 306 16.08 -21.74 -6.26
CA THR A 306 15.07 -20.98 -5.53
C THR A 306 14.39 -21.85 -4.48
N HIS A 307 14.03 -23.08 -4.85
CA HIS A 307 13.25 -23.93 -3.96
C HIS A 307 14.05 -24.38 -2.75
N ASN A 308 15.25 -24.92 -2.98
CA ASN A 308 16.02 -25.51 -1.90
C ASN A 308 16.37 -24.47 -0.83
N GLY A 309 17.13 -23.46 -1.20
CA GLY A 309 17.51 -22.41 -0.27
C GLY A 309 18.43 -22.89 0.83
N PRO B 2 19.01 -22.34 8.45
CA PRO B 2 17.81 -21.59 8.84
C PRO B 2 17.98 -20.86 10.15
N ASN B 3 19.13 -21.06 10.80
CA ASN B 3 19.39 -20.43 12.08
C ASN B 3 19.95 -19.02 11.89
N ILE B 4 20.31 -18.40 13.01
CA ILE B 4 20.66 -16.98 13.07
C ILE B 4 21.89 -16.69 12.23
N VAL B 5 21.79 -15.67 11.38
CA VAL B 5 22.95 -15.11 10.68
C VAL B 5 23.06 -13.65 11.11
N LEU B 6 24.16 -13.31 11.79
CA LEU B 6 24.33 -12.00 12.39
C LEU B 6 25.27 -11.16 11.53
N PHE B 7 24.87 -9.93 11.27
CA PHE B 7 25.65 -9.00 10.46
C PHE B 7 25.94 -7.74 11.27
N SER B 8 27.05 -7.08 10.94
CA SER B 8 27.48 -5.90 11.66
C SER B 8 27.78 -4.78 10.68
N GLY B 9 27.49 -3.55 11.10
CA GLY B 9 27.74 -2.38 10.29
C GLY B 9 29.13 -1.80 10.55
N SER B 10 29.40 -0.69 9.86
CA SER B 10 30.70 -0.04 10.00
C SER B 10 30.87 0.59 11.39
N SER B 11 29.78 1.11 11.96
CA SER B 11 29.87 1.77 13.26
C SER B 11 29.71 0.75 14.38
N HIS B 12 30.48 0.96 15.45
CA HIS B 12 30.35 0.21 16.70
C HIS B 12 30.52 -1.29 16.47
N GLN B 13 31.72 -1.70 16.06
CA GLN B 13 32.06 -3.09 15.83
C GLN B 13 32.22 -3.88 17.13
N ASP B 14 32.64 -3.21 18.21
CA ASP B 14 32.92 -3.89 19.46
C ASP B 14 31.66 -4.53 20.03
N LEU B 15 30.55 -3.79 20.07
CA LEU B 15 29.31 -4.34 20.59
C LEU B 15 28.80 -5.47 19.71
N SER B 16 28.99 -5.34 18.39
CA SER B 16 28.59 -6.41 17.49
C SER B 16 29.36 -7.69 17.79
N GLN B 17 30.68 -7.56 18.02
CA GLN B 17 31.48 -8.73 18.37
C GLN B 17 31.06 -9.32 19.71
N ARG B 18 30.74 -8.45 20.68
CA ARG B 18 30.28 -8.94 21.98
C ARG B 18 28.99 -9.72 21.85
N VAL B 19 28.02 -9.19 21.10
CA VAL B 19 26.74 -9.88 20.92
C VAL B 19 26.93 -11.17 20.17
N ALA B 20 27.83 -11.18 19.17
CA ALA B 20 28.11 -12.42 18.46
C ALA B 20 28.72 -13.47 19.39
N ASP B 21 29.63 -13.05 20.26
CA ASP B 21 30.25 -13.99 21.20
C ASP B 21 29.21 -14.55 22.17
N ARG B 22 28.33 -13.69 22.68
CA ARG B 22 27.31 -14.16 23.63
C ARG B 22 26.33 -15.11 22.96
N LEU B 23 26.19 -15.02 21.64
CA LEU B 23 25.33 -15.94 20.90
C LEU B 23 26.07 -17.18 20.42
N GLY B 24 27.37 -17.30 20.71
CA GLY B 24 28.15 -18.42 20.27
C GLY B 24 28.25 -18.51 18.76
N LEU B 25 28.28 -17.37 18.10
CA LEU B 25 28.37 -17.28 16.65
C LEU B 25 29.46 -16.28 16.29
N GLU B 26 29.55 -15.95 15.00
CA GLU B 26 30.44 -14.92 14.53
C GLU B 26 29.78 -14.15 13.40
N LEU B 27 30.22 -12.91 13.23
CA LEU B 27 29.61 -12.02 12.25
C LEU B 27 29.80 -12.54 10.83
N GLY B 28 28.80 -12.34 9.99
CA GLY B 28 28.88 -12.78 8.62
C GLY B 28 29.86 -11.96 7.81
N LYS B 29 30.14 -12.45 6.60
CA LYS B 29 31.12 -11.82 5.74
C LYS B 29 30.45 -10.74 4.90
N VAL B 30 30.57 -9.49 5.33
CA VAL B 30 30.07 -8.35 4.57
C VAL B 30 31.15 -7.29 4.51
N VAL B 31 31.40 -6.77 3.32
CA VAL B 31 32.38 -5.70 3.12
C VAL B 31 31.64 -4.41 2.84
N THR B 32 31.66 -3.50 3.81
CA THR B 32 30.94 -2.22 3.72
C THR B 32 31.98 -1.10 3.63
N LYS B 33 32.25 -0.66 2.41
CA LYS B 33 33.15 0.45 2.13
C LYS B 33 32.37 1.54 1.41
N LYS B 34 33.06 2.57 0.94
CA LYS B 34 32.44 3.66 0.20
C LYS B 34 33.15 3.81 -1.14
N PHE B 35 32.37 4.04 -2.19
CA PHE B 35 32.96 4.32 -3.49
C PHE B 35 33.68 5.66 -3.47
N SER B 36 34.28 6.01 -4.61
CA SER B 36 35.06 7.25 -4.71
C SER B 36 34.20 8.48 -4.41
N ASN B 37 32.99 8.52 -4.97
CA ASN B 37 32.10 9.65 -4.73
C ASN B 37 31.17 9.44 -3.54
N GLN B 38 31.71 9.01 -2.40
CA GLN B 38 30.97 8.98 -1.13
C GLN B 38 29.62 8.28 -1.25
N GLU B 39 29.58 7.16 -1.96
CA GLU B 39 28.40 6.33 -2.04
C GLU B 39 28.67 4.99 -1.36
N THR B 40 27.70 4.52 -0.58
CA THR B 40 27.89 3.31 0.19
C THR B 40 27.98 2.08 -0.72
N SER B 41 28.91 1.20 -0.40
CA SER B 41 29.11 -0.06 -1.13
C SER B 41 28.90 -1.20 -0.14
N VAL B 42 27.85 -1.98 -0.36
CA VAL B 42 27.54 -3.13 0.49
C VAL B 42 27.62 -4.40 -0.35
N GLU B 43 28.47 -5.32 0.07
CA GLU B 43 28.65 -6.60 -0.62
C GLU B 43 28.57 -7.71 0.43
N ILE B 44 27.54 -8.53 0.33
CA ILE B 44 27.37 -9.68 1.22
C ILE B 44 28.08 -10.88 0.61
N GLY B 45 29.01 -11.46 1.36
CA GLY B 45 29.84 -12.52 0.84
C GLY B 45 29.23 -13.91 0.91
N GLU B 46 28.43 -14.16 1.95
CA GLU B 46 27.86 -15.48 2.19
C GLU B 46 26.40 -15.51 1.77
N SER B 47 25.80 -16.69 1.89
CA SER B 47 24.42 -16.89 1.48
C SER B 47 23.47 -16.56 2.62
N VAL B 48 22.44 -15.76 2.33
CA VAL B 48 21.40 -15.44 3.31
C VAL B 48 20.05 -15.99 2.91
N ARG B 49 19.98 -16.88 1.93
CA ARG B 49 18.70 -17.41 1.47
C ARG B 49 18.07 -18.30 2.53
N GLY B 50 16.88 -17.90 3.00
CA GLY B 50 16.17 -18.65 4.00
C GLY B 50 16.63 -18.44 5.42
N GLU B 51 17.63 -17.60 5.65
CA GLU B 51 18.19 -17.37 6.97
C GLU B 51 17.41 -16.29 7.72
N ASP B 52 17.64 -16.24 9.02
CA ASP B 52 17.05 -15.22 9.89
C ASP B 52 18.13 -14.18 10.16
N VAL B 53 18.22 -13.19 9.28
CA VAL B 53 19.30 -12.21 9.34
C VAL B 53 19.03 -11.20 10.44
N TYR B 54 20.09 -10.88 11.19
CA TYR B 54 20.04 -9.89 12.27
C TYR B 54 21.14 -8.87 11.98
N ILE B 55 20.76 -7.61 11.82
CA ILE B 55 21.72 -6.55 11.53
C ILE B 55 21.76 -5.59 12.71
N ILE B 56 22.97 -5.30 13.20
CA ILE B 56 23.17 -4.39 14.31
C ILE B 56 23.85 -3.14 13.77
N GLN B 57 23.16 -2.00 13.84
CA GLN B 57 23.69 -0.73 13.34
C GLN B 57 23.21 0.38 14.27
N SER B 58 24.13 0.92 15.07
CA SER B 58 23.78 1.99 15.99
C SER B 58 23.71 3.34 15.28
N GLY B 59 22.88 4.23 15.78
CA GLY B 59 22.80 5.57 15.26
C GLY B 59 23.81 6.51 15.90
N CYS B 60 25.08 6.34 15.56
CA CYS B 60 26.17 7.10 16.16
C CYS B 60 27.11 7.55 15.04
N GLY B 61 28.14 8.31 15.40
CA GLY B 61 29.05 8.84 14.41
C GLY B 61 28.33 9.73 13.42
N GLU B 62 28.65 9.54 12.14
CA GLU B 62 27.90 10.20 11.08
C GLU B 62 26.56 9.47 10.90
N ILE B 63 25.47 10.14 11.27
CA ILE B 63 24.18 9.46 11.37
C ILE B 63 23.69 9.06 9.99
N ASN B 64 23.77 9.97 9.02
CA ASN B 64 23.17 9.73 7.72
C ASN B 64 23.87 8.59 6.99
N ASP B 65 25.20 8.54 7.05
CA ASP B 65 25.93 7.47 6.37
C ASP B 65 25.61 6.10 6.97
N ASN B 66 25.57 6.02 8.30
CA ASN B 66 25.22 4.75 8.94
C ASN B 66 23.79 4.34 8.63
N LEU B 67 22.87 5.30 8.60
CA LEU B 67 21.48 4.98 8.29
C LEU B 67 21.35 4.47 6.86
N MET B 68 22.04 5.11 5.92
CA MET B 68 22.02 4.65 4.53
C MET B 68 22.63 3.27 4.41
N GLU B 69 23.71 3.01 5.13
CA GLU B 69 24.32 1.69 5.13
C GLU B 69 23.35 0.63 5.65
N LEU B 70 22.63 0.95 6.74
CA LEU B 70 21.65 0.03 7.29
C LEU B 70 20.53 -0.26 6.30
N LEU B 71 20.02 0.79 5.66
CA LEU B 71 18.94 0.59 4.69
C LEU B 71 19.40 -0.26 3.51
N ILE B 72 20.61 0.02 3.00
CA ILE B 72 21.13 -0.75 1.87
C ILE B 72 21.35 -2.20 2.27
N MET B 73 21.85 -2.44 3.48
CA MET B 73 22.05 -3.81 3.96
C MET B 73 20.73 -4.55 4.05
N ILE B 74 19.70 -3.89 4.61
CA ILE B 74 18.39 -4.54 4.73
C ILE B 74 17.83 -4.85 3.35
N ASN B 75 17.94 -3.91 2.42
CA ASN B 75 17.41 -4.14 1.08
C ASN B 75 18.15 -5.28 0.39
N ALA B 76 19.48 -5.32 0.53
CA ALA B 76 20.26 -6.39 -0.09
C ALA B 76 19.89 -7.74 0.49
N CYS B 77 19.69 -7.81 1.81
CA CYS B 77 19.30 -9.07 2.43
C CYS B 77 17.90 -9.49 2.00
N LYS B 78 16.99 -8.52 1.81
CA LYS B 78 15.63 -8.85 1.43
C LYS B 78 15.56 -9.34 -0.01
N ILE B 79 16.25 -8.66 -0.93
CA ILE B 79 16.21 -9.07 -2.33
C ILE B 79 16.90 -10.41 -2.52
N ALA B 80 17.79 -10.78 -1.60
CA ALA B 80 18.49 -12.06 -1.66
C ALA B 80 17.70 -13.20 -1.06
N SER B 81 16.37 -13.06 -0.96
CA SER B 81 15.47 -14.14 -0.56
C SER B 81 15.72 -14.60 0.87
N SER B 82 15.82 -13.65 1.79
CA SER B 82 15.95 -13.98 3.20
C SER B 82 14.58 -14.21 3.83
N SER B 83 14.55 -15.10 4.82
CA SER B 83 13.29 -15.43 5.48
C SER B 83 12.73 -14.23 6.23
N ARG B 84 13.55 -13.61 7.08
CA ARG B 84 13.12 -12.47 7.88
C ARG B 84 14.34 -11.67 8.29
N VAL B 85 14.29 -10.37 8.05
CA VAL B 85 15.40 -9.46 8.34
C VAL B 85 15.01 -8.61 9.54
N THR B 86 15.85 -8.63 10.56
CA THR B 86 15.63 -7.87 11.79
C THR B 86 16.73 -6.82 11.94
N ALA B 87 16.34 -5.59 12.23
CA ALA B 87 17.28 -4.49 12.41
C ALA B 87 17.38 -4.19 13.91
N VAL B 88 18.59 -4.34 14.46
CA VAL B 88 18.85 -4.03 15.86
C VAL B 88 19.54 -2.68 15.90
N ILE B 89 18.85 -1.68 16.46
CA ILE B 89 19.36 -0.32 16.51
C ILE B 89 19.52 0.09 17.97
N PRO B 90 20.72 -0.01 18.55
CA PRO B 90 20.89 0.39 19.96
C PRO B 90 20.50 1.83 20.24
N CYS B 91 20.79 2.76 19.33
CA CYS B 91 20.40 4.16 19.48
C CYS B 91 19.64 4.58 18.23
N PHE B 92 18.35 4.82 18.39
CA PHE B 92 17.50 5.15 17.25
C PHE B 92 17.84 6.54 16.74
N PRO B 93 18.22 6.67 15.46
CA PRO B 93 18.52 8.00 14.92
C PRO B 93 17.28 8.86 14.82
N TYR B 94 17.47 10.17 15.01
CA TYR B 94 16.40 11.16 14.87
C TYR B 94 15.25 10.89 15.84
N ALA B 95 15.58 10.31 17.00
CA ALA B 95 14.56 10.00 17.99
C ALA B 95 14.10 11.22 18.77
N ARG B 96 14.87 12.32 18.74
CA ARG B 96 14.45 13.54 19.40
C ARG B 96 13.45 14.35 18.58
N GLN B 97 13.34 14.06 17.28
CA GLN B 97 12.35 14.69 16.41
C GLN B 97 11.17 13.74 16.27
N ASP B 98 10.32 13.72 17.30
CA ASP B 98 9.18 12.83 17.34
C ASP B 98 7.85 13.57 17.37
N LYS B 99 7.87 14.90 17.37
CA LYS B 99 6.67 15.72 17.39
C LYS B 99 6.81 16.82 16.35
N LYS B 100 5.69 17.44 16.00
CA LYS B 100 5.70 18.66 15.21
C LYS B 100 5.88 19.89 16.10
N ASP B 101 6.37 19.69 17.31
CA ASP B 101 6.72 20.75 18.27
C ASP B 101 5.49 21.57 18.60
N LYS B 102 5.68 22.87 18.85
CA LYS B 102 4.61 23.74 19.32
C LYS B 102 4.69 25.08 18.60
N VAL B 103 3.98 26.09 19.12
CA VAL B 103 4.05 27.42 18.53
C VAL B 103 5.49 27.93 18.56
N GLY B 104 5.98 28.36 17.40
CA GLY B 104 7.32 28.86 17.24
C GLY B 104 8.17 28.05 16.27
N GLU B 105 8.08 26.73 16.31
CA GLU B 105 8.84 25.87 15.40
C GLU B 105 8.07 25.81 14.08
N SER B 106 8.53 26.61 13.12
CA SER B 106 7.80 26.79 11.86
C SER B 106 7.98 25.56 10.98
N ARG B 107 6.93 24.77 10.85
CA ARG B 107 6.84 23.66 9.90
C ARG B 107 8.01 22.69 10.05
N ALA B 108 8.29 22.34 11.29
CA ALA B 108 9.29 21.33 11.56
C ALA B 108 8.76 19.95 11.21
N PRO B 109 9.62 19.07 10.69
CA PRO B 109 9.14 17.73 10.30
C PRO B 109 9.18 16.75 11.45
N ILE B 110 8.73 15.51 11.19
CA ILE B 110 8.84 14.42 12.15
C ILE B 110 9.83 13.41 11.56
N SER B 111 11.10 13.55 11.91
CA SER B 111 12.13 12.74 11.28
C SER B 111 12.09 11.29 11.75
N ALA B 112 11.60 11.07 12.97
CA ALA B 112 11.53 9.70 13.49
C ALA B 112 10.56 8.86 12.67
N LYS B 113 9.41 9.44 12.30
CA LYS B 113 8.47 8.72 11.46
C LYS B 113 9.03 8.50 10.07
N LEU B 114 9.82 9.45 9.56
CA LEU B 114 10.47 9.26 8.27
C LEU B 114 11.44 8.09 8.30
N VAL B 115 12.22 7.99 9.37
CA VAL B 115 13.16 6.88 9.52
C VAL B 115 12.40 5.57 9.64
N ALA B 116 11.28 5.58 10.38
CA ALA B 116 10.45 4.39 10.50
C ALA B 116 9.91 3.94 9.15
N ASN B 117 9.42 4.90 8.35
CA ASN B 117 8.90 4.57 7.03
C ASN B 117 10.00 4.04 6.12
N MET B 118 11.20 4.63 6.20
CA MET B 118 12.31 4.15 5.38
C MET B 118 12.71 2.73 5.78
N LEU B 119 12.74 2.44 7.08
CA LEU B 119 13.06 1.07 7.51
C LEU B 119 11.98 0.09 7.09
N SER B 120 10.72 0.51 7.13
CA SER B 120 9.63 -0.37 6.73
C SER B 120 9.66 -0.64 5.23
N VAL B 121 9.98 0.37 4.43
CA VAL B 121 9.99 0.22 2.99
C VAL B 121 11.26 -0.46 2.49
N ALA B 122 12.33 -0.42 3.29
CA ALA B 122 13.55 -1.13 2.91
C ALA B 122 13.35 -2.64 3.00
N GLY B 123 12.51 -3.10 3.92
CA GLY B 123 12.20 -4.51 4.03
C GLY B 123 12.41 -5.09 5.41
N ALA B 124 12.49 -4.24 6.42
CA ALA B 124 12.65 -4.71 7.78
C ALA B 124 11.38 -5.39 8.28
N ASP B 125 11.56 -6.49 9.00
CA ASP B 125 10.46 -7.26 9.57
C ASP B 125 10.35 -7.14 11.08
N HIS B 126 11.38 -6.64 11.75
CA HIS B 126 11.40 -6.53 13.20
C HIS B 126 12.41 -5.46 13.58
N ILE B 127 12.15 -4.75 14.67
CA ILE B 127 13.02 -3.68 15.16
C ILE B 127 13.30 -3.93 16.63
N ILE B 128 14.57 -3.87 17.01
CA ILE B 128 14.99 -3.98 18.41
C ILE B 128 15.75 -2.72 18.77
N THR B 129 15.26 -2.00 19.77
CA THR B 129 15.83 -0.73 20.19
C THR B 129 15.99 -0.73 21.71
N MET B 130 17.01 -0.01 22.18
CA MET B 130 17.31 0.07 23.60
C MET B 130 16.99 1.46 24.10
N ASP B 131 16.06 1.56 25.06
CA ASP B 131 15.72 2.80 25.73
C ASP B 131 15.41 3.92 24.75
N LEU B 132 14.32 3.79 24.01
CA LEU B 132 13.90 4.82 23.07
C LEU B 132 13.67 6.14 23.81
N HIS B 133 13.90 7.24 23.09
CA HIS B 133 13.69 8.56 23.70
C HIS B 133 12.22 8.75 24.07
N ALA B 134 11.32 8.34 23.19
CA ALA B 134 9.89 8.31 23.47
C ALA B 134 9.38 6.91 23.22
N SER B 135 8.72 6.33 24.23
CA SER B 135 8.21 4.98 24.10
C SER B 135 7.12 4.90 23.05
N GLN B 136 6.50 6.05 22.73
CA GLN B 136 5.46 6.08 21.72
C GLN B 136 6.01 5.89 20.31
N ILE B 137 7.33 5.93 20.13
CA ILE B 137 7.91 5.63 18.83
C ILE B 137 7.62 4.18 18.42
N GLN B 138 7.23 3.34 19.37
CA GLN B 138 6.78 1.99 19.03
C GLN B 138 5.62 2.02 18.05
N GLY B 139 4.77 3.05 18.16
CA GLY B 139 3.62 3.17 17.29
C GLY B 139 3.94 3.78 15.94
N PHE B 140 5.19 4.21 15.75
CA PHE B 140 5.62 4.76 14.46
C PHE B 140 5.81 3.67 13.41
N PHE B 141 5.81 2.40 13.80
CA PHE B 141 6.01 1.26 12.93
C PHE B 141 4.72 0.45 12.84
N ASP B 142 4.64 -0.37 11.80
CA ASP B 142 3.61 -1.39 11.73
C ASP B 142 4.14 -2.79 12.02
N ILE B 143 5.46 -2.94 12.11
CA ILE B 143 6.10 -4.21 12.47
C ILE B 143 6.31 -4.23 13.98
N PRO B 144 6.52 -5.39 14.60
CA PRO B 144 6.80 -5.40 16.04
C PRO B 144 8.06 -4.64 16.38
N VAL B 145 8.04 -3.95 17.51
CA VAL B 145 9.17 -3.17 18.01
C VAL B 145 9.40 -3.53 19.47
N ASP B 146 10.64 -3.84 19.81
CA ASP B 146 11.04 -4.15 21.17
C ASP B 146 11.84 -2.99 21.76
N ASN B 147 11.32 -2.40 22.83
CA ASN B 147 11.95 -1.27 23.49
C ASN B 147 12.59 -1.79 24.78
N LEU B 148 13.85 -2.18 24.69
CA LEU B 148 14.57 -2.71 25.84
C LEU B 148 14.87 -1.59 26.82
N TYR B 149 15.14 -1.98 28.07
CA TYR B 149 15.41 -1.05 29.15
C TYR B 149 16.75 -1.38 29.80
N ALA B 150 17.54 -0.34 30.07
CA ALA B 150 18.82 -0.49 30.74
C ALA B 150 18.74 -0.21 32.24
N GLU B 151 17.54 0.02 32.77
CA GLU B 151 17.35 0.31 34.20
C GLU B 151 17.92 -0.75 35.13
N PRO B 152 17.77 -2.06 34.90
CA PRO B 152 18.39 -3.04 35.81
C PRO B 152 19.90 -2.89 35.93
N ALA B 153 20.59 -2.54 34.85
CA ALA B 153 22.02 -2.31 34.92
C ALA B 153 22.33 -1.05 35.74
N VAL B 154 21.52 -0.01 35.59
CA VAL B 154 21.72 1.22 36.35
C VAL B 154 21.57 0.96 37.84
N LEU B 155 20.52 0.21 38.20
CA LEU B 155 20.30 -0.11 39.61
C LEU B 155 21.45 -0.95 40.17
N GLN B 156 21.93 -1.92 39.38
CA GLN B 156 23.04 -2.75 39.82
C GLN B 156 24.29 -1.92 40.05
N TRP B 157 24.57 -0.99 39.13
CA TRP B 157 25.74 -0.13 39.29
C TRP B 157 25.61 0.75 40.53
N ILE B 158 24.42 1.30 40.76
CA ILE B 158 24.19 2.14 41.94
C ILE B 158 24.44 1.34 43.20
N ARG B 159 23.90 0.11 43.25
CA ARG B 159 24.05 -0.73 44.42
C ARG B 159 25.51 -1.11 44.68
N GLU B 160 26.21 -1.55 43.63
CA GLU B 160 27.57 -2.06 43.82
C GLU B 160 28.57 -0.94 44.11
N ASN B 161 28.53 0.13 43.31
CA ASN B 161 29.58 1.14 43.36
C ASN B 161 29.34 2.17 44.46
N ILE B 162 28.17 2.82 44.45
CA ILE B 162 27.86 3.82 45.45
C ILE B 162 27.49 3.11 46.75
N ALA B 163 28.32 3.29 47.78
CA ALA B 163 28.12 2.58 49.04
C ALA B 163 26.99 3.18 49.87
N GLU B 164 26.68 4.45 49.67
CA GLU B 164 25.62 5.14 50.42
C GLU B 164 24.32 5.20 49.63
N TRP B 165 24.03 4.18 48.83
CA TRP B 165 22.85 4.22 47.98
C TRP B 165 21.55 4.11 48.77
N LYS B 166 21.61 3.74 50.05
CA LYS B 166 20.39 3.64 50.84
C LYS B 166 19.92 4.97 51.38
N ASN B 167 20.74 6.01 51.30
CA ASN B 167 20.39 7.33 51.81
C ASN B 167 20.79 8.41 50.81
N CYS B 168 20.51 8.17 49.53
CA CYS B 168 20.76 9.13 48.47
C CYS B 168 19.44 9.62 47.89
N ILE B 169 19.54 10.47 46.86
CA ILE B 169 18.38 10.91 46.11
C ILE B 169 18.70 10.86 44.62
N ILE B 170 17.66 10.70 43.82
CA ILE B 170 17.77 10.67 42.36
C ILE B 170 17.12 11.93 41.82
N VAL B 171 17.86 12.67 40.99
CA VAL B 171 17.47 13.99 40.53
C VAL B 171 17.37 13.98 39.01
N SER B 172 16.27 14.53 38.50
CA SER B 172 16.08 14.65 37.06
C SER B 172 16.59 16.00 36.59
N PRO B 173 17.48 16.06 35.60
CA PRO B 173 18.02 17.36 35.17
C PRO B 173 17.02 18.22 34.43
N ASP B 174 15.87 17.66 34.07
CA ASP B 174 14.86 18.41 33.33
C ASP B 174 13.49 17.94 33.79
N ALA B 175 12.43 18.57 33.24
CA ALA B 175 11.08 18.27 33.66
C ALA B 175 10.58 16.95 33.08
N GLY B 176 11.01 16.60 31.88
CA GLY B 176 10.55 15.38 31.24
C GLY B 176 11.16 14.10 31.75
N GLY B 177 12.16 14.18 32.61
CA GLY B 177 12.79 12.99 33.15
C GLY B 177 12.21 12.57 34.48
N ALA B 178 11.03 13.08 34.80
CA ALA B 178 10.38 12.77 36.07
C ALA B 178 10.02 11.30 36.18
N LYS B 179 9.57 10.69 35.09
CA LYS B 179 9.11 9.30 35.14
C LYS B 179 10.25 8.33 35.40
N ARG B 180 11.35 8.46 34.67
CA ARG B 180 12.50 7.57 34.82
C ARG B 180 13.08 7.70 36.22
N VAL B 181 13.30 8.94 36.66
CA VAL B 181 13.87 9.20 37.97
C VAL B 181 12.96 8.65 39.06
N THR B 182 11.66 8.86 38.90
CA THR B 182 10.69 8.40 39.88
C THR B 182 10.67 6.88 39.96
N SER B 183 10.70 6.20 38.81
CA SER B 183 10.70 4.75 38.81
C SER B 183 11.96 4.20 39.44
N ILE B 184 13.11 4.82 39.16
CA ILE B 184 14.37 4.40 39.77
C ILE B 184 14.34 4.60 41.27
N ALA B 185 13.80 5.72 41.72
CA ALA B 185 13.71 6.00 43.15
C ALA B 185 12.82 4.97 43.85
N ASP B 186 11.69 4.62 43.21
CA ASP B 186 10.82 3.59 43.77
C ASP B 186 11.53 2.24 43.81
N ARG B 187 12.28 1.91 42.76
CA ARG B 187 12.97 0.62 42.71
C ARG B 187 14.02 0.52 43.80
N LEU B 188 14.77 1.60 44.04
CA LEU B 188 15.76 1.59 45.11
C LEU B 188 15.17 1.91 46.47
N ASN B 189 13.86 2.18 46.54
CA ASN B 189 13.16 2.48 47.79
C ASN B 189 13.82 3.67 48.48
N VAL B 190 13.83 4.81 47.79
CA VAL B 190 14.34 6.06 48.35
C VAL B 190 13.59 7.22 47.70
N GLU B 191 13.86 8.43 48.17
CA GLU B 191 13.15 9.62 47.71
C GLU B 191 13.87 10.23 46.51
N PHE B 192 13.31 11.33 46.00
CA PHE B 192 13.79 11.96 44.79
C PHE B 192 13.53 13.46 44.82
N ALA B 193 14.17 14.18 43.90
CA ALA B 193 14.01 15.61 43.73
C ALA B 193 13.76 15.92 42.24
N LEU B 194 13.67 17.21 41.92
CA LEU B 194 13.38 17.64 40.57
C LEU B 194 14.07 18.97 40.29
N ILE B 195 14.55 19.13 39.06
CA ILE B 195 15.24 20.35 38.64
C ILE B 195 14.67 20.78 37.29
N HIS B 196 14.43 22.08 37.13
CA HIS B 196 13.94 22.65 35.89
C HIS B 196 14.71 23.93 35.58
N LYS B 197 14.89 24.20 34.28
CA LYS B 197 15.60 25.39 33.83
C LYS B 197 14.63 26.52 33.53
N GLU B 198 15.15 27.68 33.12
CA GLU B 198 14.34 28.85 32.80
C GLU B 198 13.46 29.27 33.98
N ARG B 207 17.59 31.21 36.71
CA ARG B 207 17.06 30.29 35.71
C ARG B 207 16.77 28.93 36.31
N MET B 208 17.80 28.32 36.89
CA MET B 208 17.70 26.97 37.40
C MET B 208 16.89 26.95 38.70
N VAL B 209 15.93 26.03 38.77
CA VAL B 209 15.05 25.89 39.92
C VAL B 209 15.17 24.48 40.46
N LEU B 210 14.94 24.32 41.76
CA LEU B 210 15.10 23.03 42.43
C LEU B 210 13.99 22.83 43.45
N VAL B 211 13.42 21.63 43.48
CA VAL B 211 12.43 21.23 44.48
C VAL B 211 12.88 19.90 45.07
N GLY B 212 13.39 19.94 46.30
CA GLY B 212 13.87 18.74 46.94
C GLY B 212 14.75 19.08 48.12
N ASP B 213 15.24 18.03 48.79
CA ASP B 213 16.05 18.20 49.98
C ASP B 213 17.50 18.51 49.64
N VAL B 214 18.17 17.54 49.00
CA VAL B 214 19.56 17.64 48.53
C VAL B 214 20.46 18.47 49.45
N LYS B 215 20.36 18.26 50.75
CA LYS B 215 21.17 18.99 51.72
C LYS B 215 22.10 18.00 52.42
N ASP B 216 23.40 18.17 52.20
CA ASP B 216 24.44 17.34 52.81
C ASP B 216 24.19 15.85 52.59
N ARG B 217 23.84 15.52 51.34
CA ARG B 217 23.65 14.13 50.95
C ARG B 217 24.16 13.97 49.53
N VAL B 218 24.11 12.76 48.99
CA VAL B 218 24.62 12.46 47.67
C VAL B 218 23.45 12.31 46.71
N ALA B 219 23.59 12.95 45.54
CA ALA B 219 22.55 12.97 44.52
C ALA B 219 23.08 12.38 43.23
N ILE B 220 22.22 11.66 42.52
CA ILE B 220 22.56 11.00 41.27
C ILE B 220 21.65 11.57 40.19
N LEU B 221 22.26 12.09 39.12
CA LEU B 221 21.50 12.63 38.00
C LEU B 221 21.26 11.52 36.98
N VAL B 222 20.00 11.29 36.64
CA VAL B 222 19.61 10.24 35.71
C VAL B 222 18.90 10.89 34.52
N ASP B 223 19.39 10.60 33.32
CA ASP B 223 18.78 11.08 32.09
C ASP B 223 18.91 9.99 31.03
N ASP B 224 18.17 10.15 29.93
CA ASP B 224 18.22 9.17 28.86
C ASP B 224 19.48 9.31 28.00
N MET B 225 19.94 10.53 27.78
CA MET B 225 21.05 10.76 26.86
C MET B 225 21.74 12.07 27.24
N ALA B 226 22.90 12.29 26.63
CA ALA B 226 23.65 13.53 26.81
C ALA B 226 24.38 13.86 25.50
N ASP B 227 23.87 14.84 24.77
CA ASP B 227 24.45 15.22 23.50
C ASP B 227 25.66 16.14 23.69
N THR B 228 25.42 17.32 24.27
CA THR B 228 26.47 18.29 24.51
C THR B 228 26.69 18.55 26.00
N CYS B 229 25.97 17.85 26.87
CA CYS B 229 26.01 18.08 28.31
C CYS B 229 25.66 19.53 28.65
N GLY B 230 24.78 20.13 27.85
CA GLY B 230 24.19 21.40 28.25
C GLY B 230 23.36 21.25 29.50
N THR B 231 22.60 20.16 29.61
CA THR B 231 22.01 19.75 30.86
C THR B 231 23.07 19.04 31.70
N ILE B 232 22.62 18.39 32.77
CA ILE B 232 23.43 17.58 33.69
C ILE B 232 24.55 18.42 34.30
N CYS B 233 25.30 19.18 33.49
CA CYS B 233 26.33 20.05 34.05
C CYS B 233 25.70 21.19 34.86
N HIS B 234 24.70 21.86 34.28
CA HIS B 234 24.00 22.91 35.02
C HIS B 234 23.29 22.33 36.24
N ALA B 235 22.71 21.13 36.11
CA ALA B 235 22.09 20.48 37.25
C ALA B 235 23.10 20.19 38.36
N ALA B 236 24.30 19.74 38.00
CA ALA B 236 25.34 19.51 39.00
C ALA B 236 25.76 20.81 39.68
N ASP B 237 25.89 21.88 38.89
CA ASP B 237 26.22 23.17 39.49
C ASP B 237 25.16 23.60 40.49
N LYS B 238 23.89 23.49 40.09
CA LYS B 238 22.79 23.87 40.98
C LYS B 238 22.77 22.99 42.23
N LEU B 239 23.01 21.68 42.05
CA LEU B 239 22.98 20.76 43.18
C LEU B 239 24.10 21.05 44.16
N LEU B 240 25.30 21.35 43.65
CA LEU B 240 26.42 21.71 44.51
C LEU B 240 26.15 23.02 45.23
N SER B 241 25.56 23.98 44.54
CA SER B 241 25.20 25.24 45.19
C SER B 241 24.16 25.01 46.29
N ALA B 242 23.27 24.03 46.08
CA ALA B 242 22.21 23.77 47.04
C ALA B 242 22.69 23.08 48.31
N GLY B 243 23.76 22.29 48.25
CA GLY B 243 24.27 21.64 49.44
C GLY B 243 24.66 20.19 49.28
N ALA B 244 24.56 19.66 48.07
CA ALA B 244 24.93 18.26 47.82
C ALA B 244 26.42 18.07 48.01
N THR B 245 26.79 16.98 48.71
CA THR B 245 28.21 16.71 48.95
C THR B 245 28.92 16.32 47.68
N LYS B 246 28.36 15.39 46.91
CA LYS B 246 28.92 15.03 45.61
C LYS B 246 27.77 14.61 44.69
N VAL B 247 28.02 14.72 43.39
CA VAL B 247 26.99 14.50 42.38
C VAL B 247 27.48 13.44 41.40
N TYR B 248 26.63 12.45 41.14
CA TYR B 248 26.88 11.42 40.13
C TYR B 248 25.96 11.66 38.93
N ALA B 249 26.29 11.02 37.82
CA ALA B 249 25.53 11.14 36.59
C ALA B 249 25.50 9.79 35.89
N ILE B 250 24.30 9.23 35.72
CA ILE B 250 24.11 7.95 35.07
C ILE B 250 23.26 8.20 33.82
N LEU B 251 23.72 7.69 32.69
CA LEU B 251 23.09 7.94 31.40
C LEU B 251 22.97 6.63 30.62
N THR B 252 22.01 6.58 29.71
CA THR B 252 21.85 5.40 28.86
C THR B 252 22.65 5.56 27.58
N HIS B 253 22.34 6.59 26.79
CA HIS B 253 23.03 6.84 25.53
C HIS B 253 23.97 8.03 25.70
N GLY B 254 25.27 7.75 25.77
CA GLY B 254 26.23 8.83 25.89
C GLY B 254 26.77 9.27 24.55
N ILE B 255 26.19 10.33 23.99
CA ILE B 255 26.68 10.86 22.71
C ILE B 255 28.02 11.55 22.91
N PHE B 256 28.07 12.52 23.82
CA PHE B 256 29.27 13.30 24.09
C PHE B 256 29.82 13.97 22.82
N SER B 257 28.94 14.70 22.15
CA SER B 257 29.30 15.45 20.96
C SER B 257 29.62 16.90 21.30
N GLY B 258 30.22 17.59 20.34
CA GLY B 258 30.59 18.97 20.53
C GLY B 258 31.63 19.16 21.61
N PRO B 259 31.41 20.13 22.50
CA PRO B 259 32.35 20.34 23.60
C PRO B 259 32.40 19.18 24.56
N ALA B 260 31.23 18.78 25.07
CA ALA B 260 31.02 17.61 25.92
C ALA B 260 32.20 17.29 26.84
N ILE B 261 33.17 16.53 26.32
CA ILE B 261 34.29 16.01 27.10
C ILE B 261 34.98 17.14 27.84
N SER B 262 35.12 18.29 27.19
CA SER B 262 35.68 19.46 27.84
C SER B 262 34.85 19.86 29.06
N ARG B 263 33.53 19.88 28.90
CA ARG B 263 32.65 20.29 30.00
C ARG B 263 32.76 19.33 31.18
N ILE B 264 32.77 18.02 30.90
CA ILE B 264 32.88 17.04 31.98
C ILE B 264 34.24 17.16 32.67
N ASN B 265 35.29 17.43 31.89
CA ASN B 265 36.64 17.44 32.45
C ASN B 265 36.80 18.50 33.52
N ASN B 266 36.37 19.73 33.25
CA ASN B 266 36.41 20.76 34.28
C ASN B 266 35.08 20.84 35.01
N ALA B 267 34.61 19.70 35.51
CA ALA B 267 33.38 19.62 36.28
C ALA B 267 33.63 18.77 37.52
N ALA B 268 32.67 18.84 38.46
CA ALA B 268 32.79 18.15 39.73
C ALA B 268 32.00 16.83 39.77
N PHE B 269 31.94 16.13 38.64
CA PHE B 269 31.32 14.81 38.60
C PHE B 269 32.26 13.77 39.19
N GLU B 270 31.75 13.01 40.16
CA GLU B 270 32.49 11.86 40.65
C GLU B 270 32.62 10.78 39.60
N ALA B 271 31.57 10.54 38.83
CA ALA B 271 31.58 9.55 37.76
C ALA B 271 30.42 9.82 36.82
N VAL B 272 30.66 9.65 35.52
CA VAL B 272 29.64 9.76 34.49
C VAL B 272 29.50 8.38 33.87
N VAL B 273 28.33 7.76 34.06
CA VAL B 273 28.14 6.36 33.70
C VAL B 273 27.30 6.28 32.43
N VAL B 274 27.76 5.48 31.46
CA VAL B 274 27.07 5.30 30.19
C VAL B 274 27.06 3.82 29.84
N THR B 275 26.53 3.48 28.66
CA THR B 275 26.41 2.09 28.22
C THR B 275 27.02 1.91 26.83
N ASN B 276 27.06 0.66 26.38
CA ASN B 276 27.71 0.30 25.12
C ASN B 276 27.04 0.89 23.90
N THR B 277 25.77 1.30 24.00
CA THR B 277 24.96 1.66 22.84
C THR B 277 25.69 2.54 21.83
N ILE B 278 26.57 3.41 22.30
CA ILE B 278 27.38 4.29 21.45
C ILE B 278 28.83 4.07 21.82
N PRO B 279 29.75 3.98 20.83
CA PRO B 279 31.17 3.77 21.15
C PRO B 279 31.73 4.78 22.13
N GLN B 280 32.31 4.29 23.21
CA GLN B 280 32.89 5.14 24.26
C GLN B 280 34.39 5.01 24.37
N GLU B 281 35.01 4.18 23.52
CA GLU B 281 36.45 3.90 23.58
C GLU B 281 37.29 5.17 23.54
N ASP B 282 37.16 5.96 22.47
CA ASP B 282 37.96 7.17 22.33
C ASP B 282 37.58 8.22 23.36
N LYS B 283 36.29 8.31 23.69
CA LYS B 283 35.82 9.29 24.66
C LYS B 283 36.42 9.04 26.03
N MET B 284 36.48 7.76 26.44
CA MET B 284 36.97 7.43 27.78
C MET B 284 38.45 7.77 27.93
N LYS B 285 39.19 7.79 26.82
CA LYS B 285 40.62 8.11 26.91
C LYS B 285 40.86 9.54 27.37
N HIS B 286 40.03 10.48 26.90
CA HIS B 286 40.20 11.89 27.19
C HIS B 286 39.46 12.32 28.47
N CYS B 287 38.83 11.37 29.16
CA CYS B 287 38.10 11.70 30.38
C CYS B 287 38.05 10.50 31.33
N THR B 288 38.62 10.66 32.53
CA THR B 288 38.69 9.55 33.47
C THR B 288 37.35 9.31 34.16
N LYS B 289 36.48 10.32 34.18
CA LYS B 289 35.22 10.18 34.89
C LYS B 289 34.30 9.15 34.23
N ILE B 290 34.36 9.06 32.90
CA ILE B 290 33.40 8.24 32.17
C ILE B 290 33.64 6.76 32.46
N GLN B 291 32.55 6.04 32.74
CA GLN B 291 32.59 4.60 32.93
C GLN B 291 31.49 3.96 32.09
N VAL B 292 31.69 2.70 31.71
CA VAL B 292 30.84 2.05 30.74
C VAL B 292 30.20 0.82 31.36
N ILE B 293 28.94 0.55 30.99
CA ILE B 293 28.21 -0.62 31.45
C ILE B 293 27.87 -1.47 30.22
N ASP B 294 28.21 -2.75 30.28
CA ASP B 294 27.92 -3.66 29.17
C ASP B 294 26.42 -3.95 29.10
N ILE B 295 25.84 -3.78 27.92
CA ILE B 295 24.46 -4.15 27.66
C ILE B 295 24.33 -5.18 26.55
N SER B 296 25.43 -5.80 26.12
CA SER B 296 25.36 -6.78 25.05
C SER B 296 24.52 -7.98 25.45
N MET B 297 24.47 -8.30 26.75
CA MET B 297 23.68 -9.44 27.20
C MET B 297 22.19 -9.22 26.95
N ILE B 298 21.72 -7.99 27.14
CA ILE B 298 20.29 -7.69 26.95
C ILE B 298 19.92 -7.83 25.49
N LEU B 299 20.74 -7.27 24.60
CA LEU B 299 20.48 -7.39 23.17
C LEU B 299 20.53 -8.84 22.71
N ALA B 300 21.52 -9.60 23.20
CA ALA B 300 21.63 -11.01 22.83
C ALA B 300 20.41 -11.79 23.30
N GLU B 301 19.95 -11.52 24.52
CA GLU B 301 18.78 -12.23 25.03
C GLU B 301 17.53 -11.87 24.24
N ALA B 302 17.40 -10.59 23.85
CA ALA B 302 16.27 -10.18 23.03
C ALA B 302 16.30 -10.87 21.66
N ILE B 303 17.50 -10.98 21.08
CA ILE B 303 17.68 -11.64 19.79
C ILE B 303 17.28 -13.10 19.92
N ARG B 304 17.72 -13.76 20.98
CA ARG B 304 17.37 -15.16 21.21
C ARG B 304 15.86 -15.33 21.36
N ARG B 305 15.24 -14.44 22.14
CA ARG B 305 13.80 -14.51 22.36
C ARG B 305 13.04 -14.35 21.05
N THR B 306 13.48 -13.43 20.21
CA THR B 306 12.87 -13.28 18.89
C THR B 306 13.06 -14.52 18.03
N HIS B 307 14.27 -15.08 18.04
CA HIS B 307 14.60 -16.15 17.11
C HIS B 307 13.89 -17.46 17.45
N ASN B 308 14.02 -17.92 18.69
CA ASN B 308 13.45 -19.21 19.05
C ASN B 308 11.94 -19.20 18.90
N GLY B 309 11.26 -18.36 19.69
CA GLY B 309 9.82 -18.26 19.60
C GLY B 309 9.08 -19.50 20.02
N PRO C 2 3.76 -24.61 17.67
CA PRO C 2 3.38 -24.11 16.35
C PRO C 2 1.98 -24.54 15.95
N ASN C 3 1.31 -25.29 16.82
CA ASN C 3 -0.02 -25.79 16.52
C ASN C 3 -1.08 -24.78 16.91
N ILE C 4 -2.34 -25.19 16.75
CA ILE C 4 -3.49 -24.30 16.84
C ILE C 4 -3.59 -23.70 18.24
N VAL C 5 -3.75 -22.38 18.30
CA VAL C 5 -4.11 -21.68 19.53
C VAL C 5 -5.42 -20.97 19.29
N LEU C 6 -6.46 -21.38 20.01
CA LEU C 6 -7.81 -20.89 19.77
C LEU C 6 -8.18 -19.87 20.82
N PHE C 7 -8.76 -18.76 20.37
CA PHE C 7 -9.18 -17.66 21.24
C PHE C 7 -10.66 -17.39 21.04
N SER C 8 -11.29 -16.85 22.07
CA SER C 8 -12.72 -16.58 22.06
C SER C 8 -12.98 -15.16 22.52
N GLY C 9 -14.06 -14.57 21.99
CA GLY C 9 -14.46 -13.23 22.34
C GLY C 9 -15.51 -13.21 23.44
N SER C 10 -15.91 -11.99 23.79
CA SER C 10 -16.93 -11.83 24.84
C SER C 10 -18.27 -12.39 24.41
N SER C 11 -18.64 -12.22 23.14
CA SER C 11 -19.90 -12.73 22.64
C SER C 11 -19.77 -14.20 22.27
N HIS C 12 -20.83 -14.96 22.52
CA HIS C 12 -20.94 -16.35 22.09
C HIS C 12 -19.82 -17.22 22.67
N GLN C 13 -19.80 -17.36 23.99
CA GLN C 13 -18.85 -18.24 24.66
C GLN C 13 -19.18 -19.72 24.42
N ASP C 14 -20.47 -20.04 24.31
CA ASP C 14 -20.89 -21.44 24.20
C ASP C 14 -20.39 -22.06 22.89
N LEU C 15 -20.58 -21.37 21.77
CA LEU C 15 -20.12 -21.88 20.49
C LEU C 15 -18.60 -22.03 20.48
N SER C 16 -17.91 -21.07 21.08
CA SER C 16 -16.45 -21.15 21.16
C SER C 16 -16.02 -22.38 21.94
N GLN C 17 -16.70 -22.66 23.05
CA GLN C 17 -16.37 -23.84 23.84
C GLN C 17 -16.66 -25.12 23.07
N ARG C 18 -17.78 -25.14 22.32
CA ARG C 18 -18.09 -26.29 21.49
C ARG C 18 -17.02 -26.55 20.45
N VAL C 19 -16.60 -25.49 19.76
CA VAL C 19 -15.57 -25.64 18.72
C VAL C 19 -14.25 -26.08 19.34
N ALA C 20 -13.93 -25.55 20.53
CA ALA C 20 -12.71 -25.99 21.21
C ALA C 20 -12.77 -27.46 21.58
N ASP C 21 -13.93 -27.91 22.08
CA ASP C 21 -14.08 -29.32 22.44
C ASP C 21 -13.95 -30.23 21.22
N ARG C 22 -14.57 -29.83 20.11
CA ARG C 22 -14.48 -30.65 18.90
C ARG C 22 -13.06 -30.72 18.36
N LEU C 23 -12.24 -29.72 18.68
CA LEU C 23 -10.84 -29.71 18.28
C LEU C 23 -9.92 -30.37 19.31
N GLY C 24 -10.47 -30.88 20.41
CA GLY C 24 -9.67 -31.48 21.44
C GLY C 24 -8.70 -30.53 22.07
N LEU C 25 -9.10 -29.26 22.21
CA LEU C 25 -8.27 -28.22 22.77
C LEU C 25 -9.10 -27.42 23.77
N GLU C 26 -8.54 -26.32 24.25
CA GLU C 26 -9.26 -25.40 25.12
C GLU C 26 -8.85 -23.98 24.78
N LEU C 27 -9.75 -23.04 25.09
CA LEU C 27 -9.53 -21.65 24.73
C LEU C 27 -8.36 -21.04 25.48
N GLY C 28 -7.63 -20.16 24.82
CA GLY C 28 -6.49 -19.51 25.45
C GLY C 28 -6.90 -18.55 26.53
N LYS C 29 -5.91 -18.13 27.31
CA LYS C 29 -6.15 -17.25 28.45
C LYS C 29 -6.13 -15.80 28.00
N VAL C 30 -7.32 -15.23 27.76
CA VAL C 30 -7.45 -13.83 27.41
C VAL C 30 -8.53 -13.20 28.29
N VAL C 31 -8.22 -12.07 28.89
CA VAL C 31 -9.19 -11.34 29.71
C VAL C 31 -9.63 -10.12 28.94
N THR C 32 -10.91 -10.10 28.54
CA THR C 32 -11.47 -9.01 27.74
C THR C 32 -12.55 -8.34 28.57
N LYS C 33 -12.18 -7.24 29.23
CA LYS C 33 -13.07 -6.43 30.03
C LYS C 33 -13.13 -5.02 29.42
N LYS C 34 -13.77 -4.09 30.11
CA LYS C 34 -13.88 -2.72 29.64
C LYS C 34 -13.34 -1.78 30.70
N PHE C 35 -12.64 -0.74 30.26
CA PHE C 35 -12.22 0.30 31.18
C PHE C 35 -13.42 1.10 31.65
N SER C 36 -13.16 2.09 32.50
CA SER C 36 -14.23 2.90 33.06
C SER C 36 -14.99 3.65 31.98
N ASN C 37 -14.27 4.24 31.02
CA ASN C 37 -14.91 5.01 29.96
C ASN C 37 -15.21 4.17 28.72
N GLN C 38 -15.84 3.01 28.90
CA GLN C 38 -16.39 2.21 27.81
C GLN C 38 -15.36 1.98 26.68
N GLU C 39 -14.12 1.70 27.07
CA GLU C 39 -13.06 1.36 26.13
C GLU C 39 -12.65 -0.09 26.32
N THR C 40 -12.47 -0.81 25.21
CA THR C 40 -12.16 -2.23 25.27
C THR C 40 -10.76 -2.45 25.84
N SER C 41 -10.64 -3.44 26.72
CA SER C 41 -9.37 -3.85 27.31
C SER C 41 -9.13 -5.30 26.92
N VAL C 42 -8.06 -5.55 26.17
CA VAL C 42 -7.69 -6.89 25.74
C VAL C 42 -6.30 -7.22 26.28
N GLU C 43 -6.20 -8.32 27.03
CA GLU C 43 -4.94 -8.78 27.60
C GLU C 43 -4.79 -10.27 27.31
N ILE C 44 -3.84 -10.61 26.45
CA ILE C 44 -3.55 -12.01 26.15
C ILE C 44 -2.56 -12.52 27.19
N GLY C 45 -2.93 -13.60 27.87
CA GLY C 45 -2.13 -14.10 28.97
C GLY C 45 -1.02 -15.07 28.58
N GLU C 46 -1.24 -15.84 27.53
CA GLU C 46 -0.29 -16.86 27.11
C GLU C 46 0.49 -16.39 25.89
N SER C 47 1.54 -17.14 25.55
CA SER C 47 2.42 -16.77 24.44
C SER C 47 1.80 -17.19 23.12
N VAL C 48 1.78 -16.27 22.16
CA VAL C 48 1.30 -16.55 20.82
C VAL C 48 2.39 -16.44 19.77
N ARG C 49 3.66 -16.35 20.18
CA ARG C 49 4.75 -16.20 19.23
C ARG C 49 4.93 -17.47 18.40
N GLY C 50 4.78 -17.33 17.08
CA GLY C 50 4.92 -18.44 16.18
C GLY C 50 3.72 -19.36 16.08
N GLU C 51 2.66 -19.09 16.83
CA GLU C 51 1.47 -19.93 16.82
C GLU C 51 0.55 -19.55 15.67
N ASP C 52 -0.37 -20.46 15.36
CA ASP C 52 -1.37 -20.24 14.30
C ASP C 52 -2.69 -19.94 15.01
N VAL C 53 -2.89 -18.66 15.32
CA VAL C 53 -3.99 -18.23 16.18
C VAL C 53 -5.30 -18.23 15.41
N TYR C 54 -6.36 -18.67 16.08
CA TYR C 54 -7.72 -18.65 15.53
C TYR C 54 -8.59 -17.88 16.51
N ILE C 55 -9.31 -16.88 16.02
CA ILE C 55 -10.20 -16.07 16.85
C ILE C 55 -11.62 -16.22 16.35
N ILE C 56 -12.53 -16.54 17.26
CA ILE C 56 -13.95 -16.70 16.95
C ILE C 56 -14.69 -15.54 17.60
N GLN C 57 -15.31 -14.69 16.78
CA GLN C 57 -16.05 -13.53 17.26
C GLN C 57 -17.26 -13.32 16.34
N SER C 58 -18.44 -13.63 16.85
CA SER C 58 -19.66 -13.48 16.06
C SER C 58 -20.13 -12.02 16.07
N GLY C 59 -20.74 -11.60 14.98
CA GLY C 59 -21.34 -10.28 14.91
C GLY C 59 -22.74 -10.26 15.46
N CYS C 60 -22.88 -10.37 16.77
CA CYS C 60 -24.18 -10.42 17.42
C CYS C 60 -24.14 -9.48 18.63
N GLY C 61 -25.28 -9.33 19.30
CA GLY C 61 -25.36 -8.40 20.41
C GLY C 61 -25.09 -6.97 19.96
N GLU C 62 -24.28 -6.27 20.74
CA GLU C 62 -23.81 -4.95 20.33
C GLU C 62 -22.72 -5.12 19.27
N ILE C 63 -23.03 -4.74 18.04
CA ILE C 63 -22.18 -5.09 16.90
C ILE C 63 -20.86 -4.35 16.96
N ASN C 64 -20.92 -3.04 17.21
CA ASN C 64 -19.71 -2.22 17.17
C ASN C 64 -18.73 -2.64 18.26
N ASP C 65 -19.24 -2.95 19.45
CA ASP C 65 -18.38 -3.31 20.57
C ASP C 65 -17.64 -4.61 20.28
N ASN C 66 -18.35 -5.62 19.79
CA ASN C 66 -17.73 -6.90 19.45
C ASN C 66 -16.75 -6.74 18.30
N LEU C 67 -17.09 -5.91 17.31
CA LEU C 67 -16.18 -5.68 16.19
C LEU C 67 -14.88 -5.03 16.65
N MET C 68 -14.99 -4.05 17.54
CA MET C 68 -13.79 -3.40 18.07
C MET C 68 -12.97 -4.37 18.91
N GLU C 69 -13.65 -5.22 19.68
CA GLU C 69 -12.97 -6.27 20.42
C GLU C 69 -12.17 -7.17 19.48
N LEU C 70 -12.80 -7.60 18.39
CA LEU C 70 -12.13 -8.47 17.42
C LEU C 70 -10.92 -7.80 16.80
N LEU C 71 -11.08 -6.53 16.40
CA LEU C 71 -9.96 -5.82 15.78
C LEU C 71 -8.80 -5.64 16.75
N ILE C 72 -9.10 -5.27 18.00
CA ILE C 72 -8.03 -5.07 18.98
C ILE C 72 -7.34 -6.40 19.27
N MET C 73 -8.10 -7.49 19.35
CA MET C 73 -7.49 -8.79 19.62
C MET C 73 -6.60 -9.24 18.47
N ILE C 74 -7.05 -9.03 17.23
CA ILE C 74 -6.25 -9.39 16.07
C ILE C 74 -4.96 -8.58 16.04
N ASN C 75 -5.07 -7.27 16.31
CA ASN C 75 -3.88 -6.42 16.31
C ASN C 75 -2.90 -6.85 17.39
N ALA C 76 -3.41 -7.17 18.58
CA ALA C 76 -2.55 -7.61 19.68
C ALA C 76 -1.84 -8.91 19.33
N CYS C 77 -2.56 -9.85 18.69
CA CYS C 77 -1.93 -11.10 18.28
C CYS C 77 -0.88 -10.86 17.21
N LYS C 78 -1.14 -9.94 16.28
CA LYS C 78 -0.19 -9.69 15.20
C LYS C 78 1.08 -9.04 15.72
N ILE C 79 0.95 -8.02 16.58
CA ILE C 79 2.12 -7.33 17.11
C ILE C 79 2.94 -8.27 17.99
N ALA C 80 2.31 -9.30 18.54
CA ALA C 80 2.99 -10.27 19.40
C ALA C 80 3.71 -11.36 18.61
N SER C 81 4.01 -11.11 17.33
CA SER C 81 4.83 -12.01 16.51
C SER C 81 4.15 -13.35 16.29
N SER C 82 2.86 -13.32 16.00
CA SER C 82 2.15 -14.55 15.64
C SER C 82 2.42 -14.92 14.19
N SER C 83 2.44 -16.23 13.93
CA SER C 83 2.70 -16.71 12.57
C SER C 83 1.57 -16.31 11.62
N ARG C 84 0.33 -16.60 12.00
CA ARG C 84 -0.82 -16.30 11.16
C ARG C 84 -2.06 -16.21 12.03
N VAL C 85 -2.83 -15.13 11.84
CA VAL C 85 -4.03 -14.86 12.62
C VAL C 85 -5.23 -15.04 11.71
N THR C 86 -6.17 -15.89 12.12
CA THR C 86 -7.39 -16.17 11.38
C THR C 86 -8.59 -15.73 12.20
N ALA C 87 -9.47 -14.95 11.58
CA ALA C 87 -10.68 -14.45 12.24
C ALA C 87 -11.87 -15.27 11.77
N VAL C 88 -12.47 -16.04 12.68
CA VAL C 88 -13.64 -16.84 12.37
C VAL C 88 -14.86 -16.03 12.81
N ILE C 89 -15.64 -15.58 11.84
CA ILE C 89 -16.81 -14.74 12.12
C ILE C 89 -18.06 -15.50 11.69
N PRO C 90 -18.77 -16.15 12.62
CA PRO C 90 -19.99 -16.89 12.22
C PRO C 90 -21.05 -16.03 11.53
N CYS C 91 -21.23 -14.79 11.97
CA CYS C 91 -22.17 -13.87 11.35
C CYS C 91 -21.43 -12.58 11.03
N PHE C 92 -21.28 -12.30 9.74
CA PHE C 92 -20.49 -11.14 9.31
C PHE C 92 -21.24 -9.86 9.62
N PRO C 93 -20.68 -8.95 10.40
CA PRO C 93 -21.38 -7.68 10.68
C PRO C 93 -21.47 -6.81 9.45
N TYR C 94 -22.56 -6.05 9.37
CA TYR C 94 -22.80 -5.09 8.29
C TYR C 94 -22.83 -5.78 6.93
N ALA C 95 -23.28 -7.04 6.91
CA ALA C 95 -23.33 -7.79 5.66
C ALA C 95 -24.49 -7.39 4.77
N ARG C 96 -25.50 -6.71 5.31
CA ARG C 96 -26.61 -6.25 4.50
C ARG C 96 -26.30 -4.95 3.76
N GLN C 97 -25.23 -4.25 4.17
CA GLN C 97 -24.79 -3.04 3.48
C GLN C 97 -23.63 -3.43 2.56
N ASP C 98 -23.98 -4.03 1.42
CA ASP C 98 -23.01 -4.51 0.46
C ASP C 98 -23.10 -3.80 -0.88
N LYS C 99 -24.05 -2.88 -1.05
CA LYS C 99 -24.22 -2.12 -2.28
C LYS C 99 -24.38 -0.65 -1.93
N LYS C 100 -24.21 0.21 -2.93
CA LYS C 100 -24.57 1.61 -2.80
C LYS C 100 -26.05 1.83 -3.12
N ASP C 101 -26.84 0.76 -3.09
CA ASP C 101 -28.29 0.78 -3.25
C ASP C 101 -28.65 1.36 -4.63
N LYS C 102 -29.78 2.05 -4.72
CA LYS C 102 -30.31 2.52 -5.99
C LYS C 102 -30.83 3.94 -5.83
N VAL C 103 -31.61 4.40 -6.81
CA VAL C 103 -32.19 5.74 -6.72
C VAL C 103 -33.05 5.86 -5.46
N GLY C 104 -32.77 6.88 -4.66
CA GLY C 104 -33.46 7.14 -3.43
C GLY C 104 -32.58 7.13 -2.19
N GLU C 105 -31.65 6.18 -2.12
CA GLU C 105 -30.73 6.09 -0.99
C GLU C 105 -29.59 7.07 -1.21
N SER C 106 -29.69 8.23 -0.58
CA SER C 106 -28.77 9.33 -0.82
C SER C 106 -27.44 9.07 -0.14
N ARG C 107 -26.40 8.81 -0.94
CA ARG C 107 -25.02 8.73 -0.49
C ARG C 107 -24.86 7.73 0.66
N ALA C 108 -25.50 6.59 0.51
CA ALA C 108 -25.34 5.52 1.47
C ALA C 108 -23.98 4.86 1.30
N PRO C 109 -23.35 4.45 2.40
CA PRO C 109 -22.01 3.85 2.30
C PRO C 109 -22.05 2.36 2.03
N ILE C 110 -20.87 1.75 1.93
CA ILE C 110 -20.75 0.30 1.83
C ILE C 110 -20.01 -0.18 3.06
N SER C 111 -20.76 -0.55 4.11
CA SER C 111 -20.14 -0.84 5.39
C SER C 111 -19.42 -2.18 5.38
N ALA C 112 -19.85 -3.10 4.51
CA ALA C 112 -19.20 -4.41 4.45
C ALA C 112 -17.76 -4.26 3.97
N LYS C 113 -17.54 -3.43 2.96
CA LYS C 113 -16.17 -3.19 2.50
C LYS C 113 -15.35 -2.47 3.54
N LEU C 114 -15.98 -1.59 4.32
CA LEU C 114 -15.28 -0.90 5.40
C LEU C 114 -14.81 -1.91 6.45
N VAL C 115 -15.68 -2.86 6.81
CA VAL C 115 -15.31 -3.88 7.78
C VAL C 115 -14.21 -4.77 7.21
N ALA C 116 -14.29 -5.08 5.92
CA ALA C 116 -13.25 -5.87 5.27
C ALA C 116 -11.90 -5.17 5.33
N ASN C 117 -11.89 -3.87 5.02
CA ASN C 117 -10.66 -3.09 5.10
C ASN C 117 -10.13 -3.02 6.52
N MET C 118 -11.03 -2.89 7.50
CA MET C 118 -10.63 -2.86 8.89
C MET C 118 -9.95 -4.16 9.30
N LEU C 119 -10.53 -5.29 8.89
CA LEU C 119 -9.93 -6.58 9.22
C LEU C 119 -8.61 -6.79 8.50
N SER C 120 -8.51 -6.29 7.26
CA SER C 120 -7.26 -6.44 6.51
C SER C 120 -6.15 -5.59 7.12
N VAL C 121 -6.48 -4.38 7.56
CA VAL C 121 -5.47 -3.49 8.12
C VAL C 121 -5.14 -3.84 9.57
N ALA C 122 -6.05 -4.53 10.26
CA ALA C 122 -5.75 -4.96 11.62
C ALA C 122 -4.69 -6.06 11.62
N GLY C 123 -4.66 -6.88 10.58
CA GLY C 123 -3.63 -7.90 10.46
C GLY C 123 -4.16 -9.30 10.24
N ALA C 124 -5.42 -9.42 9.83
CA ALA C 124 -6.00 -10.73 9.57
C ALA C 124 -5.39 -11.35 8.32
N ASP C 125 -5.13 -12.65 8.39
CA ASP C 125 -4.58 -13.41 7.28
C ASP C 125 -5.57 -14.36 6.64
N HIS C 126 -6.70 -14.64 7.28
CA HIS C 126 -7.69 -15.58 6.76
C HIS C 126 -9.02 -15.24 7.40
N ILE C 127 -10.12 -15.49 6.67
CA ILE C 127 -11.47 -15.24 7.15
C ILE C 127 -12.31 -16.48 6.94
N ILE C 128 -13.05 -16.88 7.96
CA ILE C 128 -13.99 -18.00 7.88
C ILE C 128 -15.36 -17.49 8.29
N THR C 129 -16.32 -17.59 7.38
CA THR C 129 -17.67 -17.08 7.59
C THR C 129 -18.68 -18.15 7.21
N MET C 130 -19.82 -18.14 7.90
CA MET C 130 -20.89 -19.10 7.66
C MET C 130 -22.06 -18.40 6.97
N ASP C 131 -22.37 -18.85 5.75
CA ASP C 131 -23.54 -18.38 5.01
C ASP C 131 -23.59 -16.86 4.90
N LEU C 132 -22.64 -16.27 4.18
CA LEU C 132 -22.64 -14.84 3.97
C LEU C 132 -23.94 -14.38 3.31
N HIS C 133 -24.35 -13.15 3.63
CA HIS C 133 -25.58 -12.62 3.05
C HIS C 133 -25.47 -12.51 1.53
N ALA C 134 -24.32 -12.03 1.04
CA ALA C 134 -24.00 -12.03 -0.37
C ALA C 134 -22.67 -12.76 -0.55
N SER C 135 -22.65 -13.76 -1.42
CA SER C 135 -21.45 -14.55 -1.65
C SER C 135 -20.35 -13.68 -2.27
N GLN C 136 -20.74 -12.57 -2.90
CA GLN C 136 -19.77 -11.68 -3.51
C GLN C 136 -18.93 -10.91 -2.49
N ILE C 137 -19.30 -10.98 -1.20
CA ILE C 137 -18.48 -10.37 -0.16
C ILE C 137 -17.12 -11.04 -0.08
N GLN C 138 -16.97 -12.24 -0.66
CA GLN C 138 -15.66 -12.87 -0.75
C GLN C 138 -14.67 -11.98 -1.49
N GLY C 139 -15.15 -11.21 -2.46
CA GLY C 139 -14.29 -10.33 -3.23
C GLY C 139 -13.98 -9.03 -2.54
N PHE C 140 -14.59 -8.79 -1.38
CA PHE C 140 -14.30 -7.60 -0.61
C PHE C 140 -12.95 -7.65 0.09
N PHE C 141 -12.34 -8.83 0.16
CA PHE C 141 -11.05 -9.05 0.80
C PHE C 141 -10.02 -9.38 -0.26
N ASP C 142 -8.74 -9.22 0.11
CA ASP C 142 -7.64 -9.73 -0.69
C ASP C 142 -7.03 -10.99 -0.08
N ILE C 143 -7.40 -11.36 1.14
CA ILE C 143 -6.96 -12.58 1.79
C ILE C 143 -7.96 -13.68 1.45
N PRO C 144 -7.62 -14.95 1.59
CA PRO C 144 -8.60 -16.01 1.35
C PRO C 144 -9.79 -15.90 2.29
N VAL C 145 -10.98 -16.21 1.77
CA VAL C 145 -12.21 -16.19 2.54
C VAL C 145 -12.94 -17.51 2.32
N ASP C 146 -13.33 -18.15 3.41
CA ASP C 146 -14.09 -19.40 3.36
C ASP C 146 -15.55 -19.12 3.71
N ASN C 147 -16.43 -19.36 2.75
CA ASN C 147 -17.87 -19.13 2.92
C ASN C 147 -18.52 -20.50 3.12
N LEU C 148 -18.77 -20.85 4.38
CA LEU C 148 -19.37 -22.13 4.70
C LEU C 148 -20.88 -22.09 4.43
N TYR C 149 -21.47 -23.28 4.33
CA TYR C 149 -22.88 -23.43 4.03
C TYR C 149 -23.55 -24.32 5.08
N ALA C 150 -24.69 -23.88 5.58
CA ALA C 150 -25.46 -24.64 6.54
C ALA C 150 -26.56 -25.48 5.91
N GLU C 151 -26.63 -25.51 4.58
CA GLU C 151 -27.66 -26.27 3.86
C GLU C 151 -27.72 -27.75 4.23
N PRO C 152 -26.61 -28.49 4.36
CA PRO C 152 -26.72 -29.90 4.77
C PRO C 152 -27.44 -30.10 6.10
N ALA C 153 -27.23 -29.21 7.07
CA ALA C 153 -27.92 -29.34 8.34
C ALA C 153 -29.41 -29.07 8.19
N VAL C 154 -29.78 -28.08 7.38
CA VAL C 154 -31.19 -27.78 7.14
C VAL C 154 -31.87 -28.97 6.49
N LEU C 155 -31.21 -29.57 5.49
CA LEU C 155 -31.77 -30.73 4.81
C LEU C 155 -31.95 -31.89 5.77
N GLN C 156 -30.95 -32.13 6.63
CA GLN C 156 -31.04 -33.21 7.59
C GLN C 156 -32.19 -33.00 8.56
N TRP C 157 -32.37 -31.76 9.03
CA TRP C 157 -33.48 -31.44 9.92
C TRP C 157 -34.82 -31.67 9.22
N ILE C 158 -34.91 -31.26 7.95
CA ILE C 158 -36.15 -31.46 7.20
C ILE C 158 -36.48 -32.94 7.09
N ARG C 159 -35.47 -33.75 6.76
CA ARG C 159 -35.69 -35.18 6.58
C ARG C 159 -36.08 -35.86 7.90
N GLU C 160 -35.36 -35.55 8.98
CA GLU C 160 -35.57 -36.25 10.23
C GLU C 160 -36.88 -35.83 10.90
N ASN C 161 -37.13 -34.52 10.99
CA ASN C 161 -38.22 -34.03 11.80
C ASN C 161 -39.55 -34.00 11.04
N ILE C 162 -39.57 -33.34 9.88
CA ILE C 162 -40.79 -33.28 9.08
C ILE C 162 -41.00 -34.62 8.38
N ALA C 163 -42.07 -35.32 8.76
CA ALA C 163 -42.30 -36.67 8.22
C ALA C 163 -42.83 -36.63 6.79
N GLU C 164 -43.49 -35.55 6.40
CA GLU C 164 -44.06 -35.41 5.06
C GLU C 164 -43.16 -34.61 4.13
N TRP C 165 -41.84 -34.73 4.29
CA TRP C 165 -40.91 -33.94 3.48
C TRP C 165 -40.89 -34.37 2.02
N LYS C 166 -41.46 -35.53 1.70
CA LYS C 166 -41.48 -35.97 0.30
C LYS C 166 -42.59 -35.31 -0.50
N ASN C 167 -43.56 -34.68 0.16
CA ASN C 167 -44.68 -34.06 -0.53
C ASN C 167 -44.96 -32.68 0.07
N CYS C 168 -43.88 -31.94 0.35
CA CYS C 168 -43.96 -30.57 0.85
C CYS C 168 -43.65 -29.60 -0.29
N ILE C 169 -43.52 -28.32 0.06
CA ILE C 169 -42.98 -27.31 -0.84
C ILE C 169 -42.07 -26.39 -0.01
N ILE C 170 -41.15 -25.74 -0.71
CA ILE C 170 -40.23 -24.78 -0.10
C ILE C 170 -40.51 -23.41 -0.68
N VAL C 171 -40.76 -22.44 0.19
CA VAL C 171 -41.26 -21.12 -0.20
C VAL C 171 -40.26 -20.06 0.22
N SER C 172 -39.97 -19.13 -0.69
CA SER C 172 -39.08 -18.01 -0.39
C SER C 172 -39.93 -16.82 0.06
N PRO C 173 -39.64 -16.22 1.22
CA PRO C 173 -40.46 -15.10 1.68
C PRO C 173 -40.24 -13.81 0.89
N ASP C 174 -39.24 -13.79 0.02
CA ASP C 174 -38.91 -12.59 -0.75
C ASP C 174 -38.35 -13.01 -2.10
N ALA C 175 -38.11 -12.02 -2.97
CA ALA C 175 -37.61 -12.30 -4.31
C ALA C 175 -36.15 -12.70 -4.31
N GLY C 176 -35.36 -12.17 -3.37
CA GLY C 176 -33.94 -12.45 -3.32
C GLY C 176 -33.57 -13.84 -2.84
N GLY C 177 -34.51 -14.58 -2.27
CA GLY C 177 -34.26 -15.92 -1.80
C GLY C 177 -34.58 -17.03 -2.77
N ALA C 178 -34.71 -16.74 -4.06
CA ALA C 178 -35.05 -17.74 -5.06
C ALA C 178 -33.97 -18.79 -5.19
N LYS C 179 -32.70 -18.38 -5.12
CA LYS C 179 -31.59 -19.31 -5.32
C LYS C 179 -31.51 -20.37 -4.23
N ARG C 180 -31.57 -19.94 -2.96
CA ARG C 180 -31.45 -20.86 -1.84
C ARG C 180 -32.61 -21.84 -1.81
N VAL C 181 -33.83 -21.31 -1.94
CA VAL C 181 -35.03 -22.14 -1.95
C VAL C 181 -34.99 -23.12 -3.12
N THR C 182 -34.57 -22.63 -4.28
CA THR C 182 -34.50 -23.45 -5.48
C THR C 182 -33.50 -24.59 -5.31
N SER C 183 -32.32 -24.29 -4.75
CA SER C 183 -31.31 -25.32 -4.53
C SER C 183 -31.79 -26.36 -3.53
N ILE C 184 -32.44 -25.90 -2.46
CA ILE C 184 -32.95 -26.84 -1.46
C ILE C 184 -34.03 -27.74 -2.07
N ALA C 185 -34.93 -27.16 -2.85
CA ALA C 185 -35.98 -27.94 -3.51
C ALA C 185 -35.38 -28.96 -4.46
N ASP C 186 -34.36 -28.56 -5.22
CA ASP C 186 -33.70 -29.49 -6.12
C ASP C 186 -33.03 -30.63 -5.36
N ARG C 187 -32.35 -30.30 -4.25
CA ARG C 187 -31.64 -31.33 -3.49
C ARG C 187 -32.62 -32.29 -2.83
N LEU C 188 -33.78 -31.80 -2.41
CA LEU C 188 -34.81 -32.66 -1.83
C LEU C 188 -35.71 -33.30 -2.88
N ASN C 189 -35.48 -33.02 -4.16
CA ASN C 189 -36.25 -33.59 -5.26
C ASN C 189 -37.74 -33.28 -5.12
N VAL C 190 -38.06 -32.02 -4.87
CA VAL C 190 -39.44 -31.59 -4.66
C VAL C 190 -39.59 -30.20 -5.27
N GLU C 191 -40.83 -29.77 -5.50
CA GLU C 191 -41.13 -28.51 -6.15
C GLU C 191 -41.06 -27.37 -5.14
N PHE C 192 -41.31 -26.15 -5.63
CA PHE C 192 -41.14 -24.94 -4.85
C PHE C 192 -42.14 -23.87 -5.28
N ALA C 193 -42.26 -22.84 -4.46
CA ALA C 193 -43.11 -21.68 -4.71
C ALA C 193 -42.32 -20.40 -4.49
N LEU C 194 -43.01 -19.26 -4.56
CA LEU C 194 -42.36 -17.97 -4.43
C LEU C 194 -43.37 -16.94 -3.92
N ILE C 195 -42.90 -16.02 -3.08
CA ILE C 195 -43.72 -14.96 -2.51
C ILE C 195 -42.98 -13.64 -2.64
N HIS C 196 -43.69 -12.59 -3.03
CA HIS C 196 -43.14 -11.25 -3.13
C HIS C 196 -44.08 -10.25 -2.46
N LYS C 197 -43.50 -9.23 -1.82
CA LYS C 197 -44.28 -8.21 -1.15
C LYS C 197 -44.61 -7.07 -2.11
N GLU C 198 -45.32 -6.05 -1.63
CA GLU C 198 -45.68 -4.88 -2.44
C GLU C 198 -46.45 -5.28 -3.70
N ARG C 207 -50.85 -6.49 -0.85
CA ARG C 207 -49.42 -6.31 -1.06
C ARG C 207 -48.73 -7.63 -1.36
N MET C 208 -49.06 -8.65 -0.60
CA MET C 208 -48.43 -9.95 -0.77
C MET C 208 -48.94 -10.63 -2.04
N VAL C 209 -48.01 -11.17 -2.83
CA VAL C 209 -48.32 -11.90 -4.04
C VAL C 209 -47.65 -13.26 -3.93
N LEU C 210 -48.29 -14.29 -4.49
CA LEU C 210 -47.80 -15.65 -4.37
C LEU C 210 -47.93 -16.36 -5.72
N VAL C 211 -46.87 -17.07 -6.11
CA VAL C 211 -46.88 -17.90 -7.31
C VAL C 211 -46.48 -19.31 -6.91
N GLY C 212 -47.44 -20.21 -6.84
CA GLY C 212 -47.17 -21.58 -6.46
C GLY C 212 -48.46 -22.31 -6.14
N ASP C 213 -48.31 -23.58 -5.75
CA ASP C 213 -49.46 -24.43 -5.50
C ASP C 213 -50.01 -24.21 -4.10
N VAL C 214 -49.20 -24.50 -3.07
CA VAL C 214 -49.51 -24.31 -1.66
C VAL C 214 -50.99 -24.51 -1.33
N LYS C 215 -51.54 -25.64 -1.74
CA LYS C 215 -52.94 -25.96 -1.50
C LYS C 215 -53.02 -27.29 -0.75
N ASP C 216 -53.47 -27.23 0.50
CA ASP C 216 -53.63 -28.42 1.34
C ASP C 216 -52.35 -29.24 1.41
N ARG C 217 -51.23 -28.57 1.63
CA ARG C 217 -49.95 -29.24 1.79
C ARG C 217 -49.11 -28.43 2.77
N VAL C 218 -47.95 -28.95 3.13
CA VAL C 218 -47.08 -28.32 4.11
C VAL C 218 -46.02 -27.51 3.38
N ALA C 219 -45.83 -26.26 3.82
CA ALA C 219 -44.88 -25.34 3.22
C ALA C 219 -43.82 -24.96 4.23
N ILE C 220 -42.59 -24.81 3.74
CA ILE C 220 -41.43 -24.49 4.57
C ILE C 220 -40.84 -23.18 4.07
N LEU C 221 -40.71 -22.21 4.96
CA LEU C 221 -40.11 -20.92 4.61
C LEU C 221 -38.61 -20.97 4.91
N VAL C 222 -37.80 -20.66 3.90
CA VAL C 222 -36.35 -20.69 4.04
C VAL C 222 -35.82 -19.30 3.70
N ASP C 223 -35.04 -18.73 4.63
CA ASP C 223 -34.36 -17.47 4.42
C ASP C 223 -32.98 -17.54 5.06
N ASP C 224 -32.14 -16.56 4.73
CA ASP C 224 -30.80 -16.52 5.30
C ASP C 224 -30.80 -16.02 6.74
N MET C 225 -31.67 -15.07 7.07
CA MET C 225 -31.65 -14.43 8.38
C MET C 225 -33.03 -13.88 8.70
N ALA C 226 -33.22 -13.53 9.96
CA ALA C 226 -34.45 -12.88 10.43
C ALA C 226 -34.10 -11.86 11.50
N ASP C 227 -34.15 -10.58 11.13
CA ASP C 227 -33.81 -9.52 12.07
C ASP C 227 -34.98 -9.18 12.98
N THR C 228 -36.10 -8.73 12.40
CA THR C 228 -37.29 -8.39 13.16
C THR C 228 -38.47 -9.29 12.82
N CYS C 229 -38.27 -10.28 11.97
CA CYS C 229 -39.36 -11.10 11.43
C CYS C 229 -40.42 -10.23 10.74
N GLY C 230 -39.98 -9.14 10.12
CA GLY C 230 -40.87 -8.40 9.26
C GLY C 230 -41.33 -9.22 8.07
N THR C 231 -40.41 -9.98 7.49
CA THR C 231 -40.76 -11.04 6.56
C THR C 231 -41.17 -12.28 7.36
N ILE C 232 -41.22 -13.42 6.67
CA ILE C 232 -41.53 -14.75 7.22
C ILE C 232 -42.88 -14.76 7.93
N CYS C 233 -43.16 -13.78 8.80
CA CYS C 233 -44.47 -13.72 9.44
C CYS C 233 -45.57 -13.43 8.42
N HIS C 234 -45.38 -12.39 7.61
CA HIS C 234 -46.35 -12.09 6.56
C HIS C 234 -46.41 -13.21 5.53
N ALA C 235 -45.28 -13.85 5.24
CA ALA C 235 -45.29 -14.99 4.34
C ALA C 235 -46.11 -16.14 4.90
N ALA C 236 -46.01 -16.41 6.19
CA ALA C 236 -46.82 -17.45 6.81
C ALA C 236 -48.30 -17.07 6.78
N ASP C 237 -48.61 -15.79 7.03
CA ASP C 237 -50.00 -15.35 6.95
C ASP C 237 -50.55 -15.57 5.54
N LYS C 238 -49.78 -15.21 4.52
CA LYS C 238 -50.22 -15.40 3.14
C LYS C 238 -50.37 -16.87 2.80
N LEU C 239 -49.45 -17.71 3.27
CA LEU C 239 -49.53 -19.13 3.02
C LEU C 239 -50.75 -19.75 3.68
N LEU C 240 -51.03 -19.35 4.93
CA LEU C 240 -52.21 -19.85 5.63
C LEU C 240 -53.48 -19.40 4.93
N SER C 241 -53.50 -18.16 4.44
CA SER C 241 -54.64 -17.68 3.67
C SER C 241 -54.82 -18.49 2.39
N ALA C 242 -53.71 -18.86 1.75
CA ALA C 242 -53.78 -19.56 0.48
C ALA C 242 -54.25 -21.01 0.61
N GLY C 243 -54.06 -21.64 1.77
CA GLY C 243 -54.55 -23.00 1.94
C GLY C 243 -53.56 -23.95 2.58
N ALA C 244 -52.37 -23.46 2.93
CA ALA C 244 -51.36 -24.31 3.56
C ALA C 244 -51.86 -24.84 4.89
N THR C 245 -51.67 -26.15 5.12
CA THR C 245 -52.11 -26.75 6.38
C THR C 245 -51.28 -26.25 7.55
N LYS C 246 -49.97 -26.18 7.38
CA LYS C 246 -49.10 -25.63 8.41
C LYS C 246 -47.85 -25.08 7.74
N VAL C 247 -47.18 -24.16 8.43
CA VAL C 247 -46.03 -23.45 7.88
C VAL C 247 -44.84 -23.62 8.83
N TYR C 248 -43.70 -24.02 8.27
CA TYR C 248 -42.44 -24.09 8.98
C TYR C 248 -41.53 -22.96 8.53
N ALA C 249 -40.51 -22.69 9.32
CA ALA C 249 -39.55 -21.63 9.01
C ALA C 249 -38.16 -22.09 9.47
N ILE C 250 -37.23 -22.18 8.53
CA ILE C 250 -35.86 -22.58 8.80
C ILE C 250 -34.96 -21.41 8.39
N LEU C 251 -34.06 -21.02 9.29
CA LEU C 251 -33.21 -19.85 9.11
C LEU C 251 -31.78 -20.20 9.48
N THR C 252 -30.83 -19.46 8.91
CA THR C 252 -29.43 -19.66 9.25
C THR C 252 -29.03 -18.77 10.43
N HIS C 253 -29.17 -17.46 10.27
CA HIS C 253 -28.82 -16.51 11.32
C HIS C 253 -30.09 -15.92 11.92
N GLY C 254 -30.45 -16.37 13.11
CA GLY C 254 -31.61 -15.79 13.77
C GLY C 254 -31.24 -14.66 14.71
N ILE C 255 -31.34 -13.42 14.22
CA ILE C 255 -31.06 -12.27 15.09
C ILE C 255 -32.13 -12.14 16.15
N PHE C 256 -33.39 -12.18 15.75
CA PHE C 256 -34.54 -12.02 16.64
C PHE C 256 -34.41 -10.76 17.49
N SER C 257 -34.17 -9.64 16.81
CA SER C 257 -34.07 -8.34 17.48
C SER C 257 -35.40 -7.60 17.40
N GLY C 258 -35.51 -6.53 18.18
CA GLY C 258 -36.72 -5.74 18.22
C GLY C 258 -37.90 -6.51 18.79
N PRO C 259 -39.05 -6.43 18.12
CA PRO C 259 -40.23 -7.18 18.59
C PRO C 259 -40.02 -8.68 18.49
N ALA C 260 -39.66 -9.15 17.30
CA ALA C 260 -39.29 -10.53 17.01
C ALA C 260 -40.06 -11.56 17.83
N ILE C 261 -39.56 -11.89 19.02
CA ILE C 261 -40.06 -12.98 19.85
C ILE C 261 -41.57 -12.83 20.03
N SER C 262 -42.02 -11.59 20.22
CA SER C 262 -43.45 -11.32 20.35
C SER C 262 -44.19 -11.74 19.09
N ARG C 263 -43.63 -11.46 17.92
CA ARG C 263 -44.30 -11.80 16.67
C ARG C 263 -44.38 -13.31 16.47
N ILE C 264 -43.29 -14.03 16.74
CA ILE C 264 -43.32 -15.48 16.60
C ILE C 264 -44.31 -16.08 17.60
N ASN C 265 -44.35 -15.52 18.81
CA ASN C 265 -45.17 -16.09 19.88
C ASN C 265 -46.65 -16.08 19.51
N ASN C 266 -47.14 -15.00 18.90
CA ASN C 266 -48.55 -14.94 18.53
C ASN C 266 -48.74 -15.27 17.06
N ALA C 267 -47.92 -16.18 16.54
CA ALA C 267 -47.98 -16.61 15.15
C ALA C 267 -48.18 -18.12 15.09
N ALA C 268 -48.55 -18.60 13.90
CA ALA C 268 -48.93 -19.98 13.69
C ALA C 268 -47.78 -20.82 13.12
N PHE C 269 -46.55 -20.53 13.53
CA PHE C 269 -45.42 -21.35 13.16
C PHE C 269 -45.41 -22.64 13.96
N GLU C 270 -45.32 -23.77 13.25
CA GLU C 270 -45.11 -25.04 13.91
C GLU C 270 -43.74 -25.12 14.57
N ALA C 271 -42.72 -24.57 13.92
CA ALA C 271 -41.37 -24.53 14.45
C ALA C 271 -40.56 -23.50 13.68
N VAL C 272 -39.74 -22.74 14.39
CA VAL C 272 -38.82 -21.77 13.79
C VAL C 272 -37.41 -22.29 14.06
N VAL C 273 -36.73 -22.72 13.01
CA VAL C 273 -35.45 -23.41 13.15
C VAL C 273 -34.33 -22.45 12.80
N VAL C 274 -33.31 -22.39 13.66
CA VAL C 274 -32.15 -21.54 13.44
C VAL C 274 -30.90 -22.36 13.72
N THR C 275 -29.73 -21.74 13.62
CA THR C 275 -28.46 -22.41 13.86
C THR C 275 -27.74 -21.71 15.01
N ASN C 276 -26.59 -22.28 15.39
CA ASN C 276 -25.85 -21.79 16.54
C ASN C 276 -25.31 -20.38 16.37
N THR C 277 -25.02 -19.95 15.14
CA THR C 277 -24.15 -18.81 14.84
C THR C 277 -24.37 -17.60 15.75
N ILE C 278 -25.60 -17.36 16.17
CA ILE C 278 -25.93 -16.29 17.10
C ILE C 278 -26.53 -16.92 18.35
N PRO C 279 -26.09 -16.51 19.56
CA PRO C 279 -26.61 -17.13 20.79
C PRO C 279 -28.13 -17.12 20.87
N GLN C 280 -28.72 -18.31 21.00
CA GLN C 280 -30.16 -18.47 21.03
C GLN C 280 -30.68 -18.87 22.40
N GLU C 281 -29.82 -18.89 23.42
CA GLU C 281 -30.18 -19.35 24.75
C GLU C 281 -31.34 -18.55 25.34
N ASP C 282 -31.15 -17.24 25.51
CA ASP C 282 -32.17 -16.42 26.13
C ASP C 282 -33.43 -16.35 25.26
N LYS C 283 -33.26 -16.29 23.94
CA LYS C 283 -34.39 -16.21 23.04
C LYS C 283 -35.28 -17.44 23.13
N MET C 284 -34.66 -18.63 23.23
CA MET C 284 -35.42 -19.87 23.24
C MET C 284 -36.28 -19.98 24.50
N LYS C 285 -35.87 -19.31 25.58
CA LYS C 285 -36.62 -19.41 26.83
C LYS C 285 -37.99 -18.77 26.71
N HIS C 286 -38.09 -17.65 25.98
CA HIS C 286 -39.33 -16.91 25.84
C HIS C 286 -40.16 -17.37 24.64
N CYS C 287 -39.70 -18.39 23.92
CA CYS C 287 -40.42 -18.89 22.75
C CYS C 287 -40.16 -20.37 22.54
N THR C 288 -41.21 -21.19 22.65
CA THR C 288 -41.05 -22.63 22.55
C THR C 288 -40.83 -23.08 21.10
N LYS C 289 -41.28 -22.27 20.14
CA LYS C 289 -41.19 -22.68 18.74
C LYS C 289 -39.74 -22.77 18.26
N ILE C 290 -38.86 -21.93 18.83
CA ILE C 290 -37.50 -21.84 18.32
C ILE C 290 -36.73 -23.10 18.65
N GLN C 291 -36.03 -23.64 17.64
CA GLN C 291 -35.15 -24.79 17.81
C GLN C 291 -33.81 -24.48 17.16
N VAL C 292 -32.75 -25.10 17.67
CA VAL C 292 -31.39 -24.75 17.30
C VAL C 292 -30.72 -25.96 16.64
N ILE C 293 -29.92 -25.69 15.60
CA ILE C 293 -29.13 -26.70 14.93
C ILE C 293 -27.66 -26.40 15.17
N ASP C 294 -26.93 -27.36 15.70
CA ASP C 294 -25.50 -27.17 15.95
C ASP C 294 -24.74 -27.07 14.62
N ILE C 295 -23.84 -26.10 14.53
CA ILE C 295 -22.94 -25.98 13.39
C ILE C 295 -21.48 -25.95 13.81
N SER C 296 -21.17 -26.32 15.04
CA SER C 296 -19.78 -26.28 15.50
C SER C 296 -18.89 -27.24 14.73
N MET C 297 -19.44 -28.35 14.25
CA MET C 297 -18.62 -29.33 13.53
C MET C 297 -18.12 -28.75 12.21
N ILE C 298 -18.94 -27.93 11.54
CA ILE C 298 -18.55 -27.36 10.26
C ILE C 298 -17.40 -26.38 10.46
N LEU C 299 -17.53 -25.49 11.45
CA LEU C 299 -16.47 -24.55 11.75
C LEU C 299 -15.19 -25.26 12.17
N ALA C 300 -15.33 -26.29 13.00
CA ALA C 300 -14.15 -27.04 13.44
C ALA C 300 -13.45 -27.71 12.27
N GLU C 301 -14.23 -28.30 11.35
CA GLU C 301 -13.63 -28.95 10.19
C GLU C 301 -12.96 -27.94 9.29
N ALA C 302 -13.56 -26.75 9.13
CA ALA C 302 -12.94 -25.69 8.34
C ALA C 302 -11.62 -25.25 8.96
N ILE C 303 -11.59 -25.12 10.29
CA ILE C 303 -10.40 -24.72 11.00
C ILE C 303 -9.30 -25.77 10.82
N ARG C 304 -9.67 -27.04 10.93
CA ARG C 304 -8.71 -28.12 10.73
C ARG C 304 -8.16 -28.11 9.31
N ARG C 305 -9.04 -27.91 8.32
CA ARG C 305 -8.61 -27.88 6.93
C ARG C 305 -7.65 -26.73 6.68
N THR C 306 -7.93 -25.56 7.26
CA THR C 306 -7.03 -24.43 7.11
C THR C 306 -5.69 -24.70 7.78
N HIS C 307 -5.71 -25.26 8.99
CA HIS C 307 -4.47 -25.43 9.76
C HIS C 307 -3.57 -26.50 9.14
N ASN C 308 -4.12 -27.67 8.82
CA ASN C 308 -3.30 -28.79 8.39
C ASN C 308 -2.57 -28.47 7.09
N GLY C 309 -3.31 -28.22 6.02
CA GLY C 309 -2.71 -27.89 4.74
C GLY C 309 -1.98 -29.05 4.09
N PRO D 2 -17.81 24.63 -3.38
CA PRO D 2 -16.47 24.13 -3.04
C PRO D 2 -16.04 24.55 -1.64
N ASN D 3 -16.90 25.30 -0.95
CA ASN D 3 -16.58 25.77 0.38
C ASN D 3 -16.95 24.72 1.43
N ILE D 4 -16.76 25.12 2.69
CA ILE D 4 -16.83 24.20 3.83
C ILE D 4 -18.23 23.62 3.97
N VAL D 5 -18.31 22.29 4.09
CA VAL D 5 -19.54 21.60 4.47
C VAL D 5 -19.26 20.89 5.78
N LEU D 6 -19.96 21.30 6.83
CA LEU D 6 -19.70 20.82 8.19
C LEU D 6 -20.74 19.78 8.57
N PHE D 7 -20.28 18.68 9.14
CA PHE D 7 -21.14 17.59 9.57
C PHE D 7 -20.92 17.32 11.06
N SER D 8 -21.94 16.78 11.71
CA SER D 8 -21.91 16.53 13.13
C SER D 8 -22.33 15.09 13.42
N GLY D 9 -21.73 14.52 14.47
CA GLY D 9 -22.05 13.18 14.88
C GLY D 9 -23.13 13.14 15.95
N SER D 10 -23.48 11.92 16.36
CA SER D 10 -24.51 11.75 17.37
C SER D 10 -24.06 12.30 18.72
N SER D 11 -22.79 12.13 19.06
CA SER D 11 -22.27 12.64 20.32
C SER D 11 -21.91 14.12 20.17
N HIS D 12 -22.15 14.88 21.25
CA HIS D 12 -21.73 16.26 21.34
C HIS D 12 -22.33 17.13 20.24
N GLN D 13 -23.65 17.27 20.24
CA GLN D 13 -24.33 18.15 19.29
C GLN D 13 -24.11 19.63 19.62
N ASP D 14 -23.98 19.95 20.92
CA ASP D 14 -23.85 21.34 21.34
C ASP D 14 -22.56 21.97 20.81
N LEU D 15 -21.43 21.26 20.96
CA LEU D 15 -20.17 21.79 20.48
C LEU D 15 -20.18 21.94 18.96
N SER D 16 -20.79 20.98 18.27
CA SER D 16 -20.89 21.07 16.82
C SER D 16 -21.69 22.29 16.40
N GLN D 17 -22.81 22.54 17.09
CA GLN D 17 -23.60 23.73 16.77
C GLN D 17 -22.84 25.01 17.07
N ARG D 18 -22.08 25.02 18.16
CA ARG D 18 -21.27 26.20 18.50
C ARG D 18 -20.23 26.47 17.42
N VAL D 19 -19.52 25.42 16.99
CA VAL D 19 -18.50 25.58 15.94
C VAL D 19 -19.14 26.04 14.64
N ALA D 20 -20.32 25.49 14.32
CA ALA D 20 -21.02 25.94 13.13
C ALA D 20 -21.40 27.41 13.21
N ASP D 21 -21.87 27.85 14.37
CA ASP D 21 -22.24 29.26 14.55
C ASP D 21 -21.02 30.16 14.40
N ARG D 22 -19.88 29.76 14.99
CA ARG D 22 -18.69 30.58 14.88
C ARG D 22 -18.16 30.64 13.45
N LEU D 23 -18.52 29.67 12.63
CA LEU D 23 -18.14 29.66 11.22
C LEU D 23 -19.20 30.31 10.32
N GLY D 24 -20.29 30.80 10.89
CA GLY D 24 -21.35 31.40 10.11
C GLY D 24 -21.99 30.44 9.14
N LEU D 25 -22.10 29.18 9.55
CA LEU D 25 -22.68 28.13 8.72
C LEU D 25 -23.65 27.33 9.58
N GLU D 26 -24.15 26.23 9.02
CA GLU D 26 -24.99 25.31 9.77
C GLU D 26 -24.66 23.88 9.34
N LEU D 27 -24.92 22.94 10.24
CA LEU D 27 -24.56 21.55 10.01
C LEU D 27 -25.36 20.97 8.85
N GLY D 28 -24.73 20.06 8.10
CA GLY D 28 -25.38 19.44 6.98
C GLY D 28 -26.46 18.47 7.40
N LYS D 29 -27.24 18.03 6.41
CA LYS D 29 -28.36 17.15 6.66
C LYS D 29 -27.89 15.70 6.64
N VAL D 30 -27.64 15.14 7.82
CA VAL D 30 -27.28 13.73 7.96
C VAL D 30 -28.11 13.12 9.07
N VAL D 31 -28.71 11.96 8.81
CA VAL D 31 -29.50 11.25 9.81
C VAL D 31 -28.71 10.03 10.24
N THR D 32 -28.25 10.02 11.49
CA THR D 32 -27.43 8.94 12.04
C THR D 32 -28.24 8.25 13.13
N LYS D 33 -28.89 7.15 12.78
CA LYS D 33 -29.67 6.34 13.68
C LYS D 33 -29.06 4.93 13.74
N LYS D 34 -29.75 4.00 14.40
CA LYS D 34 -29.28 2.63 14.51
C LYS D 34 -30.37 1.70 14.03
N PHE D 35 -29.99 0.66 13.29
CA PHE D 35 -30.94 -0.36 12.88
C PHE D 35 -31.38 -1.18 14.09
N SER D 36 -32.26 -2.14 13.82
CA SER D 36 -32.80 -2.97 14.88
C SER D 36 -31.71 -3.75 15.61
N ASN D 37 -30.78 -4.34 14.85
CA ASN D 37 -29.69 -5.10 15.47
C ASN D 37 -28.45 -4.27 15.74
N GLN D 38 -28.61 -3.10 16.35
CA GLN D 38 -27.50 -2.29 16.87
C GLN D 38 -26.40 -2.08 15.83
N GLU D 39 -26.81 -1.78 14.60
CA GLU D 39 -25.87 -1.43 13.53
C GLU D 39 -26.07 0.02 13.13
N THR D 40 -24.97 0.72 12.90
CA THR D 40 -25.03 2.14 12.60
C THR D 40 -25.64 2.38 11.22
N SER D 41 -26.50 3.39 11.14
CA SER D 41 -27.15 3.80 9.89
C SER D 41 -26.76 5.25 9.63
N VAL D 42 -26.03 5.49 8.54
CA VAL D 42 -25.62 6.82 8.17
C VAL D 42 -26.19 7.14 6.79
N GLU D 43 -26.93 8.25 6.70
CA GLU D 43 -27.54 8.70 5.46
C GLU D 43 -27.26 10.19 5.29
N ILE D 44 -26.42 10.53 4.33
CA ILE D 44 -26.12 11.93 4.03
C ILE D 44 -27.18 12.44 3.06
N GLY D 45 -27.86 13.52 3.44
CA GLY D 45 -28.99 14.01 2.68
C GLY D 45 -28.63 14.96 1.55
N GLU D 46 -27.54 15.71 1.72
CA GLU D 46 -27.16 16.72 0.75
C GLU D 46 -25.96 16.25 -0.06
N SER D 47 -25.59 17.05 -1.06
CA SER D 47 -24.49 16.71 -1.95
C SER D 47 -23.15 17.13 -1.34
N VAL D 48 -22.20 16.21 -1.32
CA VAL D 48 -20.84 16.52 -0.87
C VAL D 48 -19.81 16.43 -1.98
N ARG D 49 -20.24 16.34 -3.24
CA ARG D 49 -19.31 16.20 -4.36
C ARG D 49 -18.48 17.48 -4.52
N GLY D 50 -17.17 17.33 -4.40
CA GLY D 50 -16.27 18.45 -4.56
C GLY D 50 -16.13 19.36 -3.36
N GLU D 51 -16.83 19.07 -2.27
CA GLU D 51 -16.82 19.92 -1.10
C GLU D 51 -15.66 19.58 -0.17
N ASP D 52 -15.39 20.49 0.76
CA ASP D 52 -14.39 20.28 1.81
C ASP D 52 -15.15 19.84 3.06
N VAL D 53 -15.36 18.54 3.19
CA VAL D 53 -16.18 18.01 4.27
C VAL D 53 -15.40 18.04 5.58
N TYR D 54 -16.07 18.50 6.64
CA TYR D 54 -15.49 18.57 7.98
C TYR D 54 -16.45 17.83 8.91
N ILE D 55 -15.94 16.81 9.59
CA ILE D 55 -16.76 16.00 10.50
C ILE D 55 -16.22 16.15 11.92
N ILE D 56 -17.11 16.48 12.85
CA ILE D 56 -16.76 16.63 14.26
C ILE D 56 -17.38 15.48 15.01
N GLN D 57 -16.55 14.64 15.64
CA GLN D 57 -17.00 13.48 16.39
C GLN D 57 -16.05 13.28 17.58
N SER D 58 -16.55 13.54 18.78
CA SER D 58 -15.74 13.40 19.98
C SER D 58 -15.76 11.96 20.47
N GLY D 59 -14.62 11.51 21.02
CA GLY D 59 -14.54 10.19 21.61
C GLY D 59 -15.07 10.17 23.03
N CYS D 60 -16.38 10.25 23.18
CA CYS D 60 -17.03 10.30 24.49
C CYS D 60 -18.24 9.37 24.45
N GLY D 61 -18.91 9.23 25.59
CA GLY D 61 -20.03 8.31 25.68
C GLY D 61 -19.59 6.89 25.41
N GLU D 62 -20.40 6.17 24.63
CA GLU D 62 -19.99 4.86 24.14
C GLU D 62 -18.95 5.04 23.04
N ILE D 63 -17.70 4.67 23.35
CA ILE D 63 -16.59 5.02 22.47
C ILE D 63 -16.69 4.27 21.15
N ASN D 64 -16.97 2.96 21.21
CA ASN D 64 -16.94 2.14 20.00
C ASN D 64 -18.02 2.55 19.01
N ASP D 65 -19.22 2.83 19.50
CA ASP D 65 -20.32 3.22 18.61
C ASP D 65 -20.04 4.54 17.92
N ASN D 66 -19.54 5.53 18.68
CA ASN D 66 -19.19 6.82 18.08
C ASN D 66 -18.06 6.68 17.08
N LEU D 67 -17.06 5.86 17.39
CA LEU D 67 -15.95 5.67 16.47
C LEU D 67 -16.41 5.02 15.17
N MET D 68 -17.28 4.01 15.28
CA MET D 68 -17.79 3.35 14.08
C MET D 68 -18.65 4.31 13.27
N GLU D 69 -19.44 5.15 13.95
CA GLU D 69 -20.23 6.16 13.25
C GLU D 69 -19.32 7.12 12.49
N LEU D 70 -18.23 7.56 13.12
CA LEU D 70 -17.28 8.45 12.47
C LEU D 70 -16.66 7.80 11.24
N LEU D 71 -16.23 6.54 11.38
CA LEU D 71 -15.61 5.84 10.26
C LEU D 71 -16.58 5.65 9.11
N ILE D 72 -17.82 5.26 9.42
CA ILE D 72 -18.82 5.07 8.37
C ILE D 72 -19.14 6.39 7.68
N MET D 73 -19.22 7.48 8.44
CA MET D 73 -19.48 8.79 7.84
C MET D 73 -18.34 9.21 6.92
N ILE D 74 -17.09 9.01 7.36
CA ILE D 74 -15.95 9.36 6.53
C ILE D 74 -15.95 8.54 5.25
N ASN D 75 -16.21 7.24 5.36
CA ASN D 75 -16.25 6.39 4.17
C ASN D 75 -17.35 6.82 3.22
N ALA D 76 -18.53 7.14 3.75
CA ALA D 76 -19.63 7.58 2.90
C ALA D 76 -19.29 8.88 2.19
N CYS D 77 -18.66 9.81 2.90
CA CYS D 77 -18.28 11.07 2.27
C CYS D 77 -17.20 10.86 1.22
N LYS D 78 -16.29 9.91 1.44
CA LYS D 78 -15.22 9.67 0.48
C LYS D 78 -15.76 9.01 -0.80
N ILE D 79 -16.63 8.01 -0.64
CA ILE D 79 -17.18 7.33 -1.81
C ILE D 79 -18.07 8.26 -2.62
N ALA D 80 -18.63 9.28 -1.97
CA ALA D 80 -19.50 10.23 -2.64
C ALA D 80 -18.72 11.33 -3.37
N SER D 81 -17.44 11.10 -3.65
CA SER D 81 -16.62 11.98 -4.48
C SER D 81 -16.43 13.36 -3.86
N SER D 82 -16.13 13.39 -2.57
CA SER D 82 -15.80 14.64 -1.91
C SER D 82 -14.33 14.98 -2.12
N SER D 83 -14.03 16.28 -2.16
CA SER D 83 -12.68 16.72 -2.44
C SER D 83 -11.72 16.32 -1.33
N ARG D 84 -12.06 16.62 -0.08
CA ARG D 84 -11.19 16.34 1.04
C ARG D 84 -12.01 16.22 2.31
N VAL D 85 -11.79 15.14 3.05
CA VAL D 85 -12.53 14.85 4.27
C VAL D 85 -11.60 15.06 5.46
N THR D 86 -12.03 15.87 6.41
CA THR D 86 -11.26 16.16 7.62
C THR D 86 -12.04 15.68 8.83
N ALA D 87 -11.36 14.95 9.71
CA ALA D 87 -11.96 14.42 10.93
C ALA D 87 -11.52 15.28 12.11
N VAL D 88 -12.46 15.95 12.74
CA VAL D 88 -12.20 16.78 13.91
C VAL D 88 -12.60 15.96 15.14
N ILE D 89 -11.60 15.53 15.90
CA ILE D 89 -11.84 14.69 17.07
C ILE D 89 -11.37 15.44 18.32
N PRO D 90 -12.28 16.09 19.05
CA PRO D 90 -11.86 16.81 20.27
C PRO D 90 -11.16 15.93 21.29
N CYS D 91 -11.62 14.70 21.47
CA CYS D 91 -11.00 13.76 22.40
C CYS D 91 -10.68 12.49 21.65
N PHE D 92 -9.40 12.22 21.46
CA PHE D 92 -8.97 11.07 20.68
C PHE D 92 -9.25 9.79 21.44
N PRO D 93 -10.06 8.87 20.90
CA PRO D 93 -10.30 7.61 21.59
C PRO D 93 -9.06 6.74 21.66
N TYR D 94 -8.96 5.96 22.73
CA TYR D 94 -7.86 5.01 22.92
C TYR D 94 -6.50 5.71 22.92
N ALA D 95 -6.47 6.96 23.39
CA ALA D 95 -5.24 7.72 23.41
C ALA D 95 -4.32 7.34 24.56
N ARG D 96 -4.84 6.66 25.58
CA ARG D 96 -4.00 6.20 26.68
C ARG D 96 -3.26 4.91 26.35
N GLN D 97 -3.67 4.21 25.30
CA GLN D 97 -2.99 3.01 24.84
C GLN D 97 -2.09 3.40 23.67
N ASP D 98 -0.96 4.01 24.00
CA ASP D 98 0.00 4.48 23.01
C ASP D 98 1.32 3.75 23.06
N LYS D 99 1.49 2.81 23.99
CA LYS D 99 2.72 2.05 24.16
C LYS D 99 2.37 0.58 24.32
N LYS D 100 3.36 -0.27 24.13
CA LYS D 100 3.24 -1.69 24.49
C LYS D 100 3.61 -1.91 25.95
N ASP D 101 3.57 -0.84 26.75
CA ASP D 101 3.76 -0.85 28.21
C ASP D 101 5.15 -1.40 28.52
N LYS D 102 5.26 -2.11 29.66
CA LYS D 102 6.55 -2.57 30.16
C LYS D 102 6.41 -3.99 30.69
N VAL D 103 7.40 -4.45 31.45
CA VAL D 103 7.34 -5.78 32.04
C VAL D 103 6.10 -5.89 32.93
N GLY D 104 5.29 -6.92 32.68
CA GLY D 104 4.07 -7.18 33.42
C GLY D 104 2.82 -7.15 32.57
N GLU D 105 2.71 -6.20 31.64
CA GLU D 105 1.55 -6.12 30.75
C GLU D 105 1.73 -7.14 29.63
N SER D 106 1.08 -8.28 29.79
CA SER D 106 1.28 -9.42 28.90
C SER D 106 0.66 -9.14 27.54
N ARG D 107 1.50 -8.80 26.57
CA ARG D 107 1.13 -8.69 25.16
C ARG D 107 -0.08 -7.76 24.96
N ALA D 108 0.02 -6.58 25.54
CA ALA D 108 -1.00 -5.57 25.34
C ALA D 108 -0.85 -4.92 23.96
N PRO D 109 -1.95 -4.51 23.35
CA PRO D 109 -1.87 -3.90 22.01
C PRO D 109 -1.61 -2.40 22.07
N ILE D 110 -1.52 -1.79 20.89
CA ILE D 110 -1.43 -0.33 20.78
C ILE D 110 -2.70 0.14 20.08
N SER D 111 -3.72 0.49 20.87
CA SER D 111 -5.02 0.78 20.29
C SER D 111 -5.03 2.12 19.56
N ALA D 112 -4.16 3.04 19.96
CA ALA D 112 -4.11 4.35 19.30
C ALA D 112 -3.67 4.20 17.85
N LYS D 113 -2.66 3.37 17.61
CA LYS D 113 -2.22 3.14 16.23
C LYS D 113 -3.28 2.40 15.43
N LEU D 114 -4.03 1.51 16.07
CA LEU D 114 -5.13 0.84 15.39
C LEU D 114 -6.19 1.85 14.95
N VAL D 115 -6.54 2.78 15.83
CA VAL D 115 -7.51 3.82 15.48
C VAL D 115 -6.97 4.70 14.37
N ALA D 116 -5.67 5.00 14.42
CA ALA D 116 -5.05 5.80 13.36
C ALA D 116 -5.12 5.09 12.02
N ASN D 117 -4.82 3.80 12.00
CA ASN D 117 -4.91 3.02 10.76
C ASN D 117 -6.34 2.95 10.25
N MET D 118 -7.30 2.78 11.17
CA MET D 118 -8.71 2.76 10.77
C MET D 118 -9.14 4.07 10.14
N LEU D 119 -8.72 5.19 10.74
CA LEU D 119 -9.06 6.50 10.17
C LEU D 119 -8.38 6.71 8.82
N SER D 120 -7.14 6.24 8.67
CA SER D 120 -6.44 6.39 7.41
C SER D 120 -7.08 5.55 6.31
N VAL D 121 -7.52 4.33 6.65
CA VAL D 121 -8.10 3.45 5.65
C VAL D 121 -9.54 3.82 5.35
N ALA D 122 -10.22 4.51 6.28
CA ALA D 122 -11.57 4.98 6.00
C ALA D 122 -11.57 6.06 4.93
N GLY D 123 -10.53 6.89 4.89
CA GLY D 123 -10.42 7.90 3.87
C GLY D 123 -10.18 9.30 4.39
N ALA D 124 -9.77 9.43 5.63
CA ALA D 124 -9.49 10.73 6.21
C ALA D 124 -8.23 11.34 5.60
N ASP D 125 -8.31 12.64 5.30
CA ASP D 125 -7.19 13.37 4.74
C ASP D 125 -6.53 14.32 5.72
N HIS D 126 -7.17 14.61 6.85
CA HIS D 126 -6.65 15.54 7.84
C HIS D 126 -7.25 15.19 9.18
N ILE D 127 -6.52 15.44 10.26
CA ILE D 127 -6.98 15.18 11.62
C ILE D 127 -6.73 16.42 12.47
N ILE D 128 -7.75 16.84 13.21
CA ILE D 128 -7.64 17.95 14.15
C ILE D 128 -8.02 17.45 15.52
N THR D 129 -7.10 17.55 16.47
CA THR D 129 -7.29 17.03 17.81
C THR D 129 -6.90 18.11 18.83
N MET D 130 -7.55 18.08 19.98
CA MET D 130 -7.30 19.04 21.04
C MET D 130 -6.59 18.34 22.19
N ASP D 131 -5.37 18.79 22.49
CA ASP D 131 -4.60 18.34 23.64
C ASP D 131 -4.49 16.82 23.70
N LEU D 132 -3.77 16.24 22.74
CA LEU D 132 -3.57 14.80 22.71
C LEU D 132 -2.88 14.34 24.00
N HIS D 133 -3.20 13.12 24.42
CA HIS D 133 -2.59 12.57 25.63
C HIS D 133 -1.08 12.46 25.48
N ALA D 134 -0.63 11.97 24.31
CA ALA D 134 0.78 11.95 23.96
C ALA D 134 0.94 12.68 22.64
N SER D 135 1.81 13.68 22.61
CA SER D 135 2.02 14.48 21.40
C SER D 135 2.61 13.63 20.29
N GLN D 136 3.25 12.52 20.65
CA GLN D 136 3.84 11.63 19.66
C GLN D 136 2.80 10.89 18.84
N ILE D 137 1.53 10.93 19.24
CA ILE D 137 0.47 10.33 18.44
C ILE D 137 0.36 11.01 17.08
N GLN D 138 0.92 12.20 16.93
CA GLN D 138 1.00 12.83 15.62
C GLN D 138 1.73 11.94 14.62
N GLY D 139 2.70 11.17 15.10
CA GLY D 139 3.46 10.29 14.25
C GLY D 139 2.76 8.97 13.95
N PHE D 140 1.62 8.75 14.59
CA PHE D 140 0.83 7.55 14.33
C PHE D 140 0.10 7.61 13.00
N PHE D 141 0.05 8.78 12.37
CA PHE D 141 -0.63 9.00 11.10
C PHE D 141 0.39 9.32 10.02
N ASP D 142 -0.02 9.15 8.77
CA ASP D 142 0.74 9.67 7.64
C ASP D 142 0.13 10.93 7.04
N ILE D 143 -1.09 11.28 7.44
CA ILE D 143 -1.74 12.52 7.02
C ILE D 143 -1.39 13.61 8.03
N PRO D 144 -1.53 14.89 7.69
CA PRO D 144 -1.26 15.94 8.68
C PRO D 144 -2.18 15.82 9.89
N VAL D 145 -1.62 16.12 11.07
CA VAL D 145 -2.36 16.10 12.32
C VAL D 145 -2.07 17.40 13.06
N ASP D 146 -3.13 18.08 13.49
CA ASP D 146 -3.02 19.32 14.24
C ASP D 146 -3.38 19.07 15.70
N ASN D 147 -2.40 19.29 16.58
CA ASN D 147 -2.57 19.08 18.02
C ASN D 147 -2.78 20.44 18.67
N LEU D 148 -4.04 20.83 18.84
CA LEU D 148 -4.36 22.11 19.46
C LEU D 148 -4.10 22.04 20.97
N TYR D 149 -3.91 23.22 21.56
CA TYR D 149 -3.61 23.34 22.98
C TYR D 149 -4.64 24.25 23.64
N ALA D 150 -5.13 23.81 24.80
CA ALA D 150 -6.10 24.59 25.57
C ALA D 150 -5.46 25.41 26.68
N GLU D 151 -4.12 25.43 26.75
CA GLU D 151 -3.41 26.19 27.79
C GLU D 151 -3.76 27.68 27.84
N PRO D 152 -3.88 28.40 26.73
CA PRO D 152 -4.26 29.83 26.84
C PRO D 152 -5.58 30.06 27.57
N ALA D 153 -6.57 29.18 27.38
CA ALA D 153 -7.83 29.32 28.11
C ALA D 153 -7.64 29.05 29.59
N VAL D 154 -6.80 28.06 29.92
CA VAL D 154 -6.54 27.75 31.33
C VAL D 154 -5.88 28.94 32.02
N LEU D 155 -4.89 29.54 31.35
CA LEU D 155 -4.22 30.71 31.93
C LEU D 155 -5.19 31.87 32.12
N GLN D 156 -6.04 32.10 31.13
CA GLN D 156 -7.02 33.18 31.22
C GLN D 156 -7.98 32.97 32.39
N TRP D 157 -8.45 31.73 32.56
CA TRP D 157 -9.33 31.42 33.67
C TRP D 157 -8.63 31.62 35.00
N ILE D 158 -7.36 31.20 35.09
CA ILE D 158 -6.60 31.37 36.33
C ILE D 158 -6.48 32.85 36.67
N ARG D 159 -6.16 33.67 35.67
CA ARG D 159 -5.99 35.10 35.90
C ARG D 159 -7.30 35.77 36.31
N GLU D 160 -8.39 35.47 35.59
CA GLU D 160 -9.64 36.17 35.83
C GLU D 160 -10.29 35.75 37.15
N ASN D 161 -10.38 34.44 37.40
CA ASN D 161 -11.17 33.94 38.52
C ASN D 161 -10.38 33.92 39.83
N ILE D 162 -9.21 33.30 39.83
CA ILE D 162 -8.39 33.25 41.04
C ILE D 162 -7.67 34.58 41.20
N ALA D 163 -8.02 35.32 42.26
CA ALA D 163 -7.46 36.65 42.46
C ALA D 163 -6.03 36.61 43.00
N GLU D 164 -5.65 35.52 43.66
CA GLU D 164 -4.32 35.37 44.22
C GLU D 164 -3.39 34.58 43.31
N TRP D 165 -3.59 34.69 41.99
CA TRP D 165 -2.81 33.90 41.06
C TRP D 165 -1.35 34.32 40.99
N LYS D 166 -1.01 35.50 41.52
CA LYS D 166 0.37 35.95 41.49
C LYS D 166 1.22 35.31 42.59
N ASN D 167 0.60 34.65 43.57
CA ASN D 167 1.33 34.05 44.67
C ASN D 167 0.78 32.65 44.96
N CYS D 168 0.52 31.89 43.91
CA CYS D 168 0.04 30.53 44.01
C CYS D 168 1.11 29.57 43.50
N ILE D 169 0.77 28.28 43.50
CA ILE D 169 1.63 27.25 42.92
C ILE D 169 0.75 26.30 42.11
N ILE D 170 1.39 25.62 41.17
CA ILE D 170 0.74 24.62 40.33
C ILE D 170 1.33 23.26 40.62
N VAL D 171 0.47 22.28 40.89
CA VAL D 171 0.87 20.96 41.35
C VAL D 171 0.38 19.92 40.36
N SER D 172 1.28 19.00 39.98
CA SER D 172 0.91 17.90 39.11
C SER D 172 0.54 16.68 39.94
N PRO D 173 -0.62 16.06 39.70
CA PRO D 173 -1.03 14.94 40.55
C PRO D 173 -0.22 13.67 40.32
N ASP D 174 0.62 13.65 39.28
CA ASP D 174 1.40 12.47 38.96
C ASP D 174 2.76 12.91 38.42
N ALA D 175 3.62 11.93 38.13
CA ALA D 175 4.97 12.23 37.65
C ALA D 175 4.97 12.65 36.19
N GLY D 176 4.04 12.12 35.39
CA GLY D 176 4.02 12.42 33.97
C GLY D 176 3.50 13.80 33.61
N GLY D 177 2.93 14.54 34.57
CA GLY D 177 2.43 15.87 34.32
C GLY D 177 3.39 16.99 34.61
N ALA D 178 4.69 16.71 34.76
CA ALA D 178 5.68 17.73 35.08
C ALA D 178 5.79 18.76 33.98
N LYS D 179 5.72 18.32 32.72
CA LYS D 179 5.90 19.24 31.59
C LYS D 179 4.81 20.29 31.51
N ARG D 180 3.55 19.87 31.58
CA ARG D 180 2.42 20.79 31.46
C ARG D 180 2.39 21.78 32.61
N VAL D 181 2.50 21.27 33.85
CA VAL D 181 2.50 22.12 35.04
C VAL D 181 3.67 23.09 34.99
N THR D 182 4.83 22.59 34.56
CA THR D 182 6.03 23.42 34.47
C THR D 182 5.85 24.55 33.46
N SER D 183 5.27 24.22 32.30
CA SER D 183 5.03 25.24 31.29
C SER D 183 4.06 26.29 31.79
N ILE D 184 3.00 25.85 32.48
CA ILE D 184 2.03 26.80 33.03
C ILE D 184 2.69 27.69 34.08
N ALA D 185 3.55 27.11 34.92
CA ALA D 185 4.24 27.89 35.93
C ALA D 185 5.15 28.94 35.30
N ASP D 186 5.86 28.56 34.23
CA ASP D 186 6.69 29.53 33.53
C ASP D 186 5.84 30.63 32.91
N ARG D 187 4.70 30.28 32.32
CA ARG D 187 3.85 31.27 31.69
C ARG D 187 3.28 32.24 32.72
N LEU D 188 2.92 31.74 33.90
CA LEU D 188 2.38 32.58 34.96
C LEU D 188 3.46 33.23 35.81
N ASN D 189 4.74 32.96 35.52
CA ASN D 189 5.87 33.54 36.25
C ASN D 189 5.80 33.24 37.73
N VAL D 190 5.50 31.98 38.05
CA VAL D 190 5.44 31.55 39.44
C VAL D 190 5.99 30.12 39.54
N GLU D 191 6.10 29.59 40.76
CA GLU D 191 6.75 28.32 41.03
C GLU D 191 5.76 27.17 40.97
N PHE D 192 6.25 25.97 41.24
CA PHE D 192 5.48 24.74 41.06
C PHE D 192 5.95 23.68 42.06
N ALA D 193 5.16 22.62 42.17
CA ALA D 193 5.43 21.48 43.04
C ALA D 193 5.19 20.18 42.28
N LEU D 194 5.32 19.05 42.98
CA LEU D 194 5.18 17.74 42.37
C LEU D 194 4.62 16.76 43.40
N ILE D 195 3.75 15.86 42.93
CA ILE D 195 3.18 14.80 43.76
C ILE D 195 3.27 13.49 43.01
N HIS D 196 3.67 12.43 43.71
CA HIS D 196 3.79 11.09 43.14
C HIS D 196 3.13 10.08 44.07
N LYS D 197 2.55 9.04 43.48
CA LYS D 197 1.89 7.99 44.24
C LYS D 197 2.86 6.85 44.53
N GLU D 198 2.42 5.83 45.27
CA GLU D 198 3.25 4.69 45.62
C GLU D 198 4.51 5.10 46.35
N ARG D 207 1.72 6.55 50.92
CA ARG D 207 1.89 6.31 49.50
C ARG D 207 2.24 7.59 48.74
N MET D 208 1.43 8.62 48.93
CA MET D 208 1.67 9.90 48.28
C MET D 208 2.96 10.53 48.81
N VAL D 209 3.76 11.05 47.88
CA VAL D 209 4.97 11.80 48.22
C VAL D 209 4.85 13.18 47.58
N LEU D 210 5.39 14.18 48.25
CA LEU D 210 5.27 15.56 47.82
C LEU D 210 6.60 16.29 47.94
N VAL D 211 6.95 17.06 46.91
CA VAL D 211 8.16 17.87 46.90
C VAL D 211 7.76 19.28 46.49
N GLY D 212 7.78 20.21 47.44
CA GLY D 212 7.39 21.58 47.17
C GLY D 212 7.08 22.30 48.46
N ASP D 213 6.71 23.58 48.32
CA ASP D 213 6.47 24.41 49.49
C ASP D 213 5.06 24.19 50.03
N VAL D 214 4.05 24.52 49.21
CA VAL D 214 2.62 24.35 49.49
C VAL D 214 2.28 24.48 50.98
N LYS D 215 2.71 25.58 51.59
CA LYS D 215 2.43 25.85 53.00
C LYS D 215 1.63 27.14 53.12
N ASP D 216 0.39 27.02 53.59
CA ASP D 216 -0.49 28.16 53.83
C ASP D 216 -0.63 29.03 52.58
N ARG D 217 -0.79 28.38 51.44
CA ARG D 217 -0.98 29.07 50.17
C ARG D 217 -1.98 28.28 49.34
N VAL D 218 -2.24 28.75 48.13
CA VAL D 218 -3.24 28.13 47.26
C VAL D 218 -2.53 27.39 46.13
N ALA D 219 -2.99 26.18 45.86
CA ALA D 219 -2.42 25.32 44.83
C ALA D 219 -3.49 24.93 43.82
N ILE D 220 -3.08 24.82 42.56
CA ILE D 220 -3.97 24.45 41.47
C ILE D 220 -3.45 23.15 40.86
N LEU D 221 -4.31 22.14 40.80
CA LEU D 221 -3.94 20.86 40.21
C LEU D 221 -4.28 20.87 38.72
N VAL D 222 -3.29 20.62 37.88
CA VAL D 222 -3.47 20.62 36.43
C VAL D 222 -3.11 19.24 35.90
N ASP D 223 -4.02 18.65 35.14
CA ASP D 223 -3.80 17.38 34.47
C ASP D 223 -4.46 17.44 33.10
N ASP D 224 -4.15 16.44 32.27
CA ASP D 224 -4.73 16.40 30.92
C ASP D 224 -6.19 15.94 30.96
N MET D 225 -6.52 15.01 31.84
CA MET D 225 -7.85 14.40 31.83
C MET D 225 -8.16 13.86 33.22
N ALA D 226 -9.40 13.41 33.40
CA ALA D 226 -9.84 12.79 34.64
C ALA D 226 -10.90 11.75 34.32
N ASP D 227 -10.54 10.48 34.37
CA ASP D 227 -11.46 9.41 34.05
C ASP D 227 -12.36 9.08 35.25
N THR D 228 -11.76 8.64 36.34
CA THR D 228 -12.50 8.29 37.55
C THR D 228 -12.16 9.19 38.73
N CYS D 229 -11.32 10.19 38.53
CA CYS D 229 -10.82 11.03 39.61
C CYS D 229 -10.13 10.21 40.69
N GLY D 230 -9.53 9.09 40.30
CA GLY D 230 -8.66 8.37 41.22
C GLY D 230 -7.45 9.20 41.60
N THR D 231 -6.88 9.92 40.63
CA THR D 231 -5.93 10.97 40.91
C THR D 231 -6.69 12.23 41.32
N ILE D 232 -5.98 13.35 41.34
CA ILE D 232 -6.49 14.69 41.65
C ILE D 232 -7.18 14.72 43.02
N CYS D 233 -8.05 13.76 43.31
CA CYS D 233 -8.67 13.70 44.64
C CYS D 233 -7.63 13.34 45.70
N HIS D 234 -6.81 12.32 45.43
CA HIS D 234 -5.74 11.97 46.35
C HIS D 234 -4.72 13.11 46.48
N ALA D 235 -4.41 13.78 45.36
CA ALA D 235 -3.52 14.93 45.42
C ALA D 235 -4.11 16.06 46.26
N ALA D 236 -5.42 16.30 46.16
CA ALA D 236 -6.06 17.31 46.99
C ALA D 236 -5.99 16.94 48.46
N ASP D 237 -6.23 15.67 48.78
CA ASP D 237 -6.13 15.23 50.17
C ASP D 237 -4.70 15.43 50.70
N LYS D 238 -3.71 15.04 49.89
CA LYS D 238 -2.31 15.21 50.31
C LYS D 238 -1.96 16.68 50.49
N LEU D 239 -2.42 17.53 49.56
CA LEU D 239 -2.12 18.95 49.64
C LEU D 239 -2.77 19.59 50.85
N LEU D 240 -4.02 19.21 51.14
CA LEU D 240 -4.72 19.73 52.31
C LEU D 240 -4.03 19.29 53.59
N SER D 241 -3.57 18.04 53.64
CA SER D 241 -2.82 17.58 54.78
C SER D 241 -1.50 18.35 54.92
N ALA D 242 -0.89 18.70 53.79
CA ALA D 242 0.39 19.40 53.81
C ALA D 242 0.30 20.83 54.31
N GLY D 243 -0.84 21.50 54.12
CA GLY D 243 -0.98 22.86 54.60
C GLY D 243 -1.61 23.84 53.63
N ALA D 244 -1.99 23.36 52.45
CA ALA D 244 -2.64 24.22 51.47
C ALA D 244 -3.97 24.73 51.97
N THR D 245 -4.20 26.04 51.79
CA THR D 245 -5.45 26.63 52.28
C THR D 245 -6.65 26.14 51.47
N LYS D 246 -6.54 26.16 50.14
CA LYS D 246 -7.57 25.61 49.28
C LYS D 246 -6.92 25.07 48.02
N VAL D 247 -7.61 24.12 47.38
CA VAL D 247 -7.08 23.39 46.23
C VAL D 247 -8.04 23.54 45.07
N TYR D 248 -7.51 23.93 43.91
CA TYR D 248 -8.26 24.00 42.67
C TYR D 248 -7.83 22.85 41.75
N ALA D 249 -8.64 22.59 40.74
CA ALA D 249 -8.37 21.53 39.78
C ALA D 249 -8.80 22.00 38.40
N ILE D 250 -7.86 22.06 37.47
CA ILE D 250 -8.13 22.48 36.10
C ILE D 250 -7.76 21.32 35.18
N LEU D 251 -8.67 20.96 34.29
CA LEU D 251 -8.52 19.79 33.43
C LEU D 251 -8.92 20.16 32.01
N THR D 252 -8.39 19.41 31.04
CA THR D 252 -8.74 19.64 29.65
C THR D 252 -9.92 18.76 29.23
N HIS D 253 -9.76 17.44 29.36
CA HIS D 253 -10.83 16.50 29.02
C HIS D 253 -11.40 15.91 30.29
N GLY D 254 -12.60 16.34 30.68
CA GLY D 254 -13.23 15.77 31.84
C GLY D 254 -14.17 14.63 31.51
N ILE D 255 -13.68 13.39 31.62
CA ILE D 255 -14.53 12.24 31.38
C ILE D 255 -15.58 12.11 32.48
N PHE D 256 -15.14 12.15 33.74
CA PHE D 256 -16.00 11.99 34.90
C PHE D 256 -16.85 10.72 34.79
N SER D 257 -16.18 9.60 34.57
CA SER D 257 -16.83 8.31 34.46
C SER D 257 -16.76 7.55 35.79
N GLY D 258 -17.51 6.47 35.87
CA GLY D 258 -17.56 5.66 37.06
C GLY D 258 -18.14 6.42 38.24
N PRO D 259 -17.48 6.32 39.40
CA PRO D 259 -17.95 7.07 40.58
C PRO D 259 -17.85 8.56 40.37
N ALA D 260 -16.66 9.03 40.01
CA ALA D 260 -16.36 10.43 39.69
C ALA D 260 -17.16 11.43 40.51
N ILE D 261 -18.36 11.78 40.03
CA ILE D 261 -19.18 12.86 40.58
C ILE D 261 -19.35 12.69 42.09
N SER D 262 -19.47 11.44 42.53
CA SER D 262 -19.55 11.15 43.96
C SER D 262 -18.28 11.62 44.67
N ARG D 263 -17.13 11.40 44.05
CA ARG D 263 -15.86 11.78 44.69
C ARG D 263 -15.69 13.29 44.76
N ILE D 264 -16.00 14.00 43.67
CA ILE D 264 -15.88 15.46 43.69
C ILE D 264 -16.88 16.05 44.67
N ASN D 265 -18.09 15.49 44.73
CA ASN D 265 -19.12 16.04 45.60
C ASN D 265 -18.69 16.00 47.06
N ASN D 266 -18.18 14.86 47.52
CA ASN D 266 -17.65 14.77 48.87
C ASN D 266 -16.15 15.05 48.93
N ALA D 267 -15.74 16.15 48.31
CA ALA D 267 -14.35 16.58 48.31
C ALA D 267 -14.28 18.06 48.64
N ALA D 268 -13.06 18.53 48.90
CA ALA D 268 -12.81 19.93 49.27
C ALA D 268 -12.29 20.76 48.10
N PHE D 269 -12.73 20.46 46.88
CA PHE D 269 -12.38 21.26 45.73
C PHE D 269 -13.18 22.56 45.71
N GLU D 270 -12.48 23.67 45.54
CA GLU D 270 -13.16 24.94 45.34
C GLU D 270 -13.83 25.00 43.97
N ALA D 271 -13.18 24.44 42.94
CA ALA D 271 -13.74 24.40 41.60
C ALA D 271 -12.98 23.38 40.79
N VAL D 272 -13.70 22.62 39.97
CA VAL D 272 -13.12 21.67 39.04
C VAL D 272 -13.42 22.18 37.64
N VAL D 273 -12.39 22.61 36.93
CA VAL D 273 -12.57 23.31 35.66
C VAL D 273 -12.24 22.37 34.52
N VAL D 274 -13.12 22.34 33.51
CA VAL D 274 -12.93 21.50 32.33
C VAL D 274 -13.24 22.32 31.09
N THR D 275 -13.18 21.69 29.92
CA THR D 275 -13.46 22.35 28.66
C THR D 275 -14.62 21.64 27.97
N ASN D 276 -15.03 22.18 26.82
CA ASN D 276 -16.18 21.63 26.10
C ASN D 276 -15.98 20.20 25.62
N THR D 277 -14.74 19.81 25.32
CA THR D 277 -14.43 18.67 24.46
C THR D 277 -15.30 17.44 24.71
N ILE D 278 -15.72 17.21 25.94
CA ILE D 278 -16.64 16.15 26.30
C ILE D 278 -17.88 16.78 26.91
N PRO D 279 -19.09 16.39 26.49
CA PRO D 279 -20.31 17.02 27.02
C PRO D 279 -20.39 17.02 28.53
N GLN D 280 -20.44 18.20 29.13
CA GLN D 280 -20.49 18.35 30.57
C GLN D 280 -21.86 18.76 31.09
N GLU D 281 -22.87 18.80 30.21
CA GLU D 281 -24.21 19.25 30.56
C GLU D 281 -24.80 18.47 31.73
N ASP D 282 -24.95 17.16 31.56
CA ASP D 282 -25.57 16.34 32.61
C ASP D 282 -24.70 16.26 33.85
N LYS D 283 -23.38 16.21 33.67
CA LYS D 283 -22.46 16.13 34.80
C LYS D 283 -22.55 17.36 35.68
N MET D 284 -22.68 18.54 35.06
CA MET D 284 -22.68 19.79 35.81
C MET D 284 -23.90 19.90 36.72
N LYS D 285 -25.00 19.24 36.34
CA LYS D 285 -26.22 19.33 37.15
C LYS D 285 -26.03 18.69 38.52
N HIS D 286 -25.30 17.57 38.58
CA HIS D 286 -25.14 16.81 39.82
C HIS D 286 -23.92 17.27 40.62
N CYS D 287 -23.21 18.29 40.15
CA CYS D 287 -22.04 18.79 40.85
C CYS D 287 -21.84 20.28 40.60
N THR D 288 -21.91 21.08 41.67
CA THR D 288 -21.83 22.53 41.51
C THR D 288 -20.40 22.99 41.27
N LYS D 289 -19.42 22.17 41.66
CA LYS D 289 -18.02 22.59 41.54
C LYS D 289 -17.59 22.69 40.09
N ILE D 290 -18.16 21.86 39.22
CA ILE D 290 -17.67 21.77 37.85
C ILE D 290 -18.00 23.04 37.09
N GLN D 291 -17.00 23.57 36.37
CA GLN D 291 -17.18 24.72 35.50
C GLN D 291 -16.56 24.41 34.14
N VAL D 292 -17.10 25.04 33.10
CA VAL D 292 -16.77 24.68 31.73
C VAL D 292 -16.14 25.89 31.03
N ILE D 293 -15.14 25.63 30.19
CA ILE D 293 -14.48 26.65 29.39
C ILE D 293 -14.74 26.35 27.92
N ASP D 294 -15.25 27.34 27.20
CA ASP D 294 -15.52 27.16 25.77
C ASP D 294 -14.21 27.07 25.00
N ILE D 295 -14.12 26.06 24.12
CA ILE D 295 -13.00 25.93 23.20
C ILE D 295 -13.44 25.88 21.75
N SER D 296 -14.71 26.21 21.45
CA SER D 296 -15.19 26.16 20.08
C SER D 296 -14.45 27.13 19.18
N MET D 297 -13.97 28.25 19.73
CA MET D 297 -13.27 29.23 18.91
C MET D 297 -11.96 28.66 18.39
N ILE D 298 -11.27 27.86 19.20
CA ILE D 298 -10.00 27.28 18.78
C ILE D 298 -10.21 26.30 17.62
N LEU D 299 -11.20 25.42 17.76
CA LEU D 299 -11.51 24.48 16.69
C LEU D 299 -11.96 25.20 15.43
N ALA D 300 -12.80 26.24 15.57
CA ALA D 300 -13.25 26.99 14.41
C ALA D 300 -12.08 27.68 13.70
N GLU D 301 -11.16 28.25 14.47
CA GLU D 301 -10.01 28.92 13.87
C GLU D 301 -9.10 27.91 13.17
N ALA D 302 -8.93 26.72 13.77
CA ALA D 302 -8.14 25.69 13.13
C ALA D 302 -8.77 25.23 11.82
N ILE D 303 -10.10 25.10 11.82
CA ILE D 303 -10.84 24.69 10.62
C ILE D 303 -10.68 25.74 9.53
N ARG D 304 -10.80 27.01 9.91
CA ARG D 304 -10.62 28.09 8.94
C ARG D 304 -9.21 28.10 8.37
N ARG D 305 -8.21 27.91 9.24
CA ARG D 305 -6.83 27.88 8.81
C ARG D 305 -6.58 26.74 7.82
N THR D 306 -7.14 25.57 8.11
CA THR D 306 -7.00 24.43 7.20
C THR D 306 -7.68 24.71 5.87
N HIS D 307 -8.90 25.27 5.91
CA HIS D 307 -9.69 25.45 4.70
C HIS D 307 -9.08 26.51 3.78
N ASN D 308 -8.78 27.69 4.32
CA ASN D 308 -8.34 28.79 3.48
C ASN D 308 -7.04 28.47 2.76
N GLY D 309 -5.97 28.24 3.51
CA GLY D 309 -4.69 27.90 2.93
C GLY D 309 -4.07 29.04 2.14
N PRO E 2 -0.78 30.13 -4.71
CA PRO E 2 -0.89 28.85 -5.39
C PRO E 2 0.20 28.64 -6.43
N ASN E 3 1.01 29.68 -6.66
CA ASN E 3 2.05 29.60 -7.66
C ASN E 3 3.32 28.98 -7.07
N ILE E 4 4.37 28.95 -7.90
CA ILE E 4 5.59 28.22 -7.63
C ILE E 4 6.29 28.76 -6.39
N VAL E 5 6.66 27.85 -5.48
CA VAL E 5 7.55 28.17 -4.37
C VAL E 5 8.78 27.28 -4.51
N LEU E 6 9.93 27.91 -4.72
CA LEU E 6 11.16 27.19 -5.04
C LEU E 6 12.06 27.14 -3.81
N PHE E 7 12.58 25.96 -3.52
CA PHE E 7 13.45 25.74 -2.37
C PHE E 7 14.79 25.18 -2.84
N SER E 8 15.83 25.42 -2.05
CA SER E 8 17.17 25.01 -2.40
C SER E 8 17.82 24.28 -1.22
N GLY E 9 18.66 23.31 -1.54
CA GLY E 9 19.37 22.55 -0.55
C GLY E 9 20.74 23.13 -0.25
N SER E 10 21.46 22.45 0.66
CA SER E 10 22.79 22.90 1.03
C SER E 10 23.77 22.78 -0.12
N SER E 11 23.66 21.72 -0.92
CA SER E 11 24.54 21.54 -2.06
C SER E 11 24.04 22.33 -3.26
N HIS E 12 24.98 22.87 -4.03
CA HIS E 12 24.68 23.55 -5.29
C HIS E 12 23.73 24.72 -5.12
N GLN E 13 24.16 25.74 -4.40
CA GLN E 13 23.39 26.97 -4.25
C GLN E 13 23.39 27.80 -5.53
N ASP E 14 24.48 27.75 -6.30
CA ASP E 14 24.61 28.56 -7.49
C ASP E 14 23.57 28.18 -8.55
N LEU E 15 23.42 26.89 -8.82
CA LEU E 15 22.44 26.44 -9.80
C LEU E 15 21.03 26.79 -9.36
N SER E 16 20.77 26.64 -8.05
CA SER E 16 19.45 27.00 -7.52
C SER E 16 19.16 28.48 -7.74
N GLN E 17 20.15 29.33 -7.50
CA GLN E 17 19.97 30.77 -7.72
C GLN E 17 19.76 31.07 -9.19
N ARG E 18 20.49 30.39 -10.07
CA ARG E 18 20.31 30.57 -11.50
C ARG E 18 18.88 30.21 -11.94
N VAL E 19 18.41 29.05 -11.48
CA VAL E 19 17.08 28.59 -11.86
C VAL E 19 16.01 29.53 -11.29
N ALA E 20 16.22 30.03 -10.08
CA ALA E 20 15.29 30.99 -9.50
C ALA E 20 15.26 32.28 -10.32
N ASP E 21 16.43 32.77 -10.74
CA ASP E 21 16.49 33.98 -11.55
C ASP E 21 15.78 33.79 -12.88
N ARG E 22 16.00 32.65 -13.53
CA ARG E 22 15.35 32.40 -14.82
C ARG E 22 13.84 32.28 -14.68
N LEU E 23 13.36 31.94 -13.48
CA LEU E 23 11.93 31.87 -13.21
C LEU E 23 11.37 33.18 -12.71
N GLY E 24 12.20 34.21 -12.55
CA GLY E 24 11.75 35.49 -12.04
C GLY E 24 11.23 35.41 -10.63
N LEU E 25 11.85 34.55 -9.82
CA LEU E 25 11.46 34.34 -8.43
C LEU E 25 12.72 34.34 -7.58
N GLU E 26 12.58 33.99 -6.31
CA GLU E 26 13.71 33.83 -5.42
C GLU E 26 13.44 32.66 -4.48
N LEU E 27 14.53 32.07 -3.98
CA LEU E 27 14.44 30.87 -3.17
C LEU E 27 13.73 31.17 -1.85
N GLY E 28 12.96 30.20 -1.37
CA GLY E 28 12.23 30.36 -0.13
C GLY E 28 13.15 30.35 1.07
N LYS E 29 12.58 30.72 2.21
CA LYS E 29 13.34 30.83 3.45
C LYS E 29 13.38 29.48 4.16
N VAL E 30 14.49 28.77 3.99
CA VAL E 30 14.70 27.50 4.68
C VAL E 30 16.11 27.49 5.26
N VAL E 31 16.23 27.11 6.53
CA VAL E 31 17.53 27.02 7.18
C VAL E 31 17.87 25.55 7.36
N THR E 32 18.86 25.07 6.60
CA THR E 32 19.27 23.67 6.60
C THR E 32 20.67 23.59 7.21
N LYS E 33 20.72 23.31 8.50
CA LYS E 33 21.96 23.13 9.24
C LYS E 33 21.98 21.71 9.82
N LYS E 34 22.98 21.42 10.65
CA LYS E 34 23.10 20.12 11.30
C LYS E 34 23.20 20.32 12.79
N PHE E 35 22.52 19.46 13.55
CA PHE E 35 22.64 19.49 15.00
C PHE E 35 24.04 19.05 15.42
N SER E 36 24.28 19.06 16.72
CA SER E 36 25.60 18.73 17.25
C SER E 36 26.02 17.31 16.87
N ASN E 37 25.10 16.35 16.98
CA ASN E 37 25.41 14.97 16.63
C ASN E 37 25.08 14.63 15.18
N GLN E 38 25.50 15.47 14.24
CA GLN E 38 25.44 15.17 12.80
C GLN E 38 24.06 14.70 12.36
N GLU E 39 23.01 15.36 12.84
CA GLU E 39 21.65 15.11 12.40
C GLU E 39 21.12 16.33 11.66
N THR E 40 20.45 16.10 10.54
CA THR E 40 19.97 17.19 9.71
C THR E 40 18.87 17.97 10.42
N SER E 41 18.95 19.30 10.30
CA SER E 41 17.96 20.21 10.87
C SER E 41 17.36 21.01 9.71
N VAL E 42 16.06 20.79 9.46
CA VAL E 42 15.36 21.50 8.39
C VAL E 42 14.24 22.33 9.01
N GLU E 43 14.26 23.64 8.77
CA GLU E 43 13.26 24.56 9.28
C GLU E 43 12.78 25.43 8.12
N ILE E 44 11.52 25.27 7.74
CA ILE E 44 10.93 26.08 6.69
C ILE E 44 10.34 27.34 7.31
N GLY E 45 10.77 28.50 6.83
CA GLY E 45 10.38 29.75 7.43
C GLY E 45 9.05 30.30 6.98
N GLU E 46 8.68 30.04 5.73
CA GLU E 46 7.46 30.60 5.15
C GLU E 46 6.37 29.53 5.06
N SER E 47 5.21 29.95 4.56
CA SER E 47 4.06 29.07 4.45
C SER E 47 4.07 28.36 3.11
N VAL E 48 3.92 27.03 3.14
CA VAL E 48 3.82 26.23 1.93
C VAL E 48 2.45 25.62 1.74
N ARG E 49 1.45 26.05 2.51
CA ARG E 49 0.11 25.46 2.43
C ARG E 49 -0.54 25.79 1.10
N GLY E 50 -0.85 24.77 0.33
CA GLY E 50 -1.47 24.93 -0.97
C GLY E 50 -0.53 25.31 -2.09
N GLU E 51 0.76 25.45 -1.81
CA GLU E 51 1.74 25.88 -2.79
C GLU E 51 2.23 24.70 -3.62
N ASP E 52 2.87 25.03 -4.75
CA ASP E 52 3.48 24.03 -5.62
C ASP E 52 4.99 24.08 -5.37
N VAL E 53 5.44 23.32 -4.38
CA VAL E 53 6.82 23.38 -3.92
C VAL E 53 7.72 22.65 -4.89
N TYR E 54 8.86 23.27 -5.21
CA TYR E 54 9.89 22.70 -6.07
C TYR E 54 11.19 22.71 -5.29
N ILE E 55 11.78 21.54 -5.08
CA ILE E 55 13.03 21.43 -4.34
C ILE E 55 14.12 20.95 -5.28
N ILE E 56 15.25 21.66 -5.30
CA ILE E 56 16.39 21.32 -6.13
C ILE E 56 17.51 20.84 -5.21
N GLN E 57 17.90 19.57 -5.35
CA GLN E 57 18.94 18.98 -4.52
C GLN E 57 19.73 18.00 -5.38
N SER E 58 20.96 18.38 -5.74
CA SER E 58 21.79 17.52 -6.56
C SER E 58 22.45 16.43 -5.72
N GLY E 59 22.72 15.28 -6.36
CA GLY E 59 23.43 14.21 -5.70
C GLY E 59 24.93 14.36 -5.83
N CYS E 60 25.50 15.31 -5.11
CA CYS E 60 26.93 15.62 -5.19
C CYS E 60 27.45 15.80 -3.77
N GLY E 61 28.76 16.06 -3.65
CA GLY E 61 29.38 16.19 -2.35
C GLY E 61 29.23 14.91 -1.54
N GLU E 62 28.85 15.07 -0.28
CA GLU E 62 28.48 13.91 0.54
C GLU E 62 27.07 13.48 0.17
N ILE E 63 26.96 12.30 -0.44
CA ILE E 63 25.70 11.88 -1.05
C ILE E 63 24.64 11.62 0.00
N ASN E 64 25.01 10.91 1.07
CA ASN E 64 24.02 10.48 2.05
C ASN E 64 23.42 11.67 2.79
N ASP E 65 24.25 12.64 3.17
CA ASP E 65 23.74 13.80 3.90
C ASP E 65 22.78 14.62 3.04
N ASN E 66 23.13 14.84 1.77
CA ASN E 66 22.25 15.58 0.87
C ASN E 66 20.95 14.82 0.61
N LEU E 67 21.04 13.50 0.47
CA LEU E 67 19.83 12.70 0.26
C LEU E 67 18.91 12.77 1.46
N MET E 68 19.48 12.68 2.66
CA MET E 68 18.67 12.79 3.88
C MET E 68 18.05 14.17 3.99
N GLU E 69 18.81 15.21 3.63
CA GLU E 69 18.27 16.56 3.63
C GLU E 69 17.09 16.68 2.68
N LEU E 70 17.21 16.11 1.48
CA LEU E 70 16.13 16.15 0.50
C LEU E 70 14.90 15.43 1.01
N LEU E 71 15.09 14.24 1.59
CA LEU E 71 13.94 13.49 2.12
C LEU E 71 13.25 14.24 3.25
N ILE E 72 14.03 14.82 4.15
CA ILE E 72 13.45 15.55 5.27
C ILE E 72 12.71 16.79 4.78
N MET E 73 13.26 17.47 3.77
CA MET E 73 12.59 18.64 3.21
C MET E 73 11.27 18.25 2.56
N ILE E 74 11.26 17.16 1.80
CA ILE E 74 10.02 16.71 1.15
C ILE E 74 8.99 16.33 2.19
N ASN E 75 9.41 15.61 3.24
CA ASN E 75 8.47 15.22 4.27
C ASN E 75 7.90 16.43 5.00
N ALA E 76 8.75 17.41 5.31
CA ALA E 76 8.30 18.61 5.99
C ALA E 76 7.31 19.38 5.14
N CYS E 77 7.59 19.48 3.83
CA CYS E 77 6.66 20.19 2.94
C CYS E 77 5.35 19.44 2.81
N LYS E 78 5.39 18.10 2.82
CA LYS E 78 4.16 17.32 2.67
C LYS E 78 3.29 17.41 3.91
N ILE E 79 3.89 17.28 5.10
CA ILE E 79 3.11 17.34 6.33
C ILE E 79 2.55 18.74 6.55
N ALA E 80 3.16 19.75 5.94
CA ALA E 80 2.69 21.13 6.05
C ALA E 80 1.58 21.46 5.05
N SER E 81 0.89 20.45 4.53
CA SER E 81 -0.30 20.63 3.70
C SER E 81 0.03 21.34 2.39
N SER E 82 1.06 20.88 1.70
CA SER E 82 1.39 21.41 0.39
C SER E 82 0.57 20.70 -0.69
N SER E 83 0.26 21.44 -1.76
CA SER E 83 -0.54 20.88 -2.84
C SER E 83 0.20 19.77 -3.56
N ARG E 84 1.44 20.03 -3.98
CA ARG E 84 2.23 19.04 -4.70
C ARG E 84 3.70 19.39 -4.56
N VAL E 85 4.50 18.41 -4.16
CA VAL E 85 5.93 18.59 -3.92
C VAL E 85 6.68 17.89 -5.05
N THR E 86 7.54 18.64 -5.73
CA THR E 86 8.35 18.14 -6.82
C THR E 86 9.82 18.19 -6.45
N ALA E 87 10.54 17.09 -6.67
CA ALA E 87 11.97 17.00 -6.37
C ALA E 87 12.74 17.08 -7.68
N VAL E 88 13.58 18.11 -7.80
CA VAL E 88 14.44 18.28 -8.97
C VAL E 88 15.83 17.82 -8.58
N ILE E 89 16.28 16.72 -9.19
CA ILE E 89 17.57 16.13 -8.87
C ILE E 89 18.45 16.16 -10.12
N PRO E 90 19.34 17.16 -10.26
CA PRO E 90 20.20 17.20 -11.46
C PRO E 90 21.05 15.95 -11.65
N CYS E 91 21.57 15.38 -10.57
CA CYS E 91 22.35 14.15 -10.63
C CYS E 91 21.75 13.13 -9.68
N PHE E 92 21.16 12.09 -10.22
CA PHE E 92 20.46 11.11 -9.40
C PHE E 92 21.47 10.29 -8.59
N PRO E 93 21.37 10.29 -7.27
CA PRO E 93 22.31 9.49 -6.47
C PRO E 93 22.10 7.99 -6.67
N TYR E 94 23.19 7.24 -6.59
CA TYR E 94 23.16 5.78 -6.68
C TYR E 94 22.57 5.30 -8.02
N ALA E 95 22.77 6.11 -9.06
CA ALA E 95 22.24 5.75 -10.38
C ALA E 95 23.07 4.70 -11.08
N ARG E 96 24.31 4.46 -10.62
CA ARG E 96 25.12 3.40 -11.21
C ARG E 96 24.78 2.02 -10.67
N GLN E 97 24.07 1.96 -9.54
CA GLN E 97 23.59 0.70 -8.97
C GLN E 97 22.14 0.52 -9.38
N ASP E 98 21.93 0.10 -10.63
CA ASP E 98 20.60 -0.08 -11.18
C ASP E 98 20.30 -1.53 -11.55
N LYS E 99 21.23 -2.44 -11.35
CA LYS E 99 21.05 -3.85 -11.64
C LYS E 99 21.56 -4.67 -10.48
N LYS E 100 21.17 -5.94 -10.43
CA LYS E 100 21.76 -6.90 -9.52
C LYS E 100 23.04 -7.52 -10.10
N ASP E 101 23.63 -6.85 -11.08
CA ASP E 101 24.91 -7.20 -11.70
C ASP E 101 24.81 -8.60 -12.31
N LYS E 102 25.91 -9.33 -12.31
CA LYS E 102 26.00 -10.63 -12.97
C LYS E 102 26.77 -11.61 -12.08
N VAL E 103 27.19 -12.74 -12.65
CA VAL E 103 27.99 -13.69 -11.90
C VAL E 103 29.26 -13.02 -11.40
N GLY E 104 29.51 -13.14 -10.08
CA GLY E 104 30.66 -12.56 -9.44
C GLY E 104 30.32 -11.54 -8.36
N GLU E 105 29.33 -10.69 -8.60
CA GLU E 105 28.89 -9.72 -7.60
C GLU E 105 27.91 -10.42 -6.67
N SER E 106 28.37 -10.76 -5.48
CA SER E 106 27.58 -11.58 -4.56
C SER E 106 26.55 -10.74 -3.83
N ARG E 107 25.28 -10.95 -4.16
CA ARG E 107 24.14 -10.37 -3.45
C ARG E 107 24.26 -8.85 -3.34
N ALA E 108 24.62 -8.24 -4.45
CA ALA E 108 24.65 -6.79 -4.52
C ALA E 108 23.23 -6.24 -4.58
N PRO E 109 22.97 -5.10 -3.93
CA PRO E 109 21.61 -4.55 -3.92
C PRO E 109 21.33 -3.67 -5.13
N ILE E 110 20.11 -3.15 -5.22
CA ILE E 110 19.75 -2.17 -6.23
C ILE E 110 19.47 -0.86 -5.51
N SER E 111 20.49 -0.02 -5.38
CA SER E 111 20.36 1.17 -4.55
C SER E 111 19.48 2.23 -5.22
N ALA E 112 19.43 2.22 -6.55
CA ALA E 112 18.60 3.20 -7.25
C ALA E 112 17.13 2.99 -6.94
N LYS E 113 16.69 1.73 -6.90
CA LYS E 113 15.30 1.45 -6.55
C LYS E 113 15.03 1.80 -5.09
N LEU E 114 16.03 1.61 -4.22
CA LEU E 114 15.87 2.01 -2.82
C LEU E 114 15.67 3.52 -2.69
N VAL E 115 16.46 4.29 -3.44
CA VAL E 115 16.32 5.74 -3.42
C VAL E 115 14.97 6.15 -3.98
N ALA E 116 14.52 5.46 -5.04
CA ALA E 116 13.21 5.74 -5.60
C ALA E 116 12.09 5.48 -4.60
N ASN E 117 12.18 4.35 -3.88
CA ASN E 117 11.18 4.02 -2.87
C ASN E 117 11.20 5.04 -1.74
N MET E 118 12.39 5.47 -1.32
CA MET E 118 12.48 6.47 -0.25
C MET E 118 11.87 7.80 -0.69
N LEU E 119 12.12 8.20 -1.93
CA LEU E 119 11.53 9.45 -2.42
C LEU E 119 10.02 9.33 -2.55
N SER E 120 9.52 8.15 -2.94
CA SER E 120 8.09 7.96 -3.07
C SER E 120 7.40 7.94 -1.70
N VAL E 121 8.06 7.35 -0.70
CA VAL E 121 7.46 7.25 0.62
C VAL E 121 7.63 8.55 1.41
N ALA E 122 8.60 9.38 1.05
CA ALA E 122 8.74 10.68 1.70
C ALA E 122 7.60 11.61 1.33
N GLY E 123 7.06 11.47 0.13
CA GLY E 123 5.91 12.26 -0.28
C GLY E 123 6.10 13.02 -1.58
N ALA E 124 7.09 12.62 -2.37
CA ALA E 124 7.33 13.26 -3.65
C ALA E 124 6.21 12.92 -4.64
N ASP E 125 5.80 13.92 -5.41
CA ASP E 125 4.77 13.77 -6.42
C ASP E 125 5.29 13.83 -7.84
N HIS E 126 6.52 14.30 -8.05
CA HIS E 126 7.09 14.45 -9.37
C HIS E 126 8.61 14.46 -9.23
N ILE E 127 9.31 13.92 -10.23
CA ILE E 127 10.76 13.87 -10.24
C ILE E 127 11.26 14.45 -11.55
N ILE E 128 12.23 15.35 -11.47
CA ILE E 128 12.90 15.92 -12.64
C ILE E 128 14.38 15.61 -12.54
N THR E 129 14.91 14.91 -13.53
CA THR E 129 16.30 14.48 -13.53
C THR E 129 16.91 14.81 -14.90
N MET E 130 18.21 15.09 -14.89
CA MET E 130 18.94 15.45 -16.11
C MET E 130 19.89 14.32 -16.48
N ASP E 131 19.68 13.74 -17.66
CA ASP E 131 20.57 12.73 -18.23
C ASP E 131 20.82 11.59 -17.26
N LEU E 132 19.78 10.81 -16.94
CA LEU E 132 19.93 9.66 -16.07
C LEU E 132 20.95 8.69 -16.64
N HIS E 133 21.63 7.97 -15.74
CA HIS E 133 22.62 6.98 -16.19
C HIS E 133 21.95 5.88 -17.00
N ALA E 134 20.79 5.41 -16.55
CA ALA E 134 19.97 4.47 -17.30
C ALA E 134 18.58 5.06 -17.44
N SER E 135 18.10 5.15 -18.68
CA SER E 135 16.79 5.73 -18.94
C SER E 135 15.69 4.86 -18.33
N GLN E 136 16.00 3.60 -18.08
CA GLN E 136 15.03 2.68 -17.49
C GLN E 136 14.76 3.00 -16.01
N ILE E 137 15.56 3.87 -15.39
CA ILE E 137 15.28 4.30 -14.04
C ILE E 137 13.95 5.05 -13.96
N GLN E 138 13.43 5.51 -15.10
CA GLN E 138 12.09 6.09 -15.12
C GLN E 138 11.05 5.11 -14.60
N GLY E 139 11.27 3.82 -14.84
CA GLY E 139 10.34 2.80 -14.40
C GLY E 139 10.51 2.41 -12.95
N PHE E 140 11.53 2.95 -12.29
CA PHE E 140 11.75 2.68 -10.87
C PHE E 140 10.76 3.42 -9.98
N PHE E 141 10.01 4.37 -10.53
CA PHE E 141 9.04 5.18 -9.82
C PHE E 141 7.63 4.84 -10.28
N ASP E 142 6.65 5.20 -9.46
CA ASP E 142 5.26 5.19 -9.89
C ASP E 142 4.73 6.58 -10.19
N ILE E 143 5.48 7.63 -9.85
CA ILE E 143 5.12 9.01 -10.15
C ILE E 143 5.75 9.39 -11.48
N PRO E 144 5.28 10.44 -12.16
CA PRO E 144 5.93 10.85 -13.40
C PRO E 144 7.38 11.25 -13.18
N VAL E 145 8.23 10.91 -14.15
CA VAL E 145 9.65 11.23 -14.12
C VAL E 145 10.04 11.85 -15.44
N ASP E 146 10.72 12.99 -15.39
CA ASP E 146 11.21 13.68 -16.57
C ASP E 146 12.73 13.51 -16.67
N ASN E 147 13.17 12.89 -17.76
CA ASN E 147 14.59 12.63 -18.00
C ASN E 147 15.06 13.62 -19.06
N LEU E 148 15.55 14.77 -18.60
CA LEU E 148 16.03 15.81 -19.51
C LEU E 148 17.33 15.38 -20.16
N TYR E 149 17.64 16.02 -21.28
CA TYR E 149 18.83 15.71 -22.06
C TYR E 149 19.67 16.96 -22.26
N ALA E 150 20.99 16.83 -22.10
CA ALA E 150 21.91 17.92 -22.31
C ALA E 150 22.57 17.89 -23.69
N GLU E 151 22.14 16.97 -24.56
CA GLU E 151 22.71 16.84 -25.91
C GLU E 151 22.64 18.12 -26.74
N PRO E 152 21.55 18.89 -26.77
CA PRO E 152 21.57 20.15 -27.54
C PRO E 152 22.67 21.11 -27.12
N ALA E 153 22.98 21.19 -25.83
CA ALA E 153 24.07 22.04 -25.38
C ALA E 153 25.42 21.49 -25.86
N VAL E 154 25.58 20.17 -25.85
CA VAL E 154 26.83 19.56 -26.29
C VAL E 154 27.05 19.85 -27.78
N LEU E 155 25.99 19.70 -28.58
CA LEU E 155 26.10 19.98 -30.01
C LEU E 155 26.43 21.45 -30.26
N GLN E 156 25.79 22.34 -29.51
CA GLN E 156 26.06 23.77 -29.66
C GLN E 156 27.51 24.10 -29.33
N TRP E 157 28.02 23.51 -28.25
CA TRP E 157 29.42 23.74 -27.87
C TRP E 157 30.37 23.21 -28.94
N ILE E 158 30.08 22.03 -29.47
CA ILE E 158 30.93 21.45 -30.52
C ILE E 158 30.94 22.37 -31.75
N ARG E 159 29.77 22.86 -32.14
CA ARG E 159 29.66 23.73 -33.30
C ARG E 159 30.41 25.04 -33.10
N GLU E 160 30.19 25.69 -31.96
CA GLU E 160 30.76 27.02 -31.76
C GLU E 160 32.26 26.98 -31.52
N ASN E 161 32.72 26.09 -30.64
CA ASN E 161 34.10 26.13 -30.19
C ASN E 161 35.04 25.39 -31.15
N ILE E 162 34.75 24.12 -31.43
CA ILE E 162 35.59 23.34 -32.34
C ILE E 162 35.30 23.77 -33.76
N ALA E 163 36.30 24.37 -34.42
CA ALA E 163 36.08 24.89 -35.76
C ALA E 163 36.07 23.80 -36.83
N GLU E 164 36.70 22.66 -36.55
CA GLU E 164 36.77 21.55 -37.50
C GLU E 164 35.72 20.49 -37.21
N TRP E 165 34.54 20.89 -36.73
CA TRP E 165 33.53 19.92 -36.34
C TRP E 165 32.90 19.21 -37.53
N LYS E 166 33.14 19.68 -38.74
CA LYS E 166 32.57 19.02 -39.91
C LYS E 166 33.40 17.85 -40.40
N ASN E 167 34.60 17.66 -39.85
CA ASN E 167 35.48 16.56 -40.25
C ASN E 167 36.11 15.92 -39.01
N CYS E 168 35.33 15.76 -37.95
CA CYS E 168 35.77 15.13 -36.73
C CYS E 168 35.11 13.76 -36.60
N ILE E 169 35.41 13.07 -35.49
CA ILE E 169 34.72 11.84 -35.13
C ILE E 169 34.40 11.89 -33.64
N ILE E 170 33.36 11.16 -33.25
CA ILE E 170 32.93 11.05 -31.86
C ILE E 170 33.22 9.63 -31.39
N VAL E 171 33.94 9.52 -30.27
CA VAL E 171 34.46 8.26 -29.78
C VAL E 171 33.88 7.97 -28.41
N SER E 172 33.40 6.74 -28.21
CA SER E 172 32.89 6.31 -26.92
C SER E 172 34.01 5.66 -26.12
N PRO E 173 34.28 6.09 -24.89
CA PRO E 173 35.37 5.50 -24.11
C PRO E 173 35.09 4.08 -23.64
N ASP E 174 33.85 3.62 -23.78
CA ASP E 174 33.48 2.29 -23.32
C ASP E 174 32.45 1.71 -24.28
N ALA E 175 32.04 0.47 -24.04
CA ALA E 175 31.11 -0.21 -24.94
C ALA E 175 29.68 0.28 -24.75
N GLY E 176 29.30 0.66 -23.53
CA GLY E 176 27.94 1.09 -23.27
C GLY E 176 27.61 2.49 -23.73
N GLY E 177 28.59 3.26 -24.18
CA GLY E 177 28.34 4.61 -24.64
C GLY E 177 28.12 4.70 -26.14
N ALA E 178 27.84 3.56 -26.76
CA ALA E 178 27.64 3.51 -28.20
C ALA E 178 26.43 4.31 -28.64
N LYS E 179 25.34 4.26 -27.86
CA LYS E 179 24.11 4.92 -28.27
C LYS E 179 24.22 6.43 -28.27
N ARG E 180 24.77 7.00 -27.18
CA ARG E 180 24.93 8.45 -27.08
C ARG E 180 25.86 8.97 -28.15
N VAL E 181 27.01 8.31 -28.32
CA VAL E 181 28.00 8.72 -29.31
C VAL E 181 27.41 8.63 -30.71
N THR E 182 26.67 7.55 -30.97
CA THR E 182 26.07 7.34 -32.27
C THR E 182 25.02 8.40 -32.58
N SER E 183 24.18 8.73 -31.60
CA SER E 183 23.17 9.75 -31.80
C SER E 183 23.80 11.11 -32.05
N ILE E 184 24.86 11.43 -31.30
CA ILE E 184 25.56 12.70 -31.49
C ILE E 184 26.18 12.76 -32.89
N ALA E 185 26.79 11.65 -33.32
CA ALA E 185 27.40 11.60 -34.64
C ALA E 185 26.36 11.80 -35.74
N ASP E 186 25.19 11.17 -35.58
CA ASP E 186 24.11 11.37 -36.54
C ASP E 186 23.63 12.82 -36.54
N ARG E 187 23.52 13.41 -35.35
CA ARG E 187 23.04 14.79 -35.26
C ARG E 187 24.00 15.76 -35.93
N LEU E 188 25.31 15.56 -35.75
CA LEU E 188 26.29 16.41 -36.41
C LEU E 188 26.59 15.98 -37.84
N ASN E 189 25.98 14.88 -38.30
CA ASN E 189 26.16 14.35 -39.65
C ASN E 189 27.65 14.08 -39.90
N VAL E 190 28.21 13.19 -39.09
CA VAL E 190 29.59 12.75 -39.26
C VAL E 190 29.72 11.33 -38.73
N GLU E 191 30.89 10.72 -38.88
CA GLU E 191 31.12 9.33 -38.53
C GLU E 191 31.59 9.24 -37.08
N PHE E 192 31.85 8.00 -36.63
CA PHE E 192 32.17 7.71 -35.25
C PHE E 192 33.07 6.49 -35.17
N ALA E 193 33.66 6.29 -33.99
CA ALA E 193 34.50 5.14 -33.67
C ALA E 193 34.06 4.54 -32.34
N LEU E 194 34.80 3.53 -31.89
CA LEU E 194 34.45 2.83 -30.66
C LEU E 194 35.72 2.33 -29.99
N ILE E 195 35.75 2.40 -28.66
CA ILE E 195 36.87 1.95 -27.85
C ILE E 195 36.36 1.06 -26.73
N HIS E 196 37.04 -0.04 -26.48
CA HIS E 196 36.71 -0.97 -25.41
C HIS E 196 37.98 -1.37 -24.67
N LYS E 197 37.85 -1.58 -23.35
CA LYS E 197 38.99 -1.99 -22.53
C LYS E 197 39.08 -3.50 -22.45
N GLU E 198 40.02 -4.02 -21.67
CA GLU E 198 40.23 -5.46 -21.51
C GLU E 198 40.47 -6.15 -22.85
N ARG E 207 45.37 -4.20 -23.74
CA ARG E 207 44.04 -4.14 -23.13
C ARG E 207 43.09 -3.30 -23.99
N MET E 208 43.49 -2.06 -24.23
CA MET E 208 42.63 -1.11 -24.93
C MET E 208 42.53 -1.48 -26.40
N VAL E 209 41.31 -1.48 -26.93
CA VAL E 209 41.05 -1.86 -28.31
C VAL E 209 40.32 -0.71 -28.98
N LEU E 210 40.49 -0.57 -30.29
CA LEU E 210 39.92 0.53 -31.05
C LEU E 210 39.42 0.03 -32.40
N VAL E 211 38.24 0.51 -32.80
CA VAL E 211 37.70 0.24 -34.13
C VAL E 211 37.26 1.58 -34.72
N GLY E 212 38.03 2.09 -35.67
CA GLY E 212 37.72 3.37 -36.27
C GLY E 212 38.92 3.92 -37.01
N ASP E 213 38.72 5.09 -37.61
CA ASP E 213 39.74 5.72 -38.44
C ASP E 213 40.75 6.48 -37.59
N VAL E 214 40.28 7.53 -36.91
CA VAL E 214 41.06 8.37 -35.99
C VAL E 214 42.53 8.51 -36.39
N LYS E 215 42.78 8.72 -37.68
CA LYS E 215 44.14 8.82 -38.19
C LYS E 215 44.30 10.22 -38.75
N ASP E 216 45.13 11.04 -38.08
CA ASP E 216 45.34 12.45 -38.42
C ASP E 216 44.02 13.23 -38.54
N ARG E 217 43.17 13.08 -37.53
CA ARG E 217 41.95 13.88 -37.46
C ARG E 217 41.69 14.19 -35.98
N VAL E 218 40.58 14.87 -35.71
CA VAL E 218 40.24 15.32 -34.37
C VAL E 218 39.09 14.47 -33.82
N ALA E 219 39.27 14.01 -32.58
CA ALA E 219 38.32 13.11 -31.94
C ALA E 219 37.80 13.72 -30.65
N ILE E 220 36.52 13.49 -30.38
CA ILE E 220 35.85 14.01 -29.20
C ILE E 220 35.32 12.83 -28.40
N LEU E 221 35.68 12.74 -27.13
CA LEU E 221 35.21 11.66 -26.27
C LEU E 221 33.94 12.12 -25.56
N VAL E 222 32.87 11.35 -25.71
CA VAL E 222 31.58 11.68 -25.12
C VAL E 222 31.18 10.56 -24.17
N ASP E 223 30.88 10.92 -22.92
CA ASP E 223 30.41 9.99 -21.91
C ASP E 223 29.38 10.69 -21.05
N ASP E 224 28.66 9.90 -20.24
CA ASP E 224 27.64 10.47 -19.37
C ASP E 224 28.24 11.12 -18.13
N MET E 225 29.32 10.55 -17.59
CA MET E 225 29.87 11.03 -16.33
C MET E 225 31.34 10.66 -16.26
N ALA E 226 32.04 11.22 -15.26
CA ALA E 226 33.43 10.92 -14.99
C ALA E 226 33.67 11.00 -13.49
N ASP E 227 33.79 9.84 -12.84
CA ASP E 227 33.99 9.80 -11.40
C ASP E 227 35.47 10.02 -11.04
N THR E 228 36.33 9.12 -11.49
CA THR E 228 37.76 9.20 -11.23
C THR E 228 38.58 9.39 -12.50
N CYS E 229 37.92 9.50 -13.66
CA CYS E 229 38.59 9.57 -14.95
C CYS E 229 39.50 8.36 -15.18
N GLY E 230 39.11 7.21 -14.64
CA GLY E 230 39.75 5.97 -15.03
C GLY E 230 39.55 5.67 -16.50
N THR E 231 38.34 5.93 -17.00
CA THR E 231 38.10 5.98 -18.42
C THR E 231 38.55 7.34 -18.95
N ILE E 232 38.18 7.64 -20.20
CA ILE E 232 38.44 8.90 -20.89
C ILE E 232 39.94 9.20 -20.97
N CYS E 233 40.66 9.06 -19.85
CA CYS E 233 42.11 9.25 -19.89
C CYS E 233 42.79 8.13 -20.69
N HIS E 234 42.43 6.88 -20.39
CA HIS E 234 42.96 5.76 -21.16
C HIS E 234 42.53 5.85 -22.62
N ALA E 235 41.28 6.26 -22.86
CA ALA E 235 40.82 6.45 -24.23
C ALA E 235 41.62 7.51 -24.97
N ALA E 236 41.95 8.62 -24.29
CA ALA E 236 42.78 9.65 -24.90
C ALA E 236 44.18 9.13 -25.21
N ASP E 237 44.75 8.36 -24.28
CA ASP E 237 46.06 7.77 -24.53
C ASP E 237 46.03 6.85 -25.75
N LYS E 238 45.02 5.99 -25.83
CA LYS E 238 44.89 5.09 -26.96
C LYS E 238 44.68 5.87 -28.27
N LEU E 239 43.87 6.92 -28.22
CA LEU E 239 43.58 7.70 -29.42
C LEU E 239 44.83 8.42 -29.90
N LEU E 240 45.61 8.99 -28.98
CA LEU E 240 46.86 9.64 -29.34
C LEU E 240 47.86 8.64 -29.92
N SER E 241 47.92 7.44 -29.33
CA SER E 241 48.79 6.40 -29.87
C SER E 241 48.35 5.99 -31.26
N ALA E 242 47.04 6.03 -31.53
CA ALA E 242 46.51 5.58 -32.81
C ALA E 242 46.76 6.59 -33.93
N GLY E 243 46.86 7.88 -33.63
CA GLY E 243 47.13 8.85 -34.67
C GLY E 243 46.32 10.12 -34.60
N ALA E 244 45.45 10.23 -33.61
CA ALA E 244 44.63 11.44 -33.45
C ALA E 244 45.50 12.64 -33.11
N THR E 245 45.25 13.76 -33.80
CA THR E 245 46.04 14.96 -33.57
C THR E 245 45.72 15.59 -32.22
N LYS E 246 44.43 15.74 -31.91
CA LYS E 246 44.02 16.26 -30.62
C LYS E 246 42.74 15.56 -30.20
N VAL E 247 42.54 15.44 -28.89
CA VAL E 247 41.42 14.70 -28.32
C VAL E 247 40.70 15.61 -27.33
N TYR E 248 39.38 15.72 -27.51
CA TYR E 248 38.52 16.47 -26.60
C TYR E 248 37.69 15.51 -25.75
N ALA E 249 37.04 16.06 -24.73
CA ALA E 249 36.22 15.27 -23.82
C ALA E 249 35.03 16.11 -23.39
N ILE E 250 33.83 15.63 -23.69
CA ILE E 250 32.59 16.32 -23.34
C ILE E 250 31.81 15.38 -22.43
N LEU E 251 31.35 15.89 -21.29
CA LEU E 251 30.69 15.10 -20.26
C LEU E 251 29.45 15.82 -19.77
N THR E 252 28.49 15.05 -19.26
CA THR E 252 27.29 15.65 -18.67
C THR E 252 27.48 15.92 -17.19
N HIS E 253 27.74 14.86 -16.42
CA HIS E 253 27.94 14.98 -14.99
C HIS E 253 29.42 14.82 -14.65
N GLY E 254 30.07 15.93 -14.32
CA GLY E 254 31.46 15.86 -13.95
C GLY E 254 31.66 15.73 -12.45
N ILE E 255 31.86 14.50 -11.97
CA ILE E 255 32.10 14.30 -10.54
C ILE E 255 33.50 14.78 -10.17
N PHE E 256 34.52 14.27 -10.86
CA PHE E 256 35.92 14.61 -10.61
C PHE E 256 36.30 14.33 -9.15
N SER E 257 36.03 13.11 -8.71
CA SER E 257 36.37 12.67 -7.37
C SER E 257 37.70 11.92 -7.38
N GLY E 258 38.24 11.70 -6.17
CA GLY E 258 39.50 11.01 -6.02
C GLY E 258 40.66 11.76 -6.66
N PRO E 259 41.49 11.04 -7.42
CA PRO E 259 42.62 11.70 -8.09
C PRO E 259 42.15 12.72 -9.13
N ALA E 260 41.31 12.26 -10.06
CA ALA E 260 40.66 13.09 -11.08
C ALA E 260 41.52 14.23 -11.59
N ILE E 261 41.47 15.37 -10.89
CA ILE E 261 42.10 16.62 -11.33
C ILE E 261 43.58 16.39 -11.62
N SER E 262 44.22 15.55 -10.81
CA SER E 262 45.62 15.20 -11.06
C SER E 262 45.78 14.52 -12.42
N ARG E 263 44.85 13.62 -12.75
CA ARG E 263 44.92 12.90 -14.01
C ARG E 263 44.70 13.84 -15.20
N ILE E 264 43.70 14.72 -15.10
CA ILE E 264 43.42 15.64 -16.20
C ILE E 264 44.57 16.61 -16.39
N ASN E 265 45.13 17.12 -15.30
CA ASN E 265 46.18 18.14 -15.39
C ASN E 265 47.40 17.60 -16.13
N ASN E 266 47.84 16.40 -15.80
CA ASN E 266 48.95 15.77 -16.51
C ASN E 266 48.47 14.90 -17.67
N ALA E 267 47.58 15.46 -18.48
CA ALA E 267 47.02 14.78 -19.65
C ALA E 267 47.03 15.73 -20.84
N ALA E 268 46.66 15.19 -22.00
CA ALA E 268 46.66 15.95 -23.25
C ALA E 268 45.27 16.44 -23.64
N PHE E 269 44.43 16.78 -22.65
CA PHE E 269 43.13 17.35 -22.94
C PHE E 269 43.23 18.87 -23.09
N GLU E 270 42.78 19.37 -24.24
CA GLU E 270 42.64 20.81 -24.41
C GLU E 270 41.33 21.32 -23.85
N ALA E 271 40.33 20.46 -23.70
CA ALA E 271 39.06 20.86 -23.11
C ALA E 271 38.38 19.63 -22.51
N VAL E 272 37.98 19.76 -21.25
CA VAL E 272 37.16 18.76 -20.57
C VAL E 272 35.85 19.46 -20.22
N VAL E 273 34.83 19.26 -21.06
CA VAL E 273 33.61 20.06 -20.98
C VAL E 273 32.59 19.33 -20.12
N VAL E 274 32.01 20.06 -19.17
CA VAL E 274 31.00 19.50 -18.27
C VAL E 274 29.84 20.48 -18.19
N THR E 275 28.84 20.18 -17.37
CA THR E 275 27.67 21.02 -17.19
C THR E 275 27.53 21.41 -15.73
N ASN E 276 26.53 22.25 -15.45
CA ASN E 276 26.33 22.77 -14.10
C ASN E 276 26.05 21.70 -13.07
N THR E 277 25.37 20.61 -13.45
CA THR E 277 24.66 19.71 -12.54
C THR E 277 25.39 19.42 -11.24
N ILE E 278 26.71 19.36 -11.28
CA ILE E 278 27.55 19.18 -10.10
C ILE E 278 28.46 20.39 -9.98
N PRO E 279 28.59 21.01 -8.78
CA PRO E 279 29.42 22.21 -8.64
C PRO E 279 30.83 22.04 -9.17
N GLN E 280 31.22 22.92 -10.10
CA GLN E 280 32.53 22.86 -10.73
C GLN E 280 33.42 24.02 -10.34
N GLU E 281 32.95 24.90 -9.46
CA GLU E 281 33.68 26.11 -9.07
C GLU E 281 35.09 25.80 -8.57
N ASP E 282 35.19 25.00 -7.50
CA ASP E 282 36.50 24.71 -6.92
C ASP E 282 37.34 23.86 -7.86
N LYS E 283 36.70 22.94 -8.58
CA LYS E 283 37.42 22.06 -9.50
C LYS E 283 38.09 22.86 -10.62
N MET E 284 37.38 23.85 -11.16
CA MET E 284 37.90 24.62 -12.27
C MET E 284 39.12 25.44 -11.88
N LYS E 285 39.23 25.78 -10.59
CA LYS E 285 40.39 26.57 -10.14
C LYS E 285 41.69 25.79 -10.29
N HIS E 286 41.66 24.50 -9.99
CA HIS E 286 42.85 23.66 -10.01
C HIS E 286 43.12 23.04 -11.38
N CYS E 287 42.28 23.35 -12.37
CA CYS E 287 42.46 22.80 -13.70
C CYS E 287 41.92 23.74 -14.77
N THR E 288 42.79 24.21 -15.66
CA THR E 288 42.37 25.19 -16.66
C THR E 288 41.60 24.53 -17.80
N LYS E 289 41.75 23.21 -17.96
CA LYS E 289 41.11 22.53 -19.08
C LYS E 289 39.59 22.50 -18.94
N ILE E 290 39.09 22.38 -17.71
CA ILE E 290 37.67 22.19 -17.49
C ILE E 290 36.89 23.42 -17.88
N GLN E 291 35.78 23.22 -18.59
CA GLN E 291 34.86 24.29 -18.96
C GLN E 291 33.45 23.84 -18.65
N VAL E 292 32.56 24.81 -18.40
CA VAL E 292 31.24 24.53 -17.87
C VAL E 292 30.19 25.04 -18.85
N ILE E 293 29.09 24.29 -18.98
CA ILE E 293 27.96 24.66 -19.83
C ILE E 293 26.75 24.86 -18.93
N ASP E 294 26.09 26.00 -19.05
CA ASP E 294 24.91 26.27 -18.25
C ASP E 294 23.73 25.43 -18.73
N ILE E 295 23.08 24.74 -17.80
CA ILE E 295 21.85 23.99 -18.08
C ILE E 295 20.67 24.47 -17.23
N SER E 296 20.81 25.60 -16.55
CA SER E 296 19.71 26.09 -15.72
C SER E 296 18.48 26.41 -16.55
N MET E 297 18.66 26.79 -17.82
CA MET E 297 17.53 27.09 -18.68
C MET E 297 16.66 25.86 -18.91
N ILE E 298 17.29 24.69 -19.06
CA ILE E 298 16.53 23.47 -19.33
C ILE E 298 15.70 23.08 -18.11
N LEU E 299 16.32 23.13 -16.93
CA LEU E 299 15.59 22.83 -15.70
C LEU E 299 14.45 23.82 -15.47
N ALA E 300 14.71 25.11 -15.71
CA ALA E 300 13.67 26.12 -15.53
C ALA E 300 12.51 25.89 -16.49
N GLU E 301 12.82 25.55 -17.74
CA GLU E 301 11.76 25.31 -18.70
C GLU E 301 10.95 24.06 -18.34
N ALA E 302 11.64 23.03 -17.84
CA ALA E 302 10.93 21.82 -17.39
C ALA E 302 10.01 22.13 -16.21
N ILE E 303 10.49 22.96 -15.29
CA ILE E 303 9.70 23.36 -14.12
C ILE E 303 8.47 24.13 -14.58
N ARG E 304 8.66 25.05 -15.52
CA ARG E 304 7.54 25.82 -16.05
C ARG E 304 6.52 24.91 -16.73
N ARG E 305 7.00 23.96 -17.54
CA ARG E 305 6.12 23.05 -18.23
C ARG E 305 5.31 22.21 -17.25
N THR E 306 5.95 21.76 -16.18
CA THR E 306 5.23 21.02 -15.14
C THR E 306 4.19 21.91 -14.46
N HIS E 307 4.57 23.15 -14.14
CA HIS E 307 3.71 23.99 -13.31
C HIS E 307 2.47 24.46 -14.06
N ASN E 308 2.65 25.05 -15.24
CA ASN E 308 1.50 25.61 -15.96
C ASN E 308 0.51 24.53 -16.33
N GLY E 309 0.93 23.58 -17.16
CA GLY E 309 0.06 22.49 -17.56
C GLY E 309 -1.13 22.90 -18.39
N PRO F 2 -8.85 22.44 -18.73
CA PRO F 2 -9.18 21.62 -17.55
C PRO F 2 -10.51 20.89 -17.71
N ASN F 3 -11.16 21.08 -18.86
CA ASN F 3 -12.45 20.46 -19.10
C ASN F 3 -12.28 19.05 -19.67
N ILE F 4 -13.41 18.45 -20.01
CA ILE F 4 -13.49 17.03 -20.36
C ILE F 4 -12.66 16.74 -21.60
N VAL F 5 -11.82 15.71 -21.52
CA VAL F 5 -11.14 15.14 -22.68
C VAL F 5 -11.56 13.69 -22.79
N LEU F 6 -12.25 13.36 -23.88
CA LEU F 6 -12.85 12.05 -24.04
C LEU F 6 -12.02 11.21 -25.00
N PHE F 7 -11.75 9.96 -24.61
CA PHE F 7 -10.96 9.04 -25.41
C PHE F 7 -11.77 7.78 -25.69
N SER F 8 -11.44 7.11 -26.79
CA SER F 8 -12.16 5.92 -27.22
C SER F 8 -11.18 4.81 -27.53
N GLY F 9 -11.63 3.57 -27.30
CA GLY F 9 -10.83 2.40 -27.57
C GLY F 9 -11.10 1.82 -28.94
N SER F 10 -10.39 0.73 -29.24
CA SER F 10 -10.56 0.05 -30.52
C SER F 10 -11.95 -0.55 -30.66
N SER F 11 -12.48 -1.12 -29.57
CA SER F 11 -13.80 -1.70 -29.62
C SER F 11 -14.87 -0.62 -29.44
N HIS F 12 -15.99 -0.81 -30.14
CA HIS F 12 -17.16 0.03 -29.98
C HIS F 12 -16.87 1.50 -30.26
N GLN F 13 -16.50 1.81 -31.51
CA GLN F 13 -16.30 3.19 -31.93
C GLN F 13 -17.61 3.96 -32.04
N ASP F 14 -18.69 3.28 -32.43
CA ASP F 14 -19.97 3.93 -32.66
C ASP F 14 -20.53 4.54 -31.38
N LEU F 15 -20.55 3.76 -30.29
CA LEU F 15 -21.06 4.25 -29.02
C LEU F 15 -20.21 5.41 -28.52
N SER F 16 -18.89 5.31 -28.70
CA SER F 16 -18.01 6.39 -28.28
C SER F 16 -18.32 7.67 -29.03
N GLN F 17 -18.53 7.56 -30.35
CA GLN F 17 -18.88 8.74 -31.15
C GLN F 17 -20.23 9.31 -30.72
N ARG F 18 -21.18 8.44 -30.41
CA ARG F 18 -22.49 8.89 -29.95
C ARG F 18 -22.37 9.67 -28.64
N VAL F 19 -21.61 9.13 -27.68
CA VAL F 19 -21.42 9.81 -26.40
C VAL F 19 -20.70 11.13 -26.59
N ALA F 20 -19.71 11.15 -27.49
CA ALA F 20 -19.02 12.40 -27.78
C ALA F 20 -19.96 13.44 -28.36
N ASP F 21 -20.82 13.03 -29.28
CA ASP F 21 -21.78 13.95 -29.87
C ASP F 21 -22.75 14.50 -28.83
N ARG F 22 -23.24 13.63 -27.94
CA ARG F 22 -24.17 14.09 -26.92
C ARG F 22 -23.50 15.05 -25.94
N LEU F 23 -22.17 14.97 -25.82
CA LEU F 23 -21.42 15.89 -24.97
C LEU F 23 -20.96 17.14 -25.69
N GLY F 24 -21.29 17.27 -26.99
CA GLY F 24 -20.86 18.41 -27.76
C GLY F 24 -19.36 18.52 -27.88
N LEU F 25 -18.69 17.36 -27.96
CA LEU F 25 -17.24 17.30 -28.05
C LEU F 25 -16.87 16.30 -29.14
N GLU F 26 -15.59 15.99 -29.25
CA GLU F 26 -15.10 14.97 -30.16
C GLU F 26 -13.96 14.21 -29.50
N LEU F 27 -13.77 12.97 -29.95
CA LEU F 27 -12.79 12.08 -29.34
C LEU F 27 -11.37 12.60 -29.56
N GLY F 28 -10.52 12.39 -28.57
CA GLY F 28 -9.14 12.82 -28.67
C GLY F 28 -8.36 12.02 -29.69
N LYS F 29 -7.17 12.53 -30.02
CA LYS F 29 -6.33 11.91 -31.03
C LYS F 29 -5.45 10.84 -30.40
N VAL F 30 -5.89 9.58 -30.49
CA VAL F 30 -5.11 8.45 -30.00
C VAL F 30 -5.06 7.39 -31.10
N VAL F 31 -3.87 6.89 -31.38
CA VAL F 31 -3.69 5.83 -32.38
C VAL F 31 -3.38 4.55 -31.63
N THR F 32 -4.30 3.58 -31.69
CA THR F 32 -4.17 2.31 -30.98
C THR F 32 -4.10 1.21 -32.01
N LYS F 33 -2.88 0.79 -32.34
CA LYS F 33 -2.61 -0.28 -33.27
C LYS F 33 -1.86 -1.40 -32.53
N LYS F 34 -1.38 -2.40 -33.25
CA LYS F 34 -0.66 -3.51 -32.65
C LYS F 34 0.70 -3.64 -33.32
N PHE F 35 1.72 -3.94 -32.53
CA PHE F 35 3.02 -4.23 -33.08
C PHE F 35 2.98 -5.57 -33.81
N SER F 36 4.12 -5.95 -34.37
CA SER F 36 4.20 -7.19 -35.14
C SER F 36 3.88 -8.41 -34.28
N ASN F 37 4.42 -8.45 -33.06
CA ASN F 37 4.20 -9.60 -32.17
C ASN F 37 3.00 -9.40 -31.25
N GLN F 38 1.86 -8.99 -31.79
CA GLN F 38 0.58 -8.97 -31.07
C GLN F 38 0.69 -8.26 -29.72
N GLU F 39 1.41 -7.14 -29.70
CA GLU F 39 1.51 -6.30 -28.52
C GLU F 39 0.83 -4.96 -28.76
N THR F 40 0.08 -4.50 -27.78
CA THR F 40 -0.70 -3.28 -27.93
C THR F 40 0.22 -2.07 -28.02
N SER F 41 -0.10 -1.16 -28.94
CA SER F 41 0.61 0.10 -29.13
C SER F 41 -0.39 1.23 -28.89
N VAL F 42 -0.13 2.05 -27.86
CA VAL F 42 -0.98 3.17 -27.54
C VAL F 42 -0.15 4.46 -27.62
N GLU F 43 -0.61 5.41 -28.44
CA GLU F 43 0.07 6.69 -28.62
C GLU F 43 -0.97 7.80 -28.51
N ILE F 44 -0.91 8.57 -27.44
CA ILE F 44 -1.80 9.72 -27.25
C ILE F 44 -1.18 10.92 -27.96
N GLY F 45 -1.94 11.51 -28.87
CA GLY F 45 -1.41 12.59 -29.71
C GLY F 45 -1.51 13.98 -29.10
N GLU F 46 -2.55 14.22 -28.31
CA GLU F 46 -2.80 15.53 -27.75
C GLU F 46 -2.39 15.57 -26.29
N SER F 47 -2.37 16.78 -25.72
CA SER F 47 -1.94 16.98 -24.35
C SER F 47 -3.06 16.65 -23.38
N VAL F 48 -2.76 15.85 -22.36
CA VAL F 48 -3.71 15.52 -21.31
C VAL F 48 -3.30 16.05 -19.96
N ARG F 49 -2.30 16.93 -19.90
CA ARG F 49 -1.83 17.46 -18.63
C ARG F 49 -2.87 18.35 -17.97
N GLY F 50 -3.32 17.96 -16.78
CA GLY F 50 -4.31 18.71 -16.05
C GLY F 50 -5.74 18.49 -16.49
N GLU F 51 -5.97 17.67 -17.51
CA GLU F 51 -7.31 17.43 -18.03
C GLU F 51 -8.01 16.35 -17.21
N ASP F 52 -9.33 16.30 -17.37
CA ASP F 52 -10.17 15.30 -16.70
C ASP F 52 -10.55 14.26 -17.75
N VAL F 53 -9.68 13.27 -17.92
CA VAL F 53 -9.79 12.33 -19.03
C VAL F 53 -10.87 11.31 -18.76
N TYR F 54 -11.63 10.97 -19.80
CA TYR F 54 -12.65 9.93 -19.75
C TYR F 54 -12.33 8.92 -20.84
N ILE F 55 -12.26 7.64 -20.48
CA ILE F 55 -11.97 6.58 -21.44
C ILE F 55 -13.14 5.62 -21.47
N ILE F 56 -13.64 5.34 -22.68
CA ILE F 56 -14.75 4.41 -22.88
C ILE F 56 -14.19 3.18 -23.58
N GLN F 57 -14.26 2.04 -22.90
CA GLN F 57 -13.75 0.77 -23.43
C GLN F 57 -14.68 -0.35 -22.95
N SER F 58 -15.48 -0.89 -23.86
CA SER F 58 -16.40 -1.96 -23.52
C SER F 58 -15.67 -3.31 -23.48
N GLY F 59 -16.14 -4.19 -22.61
CA GLY F 59 -15.62 -5.54 -22.55
C GLY F 59 -16.31 -6.46 -23.54
N CYS F 60 -16.02 -6.29 -24.82
CA CYS F 60 -16.66 -7.06 -25.87
C CYS F 60 -15.57 -7.52 -26.85
N GLY F 61 -15.95 -8.33 -27.83
CA GLY F 61 -14.99 -8.88 -28.76
C GLY F 61 -13.97 -9.75 -28.04
N GLU F 62 -12.71 -9.57 -28.39
CA GLU F 62 -11.63 -10.22 -27.66
C GLU F 62 -11.41 -9.50 -26.34
N ILE F 63 -11.76 -10.15 -25.24
CA ILE F 63 -11.85 -9.48 -23.94
C ILE F 63 -10.48 -9.06 -23.45
N ASN F 64 -9.52 -9.99 -23.51
CA ASN F 64 -8.19 -9.73 -22.95
C ASN F 64 -7.50 -8.59 -23.69
N ASP F 65 -7.64 -8.56 -25.01
CA ASP F 65 -6.97 -7.54 -25.81
C ASP F 65 -7.51 -6.16 -25.48
N ASN F 66 -8.83 -6.02 -25.41
CA ASN F 66 -9.44 -4.73 -25.07
C ASN F 66 -9.10 -4.33 -23.64
N LEU F 67 -9.07 -5.29 -22.72
CA LEU F 67 -8.71 -4.98 -21.34
C LEU F 67 -7.29 -4.45 -21.24
N MET F 68 -6.36 -5.09 -21.96
CA MET F 68 -4.98 -4.63 -21.96
C MET F 68 -4.86 -3.26 -22.60
N GLU F 69 -5.62 -3.03 -23.67
CA GLU F 69 -5.67 -1.71 -24.28
C GLU F 69 -6.11 -0.65 -23.26
N LEU F 70 -7.18 -0.95 -22.52
CA LEU F 70 -7.70 -0.02 -21.52
C LEU F 70 -6.67 0.26 -20.44
N LEU F 71 -6.02 -0.79 -19.94
CA LEU F 71 -5.03 -0.60 -18.88
C LEU F 71 -3.84 0.23 -19.37
N ILE F 72 -3.35 -0.06 -20.57
CA ILE F 72 -2.21 0.69 -21.10
C ILE F 72 -2.60 2.14 -21.33
N MET F 73 -3.81 2.39 -21.82
CA MET F 73 -4.24 3.77 -22.05
C MET F 73 -4.38 4.54 -20.74
N ILE F 74 -4.94 3.89 -19.71
CA ILE F 74 -5.08 4.54 -18.42
C ILE F 74 -3.71 4.86 -17.83
N ASN F 75 -2.77 3.91 -17.93
CA ASN F 75 -1.43 4.15 -17.41
C ASN F 75 -0.75 5.28 -18.15
N ALA F 76 -0.89 5.33 -19.47
CA ALA F 76 -0.28 6.40 -20.26
C ALA F 76 -0.87 7.75 -19.89
N CYS F 77 -2.18 7.82 -19.67
CA CYS F 77 -2.80 9.07 -19.26
C CYS F 77 -2.33 9.48 -17.87
N LYS F 78 -2.17 8.53 -16.96
CA LYS F 78 -1.76 8.86 -15.61
C LYS F 78 -0.32 9.36 -15.56
N ILE F 79 0.59 8.68 -16.27
CA ILE F 79 1.99 9.10 -16.25
C ILE F 79 2.15 10.45 -16.93
N ALA F 80 1.23 10.82 -17.81
CA ALA F 80 1.27 12.09 -18.52
C ALA F 80 0.69 13.25 -17.70
N SER F 81 0.63 13.09 -16.37
CA SER F 81 0.24 14.18 -15.46
C SER F 81 -1.21 14.61 -15.68
N SER F 82 -2.10 13.65 -15.84
CA SER F 82 -3.52 13.96 -15.93
C SER F 82 -4.10 14.20 -14.54
N SER F 83 -5.09 15.09 -14.48
CA SER F 83 -5.72 15.41 -13.19
C SER F 83 -6.48 14.22 -12.64
N ARG F 84 -7.33 13.60 -13.45
CA ARG F 84 -8.14 12.47 -13.01
C ARG F 84 -8.56 11.66 -14.23
N VAL F 85 -8.35 10.34 -14.15
CA VAL F 85 -8.67 9.43 -15.24
C VAL F 85 -9.86 8.58 -14.83
N THR F 86 -10.90 8.58 -15.66
CA THR F 86 -12.12 7.82 -15.41
C THR F 86 -12.29 6.79 -16.52
N ALA F 87 -12.51 5.54 -16.13
CA ALA F 87 -12.70 4.44 -17.07
C ALA F 87 -14.18 4.12 -17.15
N VAL F 88 -14.79 4.37 -18.32
CA VAL F 88 -16.20 4.07 -18.55
C VAL F 88 -16.25 2.71 -19.25
N ILE F 89 -16.76 1.71 -18.55
CA ILE F 89 -16.82 0.34 -19.08
C ILE F 89 -18.28 -0.06 -19.21
N PRO F 90 -18.87 0.03 -20.41
CA PRO F 90 -20.29 -0.36 -20.55
C PRO F 90 -20.59 -1.79 -20.14
N CYS F 91 -19.69 -2.73 -20.44
CA CYS F 91 -19.84 -4.12 -20.04
C CYS F 91 -18.59 -4.56 -19.31
N PHE F 92 -18.73 -4.83 -18.02
CA PHE F 92 -17.57 -5.15 -17.19
C PHE F 92 -17.05 -6.53 -17.54
N PRO F 93 -15.79 -6.66 -17.94
CA PRO F 93 -15.25 -8.00 -18.26
C PRO F 93 -15.12 -8.86 -17.02
N TYR F 94 -15.30 -10.16 -17.20
CA TYR F 94 -15.15 -11.16 -16.14
C TYR F 94 -16.11 -10.89 -14.98
N ALA F 95 -17.27 -10.32 -15.30
CA ALA F 95 -18.25 -10.01 -14.27
C ALA F 95 -19.01 -11.23 -13.77
N ARG F 96 -18.99 -12.34 -14.52
CA ARG F 96 -19.64 -13.55 -14.07
C ARG F 96 -18.79 -14.35 -13.09
N GLN F 97 -17.50 -14.04 -13.01
CA GLN F 97 -16.60 -14.67 -12.04
C GLN F 97 -16.45 -13.73 -10.85
N ASP F 98 -17.47 -13.71 -10.00
CA ASP F 98 -17.52 -12.85 -8.85
C ASP F 98 -17.54 -13.60 -7.52
N LYS F 99 -17.55 -14.93 -7.55
CA LYS F 99 -17.54 -15.75 -6.36
C LYS F 99 -16.50 -16.85 -6.53
N LYS F 100 -16.12 -17.48 -5.41
CA LYS F 100 -15.33 -18.70 -5.46
C LYS F 100 -16.22 -19.93 -5.62
N ASP F 101 -17.45 -19.72 -6.07
CA ASP F 101 -18.41 -20.78 -6.41
C ASP F 101 -18.70 -21.63 -5.17
N LYS F 102 -18.96 -22.91 -5.36
CA LYS F 102 -19.40 -23.79 -4.29
C LYS F 102 -18.68 -25.13 -4.40
N VAL F 103 -19.18 -26.15 -3.69
CA VAL F 103 -18.58 -27.48 -3.77
C VAL F 103 -18.62 -27.97 -5.21
N GLY F 104 -17.45 -28.38 -5.72
CA GLY F 104 -17.29 -28.87 -7.07
C GLY F 104 -16.33 -28.06 -7.92
N GLU F 105 -16.38 -26.74 -7.82
CA GLU F 105 -15.47 -25.87 -8.58
C GLU F 105 -14.15 -25.81 -7.84
N SER F 106 -13.19 -26.60 -8.30
CA SER F 106 -11.92 -26.78 -7.61
C SER F 106 -11.04 -25.55 -7.81
N ARG F 107 -10.88 -24.76 -6.74
CA ARG F 107 -9.94 -23.65 -6.69
C ARG F 107 -10.10 -22.69 -7.87
N ALA F 108 -11.36 -22.35 -8.14
CA ALA F 108 -11.65 -21.35 -9.14
C ALA F 108 -11.30 -19.96 -8.61
N PRO F 109 -10.82 -19.07 -9.48
CA PRO F 109 -10.43 -17.73 -9.02
C PRO F 109 -11.58 -16.75 -9.00
N ILE F 110 -11.30 -15.52 -8.57
CA ILE F 110 -12.27 -14.43 -8.65
C ILE F 110 -11.73 -13.40 -9.63
N SER F 111 -12.10 -13.52 -10.90
CA SER F 111 -11.48 -12.71 -11.93
C SER F 111 -11.97 -11.26 -11.88
N ALA F 112 -13.17 -11.04 -11.35
CA ALA F 112 -13.69 -9.68 -11.25
C ALA F 112 -12.85 -8.84 -10.30
N LYS F 113 -12.47 -9.42 -9.16
CA LYS F 113 -11.60 -8.69 -8.23
C LYS F 113 -10.21 -8.48 -8.83
N LEU F 114 -9.74 -9.43 -9.64
CA LEU F 114 -8.45 -9.26 -10.31
C LEU F 114 -8.51 -8.07 -11.28
N VAL F 115 -9.59 -7.96 -12.04
CA VAL F 115 -9.75 -6.84 -12.96
C VAL F 115 -9.87 -5.53 -12.19
N ALA F 116 -10.56 -5.57 -11.06
CA ALA F 116 -10.68 -4.38 -10.22
C ALA F 116 -9.32 -3.92 -9.72
N ASN F 117 -8.51 -4.87 -9.24
CA ASN F 117 -7.17 -4.54 -8.79
C ASN F 117 -6.30 -4.02 -9.92
N MET F 118 -6.45 -4.61 -11.11
CA MET F 118 -5.70 -4.13 -12.27
C MET F 118 -6.05 -2.70 -12.60
N LEU F 119 -7.34 -2.36 -12.59
CA LEU F 119 -7.75 -0.99 -12.88
C LEU F 119 -7.31 -0.03 -11.79
N SER F 120 -7.31 -0.48 -10.54
CA SER F 120 -6.89 0.38 -9.44
C SER F 120 -5.39 0.65 -9.50
N VAL F 121 -4.59 -0.36 -9.85
CA VAL F 121 -3.15 -0.20 -9.90
C VAL F 121 -2.70 0.49 -11.19
N ALA F 122 -3.52 0.43 -12.24
CA ALA F 122 -3.18 1.14 -13.47
C ALA F 122 -3.27 2.65 -13.27
N GLY F 123 -4.18 3.10 -12.41
CA GLY F 123 -4.28 4.51 -12.10
C GLY F 123 -5.66 5.09 -12.28
N ALA F 124 -6.68 4.24 -12.34
CA ALA F 124 -8.05 4.71 -12.48
C ALA F 124 -8.52 5.39 -11.20
N ASP F 125 -9.24 6.49 -11.37
CA ASP F 125 -9.80 7.25 -10.26
C ASP F 125 -11.30 7.14 -10.13
N HIS F 126 -11.99 6.63 -11.14
CA HIS F 126 -13.45 6.53 -11.14
C HIS F 126 -13.84 5.45 -12.13
N ILE F 127 -14.95 4.76 -11.86
CA ILE F 127 -15.46 3.71 -12.72
C ILE F 127 -16.94 3.96 -12.99
N ILE F 128 -17.33 3.87 -14.25
CA ILE F 128 -18.74 3.99 -14.65
C ILE F 128 -19.11 2.73 -15.42
N THR F 129 -20.10 2.00 -14.91
CA THR F 129 -20.52 0.73 -15.49
C THR F 129 -22.03 0.72 -15.64
N MET F 130 -22.51 0.01 -16.66
CA MET F 130 -23.94 -0.10 -16.93
C MET F 130 -24.42 -1.50 -16.59
N ASP F 131 -25.34 -1.58 -15.62
CA ASP F 131 -26.01 -2.83 -15.26
C ASP F 131 -25.01 -3.95 -14.95
N LEU F 132 -24.25 -3.80 -13.88
CA LEU F 132 -23.31 -4.84 -13.47
C LEU F 132 -24.04 -6.16 -13.23
N HIS F 133 -23.33 -7.26 -13.49
CA HIS F 133 -23.93 -8.58 -13.29
C HIS F 133 -24.30 -8.79 -11.83
N ALA F 134 -23.40 -8.40 -10.92
CA ALA F 134 -23.67 -8.38 -9.49
C ALA F 134 -23.41 -6.97 -8.98
N SER F 135 -24.38 -6.38 -8.31
CA SER F 135 -24.25 -5.02 -7.81
C SER F 135 -23.16 -4.95 -6.74
N GLN F 136 -22.85 -6.09 -6.12
CA GLN F 136 -21.81 -6.12 -5.10
C GLN F 136 -20.41 -5.93 -5.65
N ILE F 137 -20.25 -5.96 -6.98
CA ILE F 137 -18.96 -5.66 -7.59
C ILE F 137 -18.54 -4.23 -7.30
N GLN F 138 -19.48 -3.37 -6.88
CA GLN F 138 -19.13 -2.03 -6.44
C GLN F 138 -18.12 -2.06 -5.30
N GLY F 139 -18.23 -3.08 -4.44
CA GLY F 139 -17.32 -3.20 -3.31
C GLY F 139 -15.98 -3.79 -3.66
N PHE F 140 -15.81 -4.22 -4.91
CA PHE F 140 -14.53 -4.75 -5.35
C PHE F 140 -13.48 -3.66 -5.56
N PHE F 141 -13.90 -2.41 -5.59
CA PHE F 141 -13.03 -1.26 -5.78
C PHE F 141 -12.96 -0.45 -4.50
N ASP F 142 -11.92 0.36 -4.38
CA ASP F 142 -11.85 1.39 -3.34
C ASP F 142 -12.13 2.77 -3.88
N ILE F 143 -12.20 2.95 -5.19
CA ILE F 143 -12.57 4.21 -5.83
C ILE F 143 -14.09 4.23 -6.01
N PRO F 144 -14.71 5.39 -6.21
CA PRO F 144 -16.16 5.40 -6.47
C PRO F 144 -16.51 4.63 -7.72
N VAL F 145 -17.64 3.94 -7.68
CA VAL F 145 -18.14 3.16 -8.81
C VAL F 145 -19.60 3.54 -9.04
N ASP F 146 -19.93 3.88 -10.29
CA ASP F 146 -21.29 4.24 -10.66
C ASP F 146 -21.91 3.10 -11.45
N ASN F 147 -22.96 2.50 -10.89
CA ASN F 147 -23.65 1.37 -11.50
C ASN F 147 -24.95 1.89 -12.11
N LEU F 148 -24.92 2.15 -13.41
CA LEU F 148 -26.09 2.67 -14.11
C LEU F 148 -27.10 1.55 -14.37
N TYR F 149 -28.34 1.95 -14.63
CA TYR F 149 -29.43 1.02 -14.87
C TYR F 149 -30.12 1.34 -16.19
N ALA F 150 -30.39 0.30 -16.97
CA ALA F 150 -31.08 0.43 -18.24
C ALA F 150 -32.57 0.15 -18.14
N GLU F 151 -33.09 -0.06 -16.93
CA GLU F 151 -34.51 -0.34 -16.72
C GLU F 151 -35.46 0.70 -17.30
N PRO F 152 -35.22 2.02 -17.15
CA PRO F 152 -36.14 2.99 -17.77
C PRO F 152 -36.28 2.82 -19.28
N ALA F 153 -35.19 2.48 -19.98
CA ALA F 153 -35.30 2.27 -21.42
C ALA F 153 -36.10 1.02 -21.75
N VAL F 154 -35.91 -0.05 -20.97
CA VAL F 154 -36.67 -1.27 -21.19
C VAL F 154 -38.16 -1.01 -20.98
N LEU F 155 -38.49 -0.27 -19.91
CA LEU F 155 -39.89 0.05 -19.64
C LEU F 155 -40.49 0.88 -20.76
N GLN F 156 -39.74 1.87 -21.26
CA GLN F 156 -40.22 2.70 -22.35
C GLN F 156 -40.47 1.89 -23.59
N TRP F 157 -39.56 0.96 -23.91
CA TRP F 157 -39.74 0.09 -25.07
C TRP F 157 -40.98 -0.79 -24.91
N ILE F 158 -41.19 -1.31 -23.70
CA ILE F 158 -42.36 -2.15 -23.44
C ILE F 158 -43.64 -1.36 -23.67
N ARG F 159 -43.68 -0.13 -23.14
CA ARG F 159 -44.87 0.70 -23.25
C ARG F 159 -45.15 1.09 -24.71
N GLU F 160 -44.11 1.53 -25.43
CA GLU F 160 -44.32 2.05 -26.76
C GLU F 160 -44.62 0.94 -27.76
N ASN F 161 -43.83 -0.14 -27.74
CA ASN F 161 -43.90 -1.13 -28.80
C ASN F 161 -44.98 -2.19 -28.53
N ILE F 162 -44.92 -2.83 -27.37
CA ILE F 162 -45.92 -3.84 -27.03
C ILE F 162 -47.22 -3.15 -26.64
N ALA F 163 -48.26 -3.35 -27.45
CA ALA F 163 -49.53 -2.65 -27.22
C ALA F 163 -50.32 -3.25 -26.07
N GLU F 164 -50.11 -4.52 -25.76
CA GLU F 164 -50.84 -5.21 -24.70
C GLU F 164 -50.02 -5.28 -23.41
N TRP F 165 -49.22 -4.25 -23.13
CA TRP F 165 -48.35 -4.28 -21.95
C TRP F 165 -49.13 -4.17 -20.65
N LYS F 166 -50.41 -3.80 -20.70
CA LYS F 166 -51.20 -3.71 -19.48
C LYS F 166 -51.71 -5.06 -19.01
N ASN F 167 -51.66 -6.08 -19.86
CA ASN F 167 -52.17 -7.40 -19.51
C ASN F 167 -51.17 -8.48 -19.96
N CYS F 168 -49.89 -8.21 -19.75
CA CYS F 168 -48.81 -9.14 -20.04
C CYS F 168 -48.32 -9.78 -18.74
N ILE F 169 -47.23 -10.53 -18.84
CA ILE F 169 -46.48 -11.00 -17.68
C ILE F 169 -44.99 -10.88 -18.00
N ILE F 170 -44.19 -10.80 -16.95
CA ILE F 170 -42.73 -10.73 -17.06
C ILE F 170 -42.15 -11.98 -16.42
N VAL F 171 -41.33 -12.71 -17.18
CA VAL F 171 -40.86 -14.04 -16.79
C VAL F 171 -39.34 -14.02 -16.69
N SER F 172 -38.82 -14.60 -15.61
CA SER F 172 -37.38 -14.72 -15.43
C SER F 172 -36.93 -16.08 -15.96
N PRO F 173 -35.93 -16.14 -16.85
CA PRO F 173 -35.51 -17.43 -17.40
C PRO F 173 -34.74 -18.29 -16.40
N ASP F 174 -34.38 -17.73 -15.25
CA ASP F 174 -33.61 -18.46 -14.26
C ASP F 174 -34.01 -17.96 -12.87
N ALA F 175 -33.45 -18.61 -11.84
CA ALA F 175 -33.79 -18.26 -10.47
C ALA F 175 -33.14 -16.97 -10.03
N GLY F 176 -31.95 -16.65 -10.56
CA GLY F 176 -31.24 -15.46 -10.17
C GLY F 176 -31.81 -14.15 -10.68
N GLY F 177 -32.73 -14.21 -11.64
CA GLY F 177 -33.35 -13.02 -12.19
C GLY F 177 -34.65 -12.61 -11.55
N ALA F 178 -34.97 -13.10 -10.35
CA ALA F 178 -36.22 -12.77 -9.69
C ALA F 178 -36.31 -11.29 -9.35
N LYS F 179 -35.20 -10.69 -8.93
CA LYS F 179 -35.22 -9.29 -8.50
C LYS F 179 -35.54 -8.34 -9.64
N ARG F 180 -34.85 -8.50 -10.78
CA ARG F 180 -35.04 -7.61 -11.92
C ARG F 180 -36.44 -7.72 -12.47
N VAL F 181 -36.89 -8.96 -12.69
CA VAL F 181 -38.23 -9.23 -13.20
C VAL F 181 -39.28 -8.68 -12.24
N THR F 182 -39.07 -8.90 -10.95
CA THR F 182 -40.01 -8.44 -9.94
C THR F 182 -40.11 -6.92 -9.92
N SER F 183 -38.97 -6.23 -10.00
CA SER F 183 -38.97 -4.77 -10.01
C SER F 183 -39.66 -4.23 -11.25
N ILE F 184 -39.39 -4.85 -12.40
CA ILE F 184 -40.04 -4.40 -13.64
C ILE F 184 -41.55 -4.61 -13.57
N ALA F 185 -41.98 -5.76 -13.06
CA ALA F 185 -43.40 -6.04 -12.92
C ALA F 185 -44.06 -5.05 -11.98
N ASP F 186 -43.40 -4.73 -10.87
CA ASP F 186 -43.93 -3.74 -9.94
C ASP F 186 -44.04 -2.37 -10.59
N ARG F 187 -43.02 -1.96 -11.35
CA ARG F 187 -43.03 -0.64 -11.96
C ARG F 187 -44.09 -0.55 -13.04
N LEU F 188 -44.34 -1.64 -13.75
CA LEU F 188 -45.40 -1.68 -14.76
C LEU F 188 -46.76 -2.01 -14.19
N ASN F 189 -46.86 -2.23 -12.88
CA ASN F 189 -48.11 -2.53 -12.19
C ASN F 189 -48.79 -3.76 -12.79
N VAL F 190 -48.03 -4.84 -12.94
CA VAL F 190 -48.53 -6.06 -13.54
C VAL F 190 -47.86 -7.24 -12.82
N GLU F 191 -48.42 -8.44 -12.96
CA GLU F 191 -47.95 -9.63 -12.28
C GLU F 191 -46.76 -10.23 -13.03
N PHE F 192 -46.24 -11.33 -12.48
CA PHE F 192 -45.02 -11.95 -12.98
C PHE F 192 -45.05 -13.46 -12.76
N ALA F 193 -44.13 -14.14 -13.42
CA ALA F 193 -43.95 -15.59 -13.31
C ALA F 193 -42.47 -15.90 -13.05
N LEU F 194 -42.14 -17.19 -13.05
CA LEU F 194 -40.78 -17.63 -12.78
C LEU F 194 -40.53 -18.98 -13.44
N ILE F 195 -39.31 -19.17 -13.93
CA ILE F 195 -38.89 -20.41 -14.58
C ILE F 195 -37.55 -20.83 -14.02
N HIS F 196 -37.39 -22.12 -13.74
CA HIS F 196 -36.14 -22.69 -13.27
C HIS F 196 -35.81 -23.95 -14.07
N LYS F 197 -34.52 -24.17 -14.32
CA LYS F 197 -34.07 -25.34 -15.06
C LYS F 197 -33.80 -26.51 -14.11
N GLU F 198 -33.38 -27.64 -14.65
CA GLU F 198 -33.07 -28.83 -13.86
C GLU F 198 -34.26 -29.27 -12.99
N ARG F 207 -36.92 -31.08 -17.31
CA ARG F 207 -35.96 -30.24 -16.60
C ARG F 207 -36.54 -28.88 -16.28
N MET F 208 -37.21 -28.28 -17.25
CA MET F 208 -37.78 -26.96 -17.07
C MET F 208 -39.01 -27.02 -16.15
N VAL F 209 -39.05 -26.11 -15.18
CA VAL F 209 -40.17 -25.98 -14.27
C VAL F 209 -40.66 -24.54 -14.35
N LEU F 210 -41.97 -24.35 -14.18
CA LEU F 210 -42.58 -23.04 -14.33
C LEU F 210 -43.61 -22.83 -13.22
N VAL F 211 -43.57 -21.64 -12.61
CA VAL F 211 -44.55 -21.25 -11.61
C VAL F 211 -45.15 -19.91 -12.05
N GLY F 212 -46.37 -19.95 -12.58
CA GLY F 212 -47.02 -18.75 -13.04
C GLY F 212 -48.24 -19.09 -13.87
N ASP F 213 -48.90 -18.03 -14.36
CA ASP F 213 -50.14 -18.21 -15.11
C ASP F 213 -49.85 -18.55 -16.57
N VAL F 214 -49.20 -17.63 -17.29
CA VAL F 214 -48.78 -17.77 -18.68
C VAL F 214 -49.75 -18.62 -19.52
N LYS F 215 -51.03 -18.27 -19.48
CA LYS F 215 -52.05 -18.99 -20.22
C LYS F 215 -52.77 -18.00 -21.13
N ASP F 216 -52.60 -18.17 -22.45
CA ASP F 216 -53.24 -17.34 -23.46
C ASP F 216 -53.00 -15.85 -23.21
N ARG F 217 -51.75 -15.52 -22.93
CA ARG F 217 -51.35 -14.12 -22.74
C ARG F 217 -49.93 -13.97 -23.27
N VAL F 218 -49.43 -12.74 -23.26
CA VAL F 218 -48.10 -12.44 -23.80
C VAL F 218 -47.11 -12.35 -22.64
N ALA F 219 -45.98 -13.04 -22.81
CA ALA F 219 -44.94 -13.11 -21.79
C ALA F 219 -43.66 -12.49 -22.33
N ILE F 220 -42.95 -11.79 -21.43
CA ILE F 220 -41.71 -11.10 -21.78
C ILE F 220 -40.60 -11.67 -20.92
N LEU F 221 -39.53 -12.14 -21.56
CA LEU F 221 -38.37 -12.68 -20.85
C LEU F 221 -37.36 -11.56 -20.63
N VAL F 222 -36.97 -11.35 -19.37
CA VAL F 222 -36.03 -10.30 -19.01
C VAL F 222 -34.83 -10.95 -18.31
N ASP F 223 -33.63 -10.67 -18.84
CA ASP F 223 -32.40 -11.11 -18.23
C ASP F 223 -31.36 -10.01 -18.37
N ASP F 224 -30.25 -10.15 -17.64
CA ASP F 224 -29.19 -9.16 -17.71
C ASP F 224 -28.35 -9.31 -18.98
N MET F 225 -28.14 -10.53 -19.45
CA MET F 225 -27.23 -10.77 -20.56
C MET F 225 -27.61 -12.07 -21.25
N ALA F 226 -27.05 -12.28 -22.43
CA ALA F 226 -27.22 -13.52 -23.19
C ALA F 226 -25.93 -13.83 -23.91
N ASP F 227 -25.19 -14.82 -23.41
CA ASP F 227 -23.92 -15.20 -24.01
C ASP F 227 -24.12 -16.12 -25.21
N THR F 228 -24.70 -17.29 -24.99
CA THR F 228 -24.97 -18.25 -26.04
C THR F 228 -26.44 -18.50 -26.25
N CYS F 229 -27.31 -17.79 -25.53
CA CYS F 229 -28.75 -18.06 -25.52
C CYS F 229 -29.03 -19.50 -25.11
N GLY F 230 -28.21 -20.05 -24.22
CA GLY F 230 -28.54 -21.33 -23.61
C GLY F 230 -29.80 -21.23 -22.78
N THR F 231 -29.95 -20.14 -22.03
CA THR F 231 -31.22 -19.78 -21.45
C THR F 231 -32.07 -19.08 -22.52
N ILE F 232 -33.14 -18.42 -22.06
CA ILE F 232 -34.08 -17.62 -22.87
C ILE F 232 -34.70 -18.45 -23.98
N CYS F 233 -33.90 -19.21 -24.74
CA CYS F 233 -34.46 -20.07 -25.78
C CYS F 233 -35.30 -21.19 -25.16
N HIS F 234 -34.73 -21.91 -24.18
CA HIS F 234 -35.49 -22.95 -23.50
C HIS F 234 -36.65 -22.35 -22.72
N ALA F 235 -36.48 -21.16 -22.16
CA ALA F 235 -37.59 -20.50 -21.49
C ALA F 235 -38.72 -20.18 -22.45
N ALA F 236 -38.41 -19.73 -23.66
CA ALA F 236 -39.44 -19.48 -24.66
C ALA F 236 -40.12 -20.78 -25.08
N ASP F 237 -39.34 -21.86 -25.22
CA ASP F 237 -39.94 -23.15 -25.55
C ASP F 237 -40.92 -23.58 -24.46
N LYS F 238 -40.51 -23.45 -23.20
CA LYS F 238 -41.39 -23.82 -22.09
C LYS F 238 -42.63 -22.94 -22.04
N LEU F 239 -42.47 -21.64 -22.29
CA LEU F 239 -43.60 -20.74 -22.29
C LEU F 239 -44.58 -21.06 -23.41
N LEU F 240 -44.06 -21.36 -24.60
CA LEU F 240 -44.92 -21.73 -25.72
C LEU F 240 -45.64 -23.04 -25.44
N SER F 241 -44.95 -23.99 -24.81
CA SER F 241 -45.60 -25.24 -24.41
C SER F 241 -46.71 -24.98 -23.40
N ALA F 242 -46.48 -24.03 -22.48
CA ALA F 242 -47.44 -23.77 -21.42
C ALA F 242 -48.71 -23.07 -21.91
N GLY F 243 -48.64 -22.32 -23.02
CA GLY F 243 -49.83 -21.69 -23.54
C GLY F 243 -49.66 -20.24 -23.94
N ALA F 244 -48.45 -19.70 -23.79
CA ALA F 244 -48.20 -18.31 -24.16
C ALA F 244 -48.43 -18.09 -25.64
N THR F 245 -49.15 -17.01 -25.98
CA THR F 245 -49.43 -16.72 -27.38
C THR F 245 -48.15 -16.33 -28.12
N LYS F 246 -47.33 -15.48 -27.51
CA LYS F 246 -46.05 -15.11 -28.10
C LYS F 246 -45.10 -14.71 -26.98
N VAL F 247 -43.80 -14.79 -27.25
CA VAL F 247 -42.77 -14.56 -26.26
C VAL F 247 -41.82 -13.48 -26.76
N TYR F 248 -41.57 -12.49 -25.91
CA TYR F 248 -40.58 -11.45 -26.16
C TYR F 248 -39.37 -11.67 -25.26
N ALA F 249 -38.26 -11.03 -25.62
CA ALA F 249 -37.02 -11.15 -24.86
C ALA F 249 -36.32 -9.80 -24.88
N ILE F 250 -36.11 -9.22 -23.70
CA ILE F 250 -35.43 -7.94 -23.55
C ILE F 250 -34.19 -8.19 -22.70
N LEU F 251 -33.04 -7.71 -23.17
CA LEU F 251 -31.76 -7.96 -22.55
C LEU F 251 -30.97 -6.67 -22.46
N THR F 252 -30.04 -6.60 -21.50
CA THR F 252 -29.18 -5.43 -21.38
C THR F 252 -27.92 -5.61 -22.22
N HIS F 253 -27.14 -6.65 -21.92
CA HIS F 253 -25.90 -6.92 -22.65
C HIS F 253 -26.09 -8.13 -23.54
N GLY F 254 -26.23 -7.90 -24.84
CA GLY F 254 -26.33 -9.01 -25.76
C GLY F 254 -24.99 -9.41 -26.34
N ILE F 255 -24.35 -10.42 -25.74
CA ILE F 255 -23.08 -10.91 -26.29
C ILE F 255 -23.31 -11.59 -27.62
N PHE F 256 -24.26 -12.51 -27.68
CA PHE F 256 -24.58 -13.29 -28.88
C PHE F 256 -23.33 -13.96 -29.44
N SER F 257 -22.62 -14.68 -28.56
CA SER F 257 -21.43 -15.42 -28.97
C SER F 257 -21.78 -16.88 -29.23
N GLY F 258 -20.84 -17.59 -29.84
CA GLY F 258 -21.04 -18.99 -30.17
C GLY F 258 -22.12 -19.19 -31.21
N PRO F 259 -23.03 -20.15 -30.96
CA PRO F 259 -24.13 -20.37 -31.90
C PRO F 259 -25.08 -19.19 -31.96
N ALA F 260 -25.58 -18.78 -30.80
CA ALA F 260 -26.41 -17.60 -30.61
C ALA F 260 -27.35 -17.30 -31.77
N ILE F 261 -26.86 -16.54 -32.76
CA ILE F 261 -27.65 -16.01 -33.86
C ILE F 261 -28.44 -17.14 -34.52
N SER F 262 -27.79 -18.29 -34.67
CA SER F 262 -28.46 -19.47 -35.23
C SER F 262 -29.65 -19.87 -34.37
N ARG F 263 -29.49 -19.85 -33.05
CA ARG F 263 -30.57 -20.26 -32.16
C ARG F 263 -31.75 -19.29 -32.22
N ILE F 264 -31.47 -17.98 -32.21
CA ILE F 264 -32.56 -17.00 -32.30
C ILE F 264 -33.25 -17.13 -33.65
N ASN F 265 -32.48 -17.38 -34.71
CA ASN F 265 -33.04 -17.40 -36.06
C ASN F 265 -34.09 -18.48 -36.21
N ASN F 266 -33.85 -19.67 -35.65
CA ASN F 266 -34.83 -20.75 -35.78
C ASN F 266 -35.67 -20.86 -34.52
N ALA F 267 -35.96 -19.73 -33.90
CA ALA F 267 -36.77 -19.67 -32.69
C ALA F 267 -37.98 -18.76 -32.91
N ALA F 268 -38.94 -18.86 -32.00
CA ALA F 268 -40.22 -18.19 -32.13
C ALA F 268 -40.27 -16.88 -31.34
N PHE F 269 -39.15 -16.16 -31.27
CA PHE F 269 -39.13 -14.85 -30.65
C PHE F 269 -39.77 -13.82 -31.58
N GLU F 270 -40.73 -13.07 -31.05
CA GLU F 270 -41.26 -11.94 -31.79
C GLU F 270 -40.23 -10.83 -31.94
N ALA F 271 -39.43 -10.60 -30.91
CA ALA F 271 -38.36 -9.61 -30.95
C ALA F 271 -37.40 -9.87 -29.81
N VAL F 272 -36.11 -9.73 -30.08
CA VAL F 272 -35.05 -9.85 -29.08
C VAL F 272 -34.44 -8.47 -28.93
N VAL F 273 -34.66 -7.84 -27.78
CA VAL F 273 -34.29 -6.45 -27.58
C VAL F 273 -33.03 -6.38 -26.73
N VAL F 274 -32.05 -5.59 -27.19
CA VAL F 274 -30.80 -5.41 -26.47
C VAL F 274 -30.49 -3.92 -26.42
N THR F 275 -29.35 -3.56 -25.84
CA THR F 275 -28.94 -2.17 -25.73
C THR F 275 -27.61 -1.98 -26.46
N ASN F 276 -27.15 -0.73 -26.51
CA ASN F 276 -25.95 -0.38 -27.25
C ASN F 276 -24.68 -1.03 -26.72
N THR F 277 -24.62 -1.30 -25.41
CA THR F 277 -23.37 -1.54 -24.67
C THR F 277 -22.36 -2.41 -25.41
N ILE F 278 -22.83 -3.37 -26.19
CA ILE F 278 -21.97 -4.22 -27.01
C ILE F 278 -22.37 -4.01 -28.47
N PRO F 279 -21.40 -3.81 -29.39
CA PRO F 279 -21.74 -3.58 -30.79
C PRO F 279 -22.67 -4.62 -31.38
N GLN F 280 -23.83 -4.18 -31.87
CA GLN F 280 -24.84 -5.08 -32.41
C GLN F 280 -24.99 -4.95 -33.92
N GLU F 281 -24.11 -4.20 -34.58
CA GLU F 281 -24.21 -3.93 -36.00
C GLU F 281 -24.19 -5.22 -36.83
N ASP F 282 -23.09 -5.98 -36.74
CA ASP F 282 -22.95 -7.18 -37.53
C ASP F 282 -23.99 -8.23 -37.14
N LYS F 283 -24.29 -8.34 -35.85
CA LYS F 283 -25.25 -9.33 -35.38
C LYS F 283 -26.64 -9.07 -35.94
N MET F 284 -27.04 -7.79 -35.99
CA MET F 284 -28.39 -7.45 -36.44
C MET F 284 -28.58 -7.79 -37.92
N LYS F 285 -27.49 -7.81 -38.69
CA LYS F 285 -27.61 -8.09 -40.12
C LYS F 285 -28.08 -9.51 -40.38
N HIS F 286 -27.60 -10.47 -39.57
CA HIS F 286 -27.92 -11.88 -39.75
C HIS F 286 -29.16 -12.31 -38.98
N CYS F 287 -29.83 -11.37 -38.31
CA CYS F 287 -31.02 -11.70 -37.54
C CYS F 287 -31.96 -10.51 -37.46
N THR F 288 -33.17 -10.66 -38.04
CA THR F 288 -34.10 -9.55 -38.10
C THR F 288 -34.77 -9.28 -36.74
N LYS F 289 -34.81 -10.30 -35.88
CA LYS F 289 -35.52 -10.16 -34.61
C LYS F 289 -34.82 -9.15 -33.69
N ILE F 290 -33.49 -9.04 -33.80
CA ILE F 290 -32.74 -8.23 -32.86
C ILE F 290 -33.02 -6.76 -33.08
N GLN F 291 -33.29 -6.04 -31.98
CA GLN F 291 -33.49 -4.60 -32.01
C GLN F 291 -32.64 -3.97 -30.91
N VAL F 292 -32.24 -2.72 -31.12
CA VAL F 292 -31.26 -2.07 -30.26
C VAL F 292 -31.90 -0.85 -29.60
N ILE F 293 -31.56 -0.63 -28.32
CA ILE F 293 -32.00 0.53 -27.58
C ILE F 293 -30.77 1.37 -27.26
N ASP F 294 -30.80 2.65 -27.65
CA ASP F 294 -29.68 3.54 -27.36
C ASP F 294 -29.59 3.81 -25.86
N ILE F 295 -28.37 3.75 -25.33
CA ILE F 295 -28.10 4.12 -23.95
C ILE F 295 -27.02 5.18 -23.84
N SER F 296 -26.66 5.84 -24.94
CA SER F 296 -25.60 6.85 -24.91
C SER F 296 -25.98 8.03 -24.01
N MET F 297 -27.27 8.36 -23.91
CA MET F 297 -27.67 9.51 -23.12
C MET F 297 -27.39 9.26 -21.63
N ILE F 298 -27.56 8.02 -21.17
CA ILE F 298 -27.35 7.72 -19.76
C ILE F 298 -25.87 7.85 -19.41
N LEU F 299 -25.00 7.28 -20.26
CA LEU F 299 -23.57 7.40 -20.03
C LEU F 299 -23.12 8.86 -20.11
N ALA F 300 -23.64 9.61 -21.07
CA ALA F 300 -23.27 11.01 -21.19
C ALA F 300 -23.70 11.80 -19.96
N GLU F 301 -24.91 11.54 -19.46
CA GLU F 301 -25.38 12.24 -18.27
C GLU F 301 -24.55 11.88 -17.05
N ALA F 302 -24.15 10.60 -16.95
CA ALA F 302 -23.30 10.19 -15.84
C ALA F 302 -21.94 10.88 -15.91
N ILE F 303 -21.39 11.00 -17.12
CA ILE F 303 -20.10 11.66 -17.32
C ILE F 303 -20.21 13.13 -16.93
N ARG F 304 -21.29 13.78 -17.35
CA ARG F 304 -21.50 15.19 -16.98
C ARG F 304 -21.64 15.34 -15.47
N ARG F 305 -22.38 14.44 -14.83
CA ARG F 305 -22.56 14.51 -13.39
C ARG F 305 -21.24 14.35 -12.67
N THR F 306 -20.40 13.42 -13.13
CA THR F 306 -19.08 13.25 -12.52
C THR F 306 -18.20 14.47 -12.72
N HIS F 307 -18.21 15.03 -13.94
CA HIS F 307 -17.29 16.12 -14.26
C HIS F 307 -17.67 17.41 -13.54
N ASN F 308 -18.95 17.79 -13.60
CA ASN F 308 -19.36 19.09 -13.07
C ASN F 308 -19.10 19.18 -11.58
N GLY F 309 -19.77 18.34 -10.80
CA GLY F 309 -19.58 18.34 -9.36
C GLY F 309 -20.16 19.57 -8.67
C1 RP5 G . 15.78 -4.10 -30.44
O4 RP5 G . 14.97 -3.99 -31.62
C2 RP5 G . 16.38 -5.50 -30.44
O2 RP5 G . 17.79 -5.41 -30.28
C3 RP5 G . 16.04 -6.10 -31.78
O3 RP5 G . 17.25 -6.47 -32.46
C4 RP5 G . 15.35 -4.99 -32.56
C5 RP5 G . 14.11 -5.49 -33.30
O5 RP5 G . 14.50 -6.50 -34.22
P' RP5 G . 13.73 -6.64 -35.63
O1X RP5 G . 14.34 -5.55 -36.48
O2X RP5 G . 14.06 -8.04 -36.06
O3X RP5 G . 12.29 -6.39 -35.29
O1 RP5 G . 14.97 -3.91 -29.28
MG MG H . 18.29 -3.41 -30.26
MG MG I . 15.44 -1.36 -26.14
PB ADP J . -25.28 -17.93 -10.15
O1B ADP J . -26.01 -16.73 -10.70
O2B ADP J . -24.56 -17.69 -8.85
O3B ADP J . -26.06 -19.22 -10.21
PA ADP J . -24.33 -17.81 -12.76
O1A ADP J . -24.08 -16.33 -12.91
O2A ADP J . -25.64 -18.41 -13.22
O3A ADP J . -24.11 -18.16 -11.21
O5' ADP J . -23.12 -18.62 -13.42
C5' ADP J . -21.79 -18.34 -13.01
C4' ADP J . -20.88 -19.47 -13.48
O4' ADP J . -20.62 -19.30 -14.87
C3' ADP J . -19.54 -19.44 -12.75
O3' ADP J . -19.43 -20.60 -11.93
C2' ADP J . -18.47 -19.48 -13.83
O2' ADP J . -17.69 -20.66 -13.68
C1' ADP J . -19.24 -19.52 -15.15
N9 ADP J . -18.74 -18.44 -16.05
C8 ADP J . -18.02 -17.37 -15.67
N7 ADP J . -17.73 -16.59 -16.75
C5 ADP J . -18.26 -17.17 -17.83
C6 ADP J . -18.32 -16.89 -19.28
N6 ADP J . -17.73 -15.79 -19.80
N1 ADP J . -18.98 -17.76 -20.06
C2 ADP J . -19.57 -18.86 -19.56
N3 ADP J . -19.55 -19.18 -18.27
C4 ADP J . -18.93 -18.40 -17.36
C1 RP5 K . 16.45 15.70 25.98
O4 RP5 K . 17.37 16.73 25.60
C2 RP5 K . 17.22 14.69 26.80
O2 RP5 K . 16.55 14.48 28.05
C3 RP5 K . 18.59 15.29 27.03
O3 RP5 K . 18.84 15.37 28.43
C4 RP5 K . 18.53 16.68 26.43
C5 RP5 K . 19.76 17.00 25.60
O5 RP5 K . 20.92 16.87 26.42
P' RP5 K . 22.14 17.88 26.26
O1X RP5 K . 21.66 19.15 26.93
O2X RP5 K . 23.26 17.18 26.98
O3X RP5 K . 22.34 18.01 24.77
O1 RP5 K . 15.93 15.08 24.80
MG MG L . 14.92 15.71 28.16
MG MG M . 11.86 14.72 23.74
PB ADP N . 27.62 -1.58 -17.31
O1B ADP N . 27.21 -0.21 -17.80
O2B ADP N . 26.47 -2.52 -17.04
O3B ADP N . 28.77 -2.19 -18.08
PA ADP N . 28.86 0.14 -15.50
O1A ADP N . 27.69 1.08 -15.34
O2A ADP N . 29.99 0.46 -16.44
O3A ADP N . 28.25 -1.29 -15.87
O5' ADP N . 29.46 -0.17 -14.05
C5' ADP N . 28.58 -0.29 -12.94
C4' ADP N . 29.31 -0.96 -11.78
O4' ADP N . 29.99 0.05 -11.04
C3' ADP N . 28.35 -1.66 -10.83
O3' ADP N . 28.60 -3.06 -10.88
C2' ADP N . 28.67 -1.12 -9.45
O2' ADP N . 29.09 -2.20 -8.60
C1' ADP N . 29.80 -0.14 -9.63
N9 ADP N . 29.44 1.16 -9.01
C8 ADP N . 28.21 1.55 -8.63
N7 ADP N . 28.23 2.79 -8.09
C5 ADP N . 29.51 3.22 -8.12
C6 ADP N . 30.23 4.44 -7.71
N6 ADP N . 29.59 5.48 -7.14
N1 ADP N . 31.57 4.48 -7.92
C2 ADP N . 32.23 3.44 -8.48
N3 ADP N . 31.63 2.31 -8.88
C4 ADP N . 30.30 2.14 -8.72
C1 RP5 O . -33.04 -9.66 3.74
O4 RP5 O . -33.84 -8.81 4.57
C2 RP5 O . -33.00 -11.02 4.42
O2 RP5 O . -33.36 -12.03 3.47
C3 RP5 O . -34.04 -10.97 5.52
O3 RP5 O . -35.02 -11.99 5.31
C4 RP5 O . -34.68 -9.60 5.41
C5 RP5 O . -34.84 -8.92 6.76
O5 RP5 O . -35.69 -9.71 7.58
P' RP5 O . -36.61 -9.02 8.70
O1X RP5 O . -37.83 -8.57 7.95
O2X RP5 O . -36.84 -10.13 9.69
O3X RP5 O . -35.75 -7.89 9.23
O1 RP5 O . -31.71 -9.13 3.65
MG MG P . -33.83 -10.98 1.63
MG MG Q . -29.35 -8.00 0.54
PB ADP R . 2.27 6.51 31.85
O1B ADP R . 1.81 7.92 31.63
O2B ADP R . 3.09 5.92 30.72
O3B ADP R . 2.82 6.23 33.23
PA ADP R . -0.49 6.35 32.20
O1A ADP R . -0.91 7.16 31.00
O2A ADP R . -0.37 6.99 33.56
O3A ADP R . 0.92 5.66 31.82
O5' ADP R . -1.41 5.04 32.31
C5' ADP R . -1.80 4.37 31.12
C4' ADP R . -2.25 2.95 31.48
O4' ADP R . -3.66 2.97 31.68
C3' ADP R . -1.95 1.97 30.37
O3' ADP R . -1.01 1.00 30.82
C2' ADP R . -3.26 1.30 30.03
O2' ADP R . -3.14 -0.11 30.25
C1' ADP R . -4.29 1.89 30.98
N9 ADP R . -5.44 2.41 30.22
C8 ADP R . -5.51 2.57 28.89
N7 ADP R . -6.72 3.07 28.52
C5 ADP R . -7.45 3.22 29.64
C6 ADP R . -8.81 3.71 29.97
N6 ADP R . -9.65 4.13 29.01
N1 ADP R . -9.17 3.71 31.28
C2 ADP R . -8.34 3.29 32.24
N3 ADP R . -7.09 2.85 32.01
C4 ADP R . -6.59 2.79 30.75
PB ADP S . -31.90 -6.55 -1.68
O1B ADP S . -33.32 -6.20 -2.07
O2B ADP S . -30.84 -6.03 -2.61
O3B ADP S . -31.71 -7.99 -1.25
PA ADP S . -32.10 -6.35 1.09
O1A ADP S . -33.50 -6.91 0.98
O2A ADP S . -30.96 -7.23 1.52
O3A ADP S . -31.69 -5.72 -0.33
O5' ADP S . -32.13 -5.03 1.99
C5' ADP S . -30.95 -4.24 2.10
C4' ADP S . -31.32 -2.88 2.68
O4' ADP S . -31.51 -3.02 4.08
C3' ADP S . -30.22 -1.86 2.46
O3' ADP S . -30.67 -0.85 1.56
C2' ADP S . -29.93 -1.24 3.82
O2' ADP S . -30.21 0.15 3.77
C1' ADP S . -30.89 -1.94 4.78
N9 ADP S . -30.12 -2.47 5.94
C8 ADP S . -28.79 -2.68 5.99
N7 ADP S . -28.42 -3.17 7.20
C5 ADP S . -29.54 -3.29 7.94
C6 ADP S . -29.87 -3.74 9.31
N6 ADP S . -28.90 -4.18 10.16
N1 ADP S . -31.16 -3.70 9.69
C2 ADP S . -32.13 -3.27 8.87
N3 ADP S . -31.91 -2.84 7.62
C4 ADP S . -30.65 -2.83 7.10
C1 RP5 T . -3.17 9.50 33.05
O4 RP5 T . -4.01 8.68 33.88
C2 RP5 T . -3.77 10.89 33.05
O2 RP5 T . -2.76 11.84 33.39
C3 RP5 T . -4.86 10.88 34.10
O3 RP5 T . -4.59 11.89 35.08
C4 RP5 T . -4.78 9.51 34.75
C5 RP5 T . -6.16 8.89 34.94
O5 RP5 T . -6.93 9.74 35.79
P' RP5 T . -7.99 9.09 36.82
O1X RP5 T . -8.91 10.24 37.12
O2X RP5 T . -7.14 8.64 37.98
O3X RP5 T . -8.62 7.96 36.05
O1 RP5 T . -3.16 8.96 31.72
MG MG U . -1.05 10.79 33.83
MG MG V . -0.02 7.97 29.34
PB ADP W . 10.49 17.90 25.20
O1B ADP W . 10.53 19.01 26.21
O2B ADP W . 9.20 17.79 24.42
O3B ADP W . 11.01 16.58 25.71
PA ADP W . 13.08 17.81 24.18
O1A ADP W . 13.70 18.25 25.48
O2A ADP W . 13.06 16.36 23.77
O3A ADP W . 11.57 18.34 24.11
O5' ADP W . 13.73 18.66 22.98
C5' ADP W . 13.47 18.29 21.64
C4' ADP W . 13.86 19.44 20.71
O4' ADP W . 15.25 19.32 20.40
C3' ADP W . 13.09 19.40 19.41
O3' ADP W . 12.24 20.54 19.33
C2' ADP W . 14.12 19.44 18.30
O2' ADP W . 13.92 20.61 17.50
C1' ADP W . 15.46 19.51 19.00
N9 ADP W . 16.35 18.44 18.49
C8 ADP W . 15.97 17.37 17.78
N7 ADP W . 17.05 16.59 17.46
C5 ADP W . 18.14 17.18 17.98
C6 ADP W . 19.58 16.89 18.02
N6 ADP W . 20.10 15.79 17.42
N1 ADP W . 20.38 17.76 18.67
C2 ADP W . 19.88 18.87 19.26
N3 ADP W . 18.58 19.19 19.27
C4 ADP W . 17.67 18.40 18.65
C1 RP5 X . 30.12 4.22 -16.34
O4 RP5 X . 31.28 4.09 -15.53
C2 RP5 X . 30.16 5.60 -16.99
O2 RP5 X . 30.03 5.46 -18.41
C3 RP5 X . 31.53 6.17 -16.66
O3 RP5 X . 32.22 6.49 -17.87
C4 RP5 X . 32.26 5.06 -15.92
C5 RP5 X . 32.99 5.57 -14.69
O5 RP5 X . 33.89 6.59 -15.08
P' RP5 X . 35.33 6.72 -14.37
O1X RP5 X . 35.78 8.11 -14.75
O2X RP5 X . 36.13 5.60 -14.97
O3X RP5 X . 35.03 6.55 -12.89
O1 RP5 X . 28.96 4.13 -15.51
MG MG Y . 29.89 3.47 -18.89
MG MG Z . 25.78 1.39 -15.96
PB ADP AA . 16.73 1.63 -27.92
O1B ADP AA . 17.34 2.40 -29.06
O2B ADP AA . 16.46 2.44 -26.68
O3B ADP AA . 17.35 0.28 -27.66
PA ADP AA . 14.99 -0.14 -29.20
O1A ADP AA . 15.97 -0.30 -30.33
O2A ADP AA . 14.89 -1.17 -28.11
O3A ADP AA . 15.27 1.27 -28.47
O5' ADP AA . 13.53 0.15 -29.80
C5' ADP AA . 12.42 0.18 -28.92
C4' ADP AA . 11.27 0.90 -29.61
O4' ADP AA . 10.45 -0.05 -30.28
C3' ADP AA . 10.40 1.64 -28.62
O3' ADP AA . 10.47 3.05 -28.86
C2' ADP AA . 8.98 1.15 -28.84
O2' ADP AA . 8.15 2.25 -29.21
C1' ADP AA . 9.07 0.16 -29.99
N9 ADP AA . 8.45 -1.12 -29.60
C8 ADP AA . 8.07 -1.47 -28.36
N7 ADP AA . 7.53 -2.73 -28.36
C5 ADP AA . 7.56 -3.18 -29.62
C6 ADP AA . 7.14 -4.42 -30.32
N6 ADP AA . 6.58 -5.45 -29.64
N1 ADP AA . 7.36 -4.48 -31.65
C2 ADP AA . 7.92 -3.47 -32.33
N3 ADP AA . 8.32 -2.32 -31.76
C4 ADP AA . 8.17 -2.12 -30.43
C1 RP5 BA . -26.33 -15.76 -16.03
O4 RP5 BA . -25.97 -16.80 -16.94
C2 RP5 BA . -27.04 -14.68 -16.84
O2 RP5 BA . -28.30 -14.37 -16.22
C3 RP5 BA . -27.28 -15.28 -18.21
O3 RP5 BA . -28.68 -15.29 -18.50
C4 RP5 BA . -26.77 -16.71 -18.12
C5 RP5 BA . -25.94 -17.10 -19.33
O5 RP5 BA . -26.75 -17.02 -20.50
P' RP5 BA . -26.47 -17.99 -21.75
O1X RP5 BA . -27.06 -17.23 -22.91
O2X RP5 BA . -27.18 -19.26 -21.40
O3X RP5 BA . -24.97 -18.10 -21.79
O1 RP5 BA . -25.16 -15.22 -15.42
MG MG CA . -28.47 -15.69 -14.52
MG MG DA . -23.92 -14.81 -11.56
#